data_2RQC
#
_entry.id   2RQC
#
loop_
_entity.id
_entity.type
_entity.pdbx_description
1 polymer 'CUG-BP- and ETR-3-like factor 1'
2 polymer "5'-R(*UP*GP*UP*GP*UP*G)-3'"
#
loop_
_entity_poly.entity_id
_entity_poly.type
_entity_poly.pdbx_seq_one_letter_code
_entity_poly.pdbx_strand_id
1 'polypeptide(L)'
;GSSGSSGLTQQSIGAAGSQKEGPEGANLFIYHLPQEFGDQDLLQMFMPFGNVVSAKVFIDKQTNLSKCFGFVSYDNPVSA
QAAIQSMNGFQIGMKRLKVQLKRSKNDSKSGPSSG
;
A
2 'polyribonucleotide' UGUGUG B
#
loop_
_chem_comp.id
_chem_comp.type
_chem_comp.name
_chem_comp.formula
G RNA linking GUANOSINE-5'-MONOPHOSPHATE 'C10 H14 N5 O8 P'
U RNA linking URIDINE-5'-MONOPHOSPHATE 'C9 H13 N2 O9 P'
#
# COMPACT_ATOMS: atom_id res chain seq x y z
N GLY A 1 -6.06 9.79 -21.29
CA GLY A 1 -6.57 10.08 -19.93
C GLY A 1 -5.49 10.66 -19.03
N SER A 2 -5.89 11.37 -17.98
CA SER A 2 -5.00 12.06 -17.02
C SER A 2 -5.74 12.48 -15.74
N SER A 3 -5.02 13.00 -14.74
CA SER A 3 -5.54 13.35 -13.42
C SER A 3 -6.38 14.65 -13.39
N GLY A 4 -6.58 15.32 -14.52
CA GLY A 4 -7.46 16.48 -14.71
C GLY A 4 -6.88 17.82 -14.22
N SER A 5 -6.10 17.80 -13.14
CA SER A 5 -5.45 18.96 -12.53
C SER A 5 -4.27 18.55 -11.63
N SER A 6 -3.22 19.37 -11.59
CA SER A 6 -2.08 19.18 -10.66
C SER A 6 -2.38 19.68 -9.23
N GLY A 7 -3.50 20.37 -9.01
CA GLY A 7 -3.97 20.86 -7.71
C GLY A 7 -4.93 19.90 -6.99
N LEU A 8 -5.28 18.76 -7.61
CA LEU A 8 -6.24 17.78 -7.08
C LEU A 8 -5.63 16.91 -5.97
N THR A 9 -6.44 16.51 -4.99
CA THR A 9 -6.11 15.62 -3.85
C THR A 9 -6.19 14.13 -4.20
N GLN A 10 -6.21 13.80 -5.50
CA GLN A 10 -6.45 12.48 -6.09
C GLN A 10 -5.65 12.38 -7.41
N GLN A 11 -5.65 11.22 -8.06
CA GLN A 11 -4.82 10.94 -9.23
C GLN A 11 -5.49 9.95 -10.21
N SER A 12 -4.87 9.77 -11.38
CA SER A 12 -5.20 8.72 -12.35
C SER A 12 -5.10 7.31 -11.73
N ILE A 13 -6.02 6.41 -12.11
CA ILE A 13 -6.03 5.00 -11.69
C ILE A 13 -5.03 4.19 -12.54
N GLY A 14 -3.74 4.47 -12.36
CA GLY A 14 -2.62 3.73 -12.97
C GLY A 14 -1.91 2.77 -12.01
N ALA A 15 -2.45 2.61 -10.79
CA ALA A 15 -1.81 1.91 -9.68
C ALA A 15 -2.59 0.69 -9.16
N ALA A 16 -3.88 0.56 -9.48
CA ALA A 16 -4.74 -0.56 -9.06
C ALA A 16 -4.73 -1.70 -10.10
N GLY A 17 -4.63 -2.93 -9.62
CA GLY A 17 -4.40 -4.14 -10.44
C GLY A 17 -2.92 -4.40 -10.72
N SER A 18 -2.04 -3.50 -10.28
CA SER A 18 -0.57 -3.68 -10.34
C SER A 18 -0.04 -4.44 -9.09
N GLN A 19 1.28 -4.51 -8.95
CA GLN A 19 1.99 -5.20 -7.88
C GLN A 19 3.42 -4.68 -7.65
N LYS A 20 3.81 -3.57 -8.31
CA LYS A 20 5.16 -3.01 -8.23
C LYS A 20 5.50 -2.53 -6.81
N GLU A 21 6.63 -2.99 -6.27
CA GLU A 21 7.10 -2.62 -4.93
C GLU A 21 7.82 -1.27 -4.99
N GLY A 22 7.44 -0.33 -4.12
CA GLY A 22 8.02 1.03 -4.07
C GLY A 22 9.45 1.07 -3.53
N PRO A 23 10.17 2.20 -3.71
CA PRO A 23 11.56 2.35 -3.28
C PRO A 23 11.71 2.36 -1.75
N GLU A 24 12.96 2.39 -1.26
CA GLU A 24 13.31 2.28 0.16
C GLU A 24 12.58 3.35 1.01
N GLY A 25 11.80 2.89 1.99
CA GLY A 25 10.99 3.73 2.90
C GLY A 25 9.67 4.22 2.31
N ALA A 26 9.37 3.91 1.03
CA ALA A 26 8.17 4.34 0.31
C ALA A 26 7.13 3.22 0.09
N ASN A 27 7.44 2.00 0.51
CA ASN A 27 6.54 0.84 0.45
C ASN A 27 5.87 0.58 1.83
N LEU A 28 4.56 0.34 1.81
CA LEU A 28 3.71 0.17 3.01
C LEU A 28 3.04 -1.19 3.05
N PHE A 29 2.79 -1.65 4.27
CA PHE A 29 1.98 -2.81 4.64
C PHE A 29 0.81 -2.35 5.52
N ILE A 30 -0.40 -2.75 5.15
CA ILE A 30 -1.68 -2.45 5.79
C ILE A 30 -2.31 -3.77 6.22
N TYR A 31 -2.90 -3.84 7.42
CA TYR A 31 -3.54 -5.03 7.99
C TYR A 31 -4.84 -4.68 8.72
N HIS A 32 -5.79 -5.62 8.76
CA HIS A 32 -7.16 -5.55 9.31
C HIS A 32 -8.21 -4.96 8.34
N LEU A 33 -7.96 -5.02 7.02
CA LEU A 33 -8.89 -4.55 5.97
C LEU A 33 -10.19 -5.38 5.90
N PRO A 34 -11.27 -4.84 5.29
CA PRO A 34 -12.47 -5.61 4.94
C PRO A 34 -12.14 -6.72 3.92
N GLN A 35 -12.95 -7.79 3.87
CA GLN A 35 -12.72 -8.91 2.94
C GLN A 35 -13.24 -8.64 1.51
N GLU A 36 -14.05 -7.59 1.33
CA GLU A 36 -14.53 -7.10 0.04
C GLU A 36 -13.74 -5.87 -0.49
N PHE A 37 -12.69 -5.44 0.21
CA PHE A 37 -11.85 -4.29 -0.17
C PHE A 37 -10.96 -4.65 -1.39
N GLY A 38 -10.99 -3.81 -2.42
CA GLY A 38 -10.22 -4.00 -3.67
C GLY A 38 -9.02 -3.05 -3.80
N ASP A 39 -8.23 -3.25 -4.85
CA ASP A 39 -7.01 -2.48 -5.15
C ASP A 39 -7.29 -0.99 -5.38
N GLN A 40 -8.46 -0.66 -5.96
CA GLN A 40 -8.91 0.72 -6.19
C GLN A 40 -9.44 1.37 -4.90
N ASP A 41 -10.03 0.58 -3.98
CA ASP A 41 -10.47 1.10 -2.68
C ASP A 41 -9.28 1.51 -1.81
N LEU A 42 -8.23 0.67 -1.78
CA LEU A 42 -6.98 0.97 -1.06
C LEU A 42 -6.24 2.16 -1.68
N LEU A 43 -6.29 2.31 -3.02
CA LEU A 43 -5.76 3.49 -3.70
C LEU A 43 -6.50 4.77 -3.30
N GLN A 44 -7.84 4.79 -3.41
CA GLN A 44 -8.63 5.98 -3.09
C GLN A 44 -8.60 6.33 -1.59
N MET A 45 -8.35 5.33 -0.73
CA MET A 45 -8.12 5.51 0.71
C MET A 45 -6.78 6.22 1.02
N PHE A 46 -5.73 5.93 0.25
CA PHE A 46 -4.36 6.44 0.45
C PHE A 46 -3.97 7.62 -0.46
N MET A 47 -4.77 7.94 -1.47
CA MET A 47 -4.63 9.11 -2.37
C MET A 47 -4.27 10.46 -1.69
N PRO A 48 -4.90 10.85 -0.55
CA PRO A 48 -4.67 12.16 0.07
C PRO A 48 -3.25 12.44 0.55
N PHE A 49 -2.39 11.41 0.70
CA PHE A 49 -1.08 11.53 1.36
C PHE A 49 0.10 11.66 0.38
N GLY A 50 -0.15 11.60 -0.94
CA GLY A 50 0.87 11.75 -2.00
C GLY A 50 0.60 10.90 -3.24
N ASN A 51 1.55 10.93 -4.18
CA ASN A 51 1.46 10.22 -5.46
C ASN A 51 1.84 8.72 -5.33
N VAL A 52 0.93 7.85 -5.75
CA VAL A 52 1.00 6.39 -5.58
C VAL A 52 1.34 5.72 -6.91
N VAL A 53 2.35 4.85 -6.88
CA VAL A 53 2.91 4.09 -8.00
C VAL A 53 2.15 2.77 -8.21
N SER A 54 1.69 2.14 -7.13
CA SER A 54 1.03 0.82 -7.13
C SER A 54 0.32 0.57 -5.79
N ALA A 55 -0.92 0.10 -5.81
CA ALA A 55 -1.72 -0.17 -4.62
C ALA A 55 -2.49 -1.49 -4.80
N LYS A 56 -2.45 -2.35 -3.78
CA LYS A 56 -2.95 -3.72 -3.88
C LYS A 56 -3.45 -4.29 -2.54
N VAL A 57 -4.64 -4.86 -2.54
CA VAL A 57 -5.15 -5.68 -1.43
C VAL A 57 -4.86 -7.14 -1.81
N PHE A 58 -4.34 -7.95 -0.88
CA PHE A 58 -4.00 -9.34 -1.18
C PHE A 58 -5.27 -10.20 -1.24
N ILE A 59 -5.60 -10.67 -2.44
CA ILE A 59 -6.83 -11.42 -2.75
C ILE A 59 -6.51 -12.91 -2.92
N ASP A 60 -7.31 -13.78 -2.31
CA ASP A 60 -7.21 -15.24 -2.45
C ASP A 60 -7.55 -15.67 -3.89
N LYS A 61 -6.60 -16.31 -4.57
CA LYS A 61 -6.78 -16.80 -5.95
C LYS A 61 -7.85 -17.90 -6.11
N GLN A 62 -8.35 -18.48 -5.01
CA GLN A 62 -9.33 -19.57 -5.01
C GLN A 62 -10.79 -19.06 -4.91
N THR A 63 -11.02 -17.91 -4.27
CA THR A 63 -12.36 -17.39 -3.91
C THR A 63 -12.59 -15.93 -4.26
N ASN A 64 -11.54 -15.18 -4.63
CA ASN A 64 -11.55 -13.75 -4.96
C ASN A 64 -11.93 -12.84 -3.77
N LEU A 65 -11.70 -13.30 -2.54
CA LEU A 65 -11.88 -12.54 -1.29
C LEU A 65 -10.54 -12.03 -0.74
N SER A 66 -10.53 -10.87 -0.08
CA SER A 66 -9.34 -10.33 0.59
C SER A 66 -8.97 -11.14 1.86
N LYS A 67 -7.66 -11.29 2.08
CA LYS A 67 -7.06 -11.89 3.28
C LYS A 67 -6.88 -10.89 4.45
N CYS A 68 -7.51 -9.70 4.36
CA CYS A 68 -7.47 -8.60 5.34
C CYS A 68 -6.13 -7.84 5.39
N PHE A 69 -5.22 -8.03 4.43
CA PHE A 69 -3.94 -7.31 4.34
C PHE A 69 -3.68 -6.79 2.93
N GLY A 70 -2.96 -5.67 2.84
CA GLY A 70 -2.69 -4.94 1.60
C GLY A 70 -1.41 -4.11 1.65
N PHE A 71 -1.14 -3.39 0.56
CA PHE A 71 0.11 -2.70 0.27
C PHE A 71 -0.09 -1.43 -0.56
N VAL A 72 0.78 -0.45 -0.37
CA VAL A 72 0.79 0.83 -1.12
C VAL A 72 2.23 1.28 -1.36
N SER A 73 2.55 1.58 -2.61
CA SER A 73 3.86 2.07 -3.06
C SER A 73 3.78 3.55 -3.46
N TYR A 74 4.40 4.43 -2.69
CA TYR A 74 4.58 5.84 -3.06
C TYR A 74 5.85 6.03 -3.91
N ASP A 75 5.95 7.17 -4.59
CA ASP A 75 7.15 7.56 -5.34
C ASP A 75 8.27 8.13 -4.42
N ASN A 76 7.98 8.36 -3.14
CA ASN A 76 8.91 8.92 -2.15
C ASN A 76 8.55 8.47 -0.71
N PRO A 77 9.51 8.51 0.24
CA PRO A 77 9.30 7.98 1.59
C PRO A 77 8.53 8.94 2.52
N VAL A 78 8.47 10.24 2.24
CA VAL A 78 7.75 11.22 3.09
C VAL A 78 6.24 11.04 2.94
N SER A 79 5.74 10.74 1.74
CA SER A 79 4.31 10.46 1.51
C SER A 79 3.87 9.14 2.18
N ALA A 80 4.74 8.11 2.16
CA ALA A 80 4.52 6.85 2.86
C ALA A 80 4.50 7.03 4.39
N GLN A 81 5.48 7.73 4.96
CA GLN A 81 5.52 8.09 6.38
C GLN A 81 4.28 8.89 6.81
N ALA A 82 3.87 9.90 6.03
CA ALA A 82 2.65 10.66 6.27
C ALA A 82 1.38 9.79 6.25
N ALA A 83 1.33 8.76 5.41
CA ALA A 83 0.24 7.80 5.39
C ALA A 83 0.25 6.84 6.60
N ILE A 84 1.41 6.42 7.11
CA ILE A 84 1.52 5.69 8.39
C ILE A 84 0.95 6.54 9.53
N GLN A 85 1.38 7.80 9.58
CA GLN A 85 0.96 8.77 10.60
C GLN A 85 -0.54 9.11 10.53
N SER A 86 -1.18 8.96 9.37
CA SER A 86 -2.59 9.26 9.17
C SER A 86 -3.53 8.04 9.24
N MET A 87 -3.04 6.83 8.92
CA MET A 87 -3.86 5.62 8.75
C MET A 87 -3.64 4.52 9.78
N ASN A 88 -2.54 4.54 10.54
CA ASN A 88 -2.35 3.60 11.64
C ASN A 88 -3.33 3.92 12.79
N GLY A 89 -4.28 3.02 13.04
CA GLY A 89 -5.39 3.18 13.98
C GLY A 89 -6.71 3.64 13.35
N PHE A 90 -6.80 3.77 12.02
CA PHE A 90 -8.02 4.18 11.31
C PHE A 90 -9.14 3.15 11.51
N GLN A 91 -10.30 3.56 12.03
CA GLN A 91 -11.42 2.66 12.28
C GLN A 91 -12.28 2.50 11.02
N ILE A 92 -12.56 1.26 10.63
CA ILE A 92 -13.35 0.89 9.44
C ILE A 92 -14.23 -0.32 9.73
N GLY A 93 -15.53 -0.24 9.41
CA GLY A 93 -16.53 -1.28 9.69
C GLY A 93 -16.85 -1.40 11.19
N MET A 94 -15.96 -2.07 11.93
CA MET A 94 -16.03 -2.34 13.38
C MET A 94 -14.64 -2.67 13.98
N LYS A 95 -13.56 -2.27 13.29
CA LYS A 95 -12.17 -2.65 13.60
C LYS A 95 -11.16 -1.56 13.17
N ARG A 96 -9.95 -1.55 13.74
CA ARG A 96 -8.89 -0.56 13.46
C ARG A 96 -7.78 -1.14 12.58
N LEU A 97 -7.37 -0.39 11.56
CA LEU A 97 -6.27 -0.71 10.66
C LEU A 97 -4.91 -0.56 11.35
N LYS A 98 -4.00 -1.49 11.05
CA LYS A 98 -2.59 -1.42 11.43
C LYS A 98 -1.75 -1.12 10.17
N VAL A 99 -0.84 -0.14 10.23
CA VAL A 99 -0.10 0.37 9.05
C VAL A 99 1.35 0.67 9.42
N GLN A 100 2.29 0.29 8.55
CA GLN A 100 3.73 0.39 8.74
C GLN A 100 4.48 0.26 7.40
N LEU A 101 5.81 0.39 7.41
CA LEU A 101 6.66 0.06 6.25
C LEU A 101 6.61 -1.45 5.97
N LYS A 102 6.69 -1.85 4.70
CA LYS A 102 6.64 -3.26 4.29
C LYS A 102 7.92 -4.04 4.65
N ARG A 103 7.77 -5.34 4.91
CA ARG A 103 8.87 -6.31 5.12
C ARG A 103 9.56 -6.65 3.79
N SER A 104 10.87 -6.88 3.84
CA SER A 104 11.74 -7.19 2.70
C SER A 104 13.13 -7.66 3.19
N LYS A 105 13.84 -8.45 2.37
CA LYS A 105 15.21 -8.90 2.69
C LYS A 105 16.23 -7.74 2.69
N ASN A 106 17.04 -7.67 3.75
CA ASN A 106 18.08 -6.63 3.95
C ASN A 106 19.17 -7.13 4.92
N ASP A 107 19.44 -8.44 4.91
CA ASP A 107 20.27 -9.15 5.89
C ASP A 107 20.72 -10.54 5.38
N SER A 108 21.63 -11.18 6.11
CA SER A 108 22.16 -12.52 5.83
C SER A 108 22.47 -13.28 7.13
N LYS A 109 22.67 -14.61 7.01
CA LYS A 109 22.88 -15.55 8.14
C LYS A 109 23.86 -16.68 7.77
N SER A 110 24.48 -17.29 8.78
CA SER A 110 25.46 -18.40 8.61
C SER A 110 24.82 -19.67 8.02
N GLY A 111 25.59 -20.42 7.22
CA GLY A 111 25.16 -21.66 6.56
C GLY A 111 25.11 -22.85 7.53
N PRO A 112 26.26 -23.42 7.94
CA PRO A 112 26.31 -24.55 8.87
C PRO A 112 26.00 -24.10 10.30
N SER A 113 25.23 -24.91 11.02
CA SER A 113 24.79 -24.65 12.41
C SER A 113 25.56 -25.48 13.46
N SER A 114 26.47 -26.36 13.04
CA SER A 114 27.17 -27.35 13.87
C SER A 114 28.70 -27.17 13.95
N GLY A 115 29.26 -26.15 13.25
CA GLY A 115 30.69 -25.84 13.21
C GLY A 115 31.03 -24.66 12.31
N GLY A 1 -10.27 -6.62 -31.52
CA GLY A 1 -9.43 -5.79 -30.61
C GLY A 1 -10.04 -5.70 -29.22
N SER A 2 -9.21 -5.50 -28.20
CA SER A 2 -9.63 -5.44 -26.78
C SER A 2 -10.01 -4.03 -26.28
N SER A 3 -9.78 -2.98 -27.07
CA SER A 3 -10.05 -1.58 -26.73
C SER A 3 -10.06 -0.69 -27.99
N GLY A 4 -10.77 0.44 -27.92
CA GLY A 4 -10.78 1.51 -28.93
C GLY A 4 -9.68 2.57 -28.70
N SER A 5 -8.84 2.41 -27.69
CA SER A 5 -7.82 3.38 -27.24
C SER A 5 -6.49 2.71 -26.88
N SER A 6 -5.40 3.49 -26.78
CA SER A 6 -4.04 3.02 -26.49
C SER A 6 -3.16 4.15 -25.93
N GLY A 7 -1.96 3.82 -25.44
CA GLY A 7 -1.04 4.72 -24.73
C GLY A 7 -1.30 4.78 -23.22
N LEU A 8 -0.50 5.60 -22.52
CA LEU A 8 -0.53 5.75 -21.06
C LEU A 8 0.07 7.11 -20.63
N THR A 9 -0.51 7.71 -19.59
CA THR A 9 -0.20 9.08 -19.08
C THR A 9 0.35 9.10 -17.66
N GLN A 10 0.68 7.94 -17.09
CA GLN A 10 1.04 7.73 -15.68
C GLN A 10 2.14 6.66 -15.55
N GLN A 11 2.72 6.53 -14.35
CA GLN A 11 3.75 5.54 -14.00
C GLN A 11 3.26 4.08 -13.98
N SER A 12 1.95 3.85 -14.12
CA SER A 12 1.28 2.54 -14.09
C SER A 12 -0.15 2.66 -14.63
N ILE A 13 -0.81 1.53 -14.96
CA ILE A 13 -2.17 1.51 -15.50
C ILE A 13 -3.17 1.64 -14.34
N GLY A 14 -3.29 2.85 -13.79
CA GLY A 14 -4.23 3.22 -12.72
C GLY A 14 -3.85 2.69 -11.33
N ALA A 15 -2.61 2.21 -11.14
CA ALA A 15 -2.01 1.71 -9.88
C ALA A 15 -2.62 0.42 -9.28
N ALA A 16 -3.91 0.15 -9.51
CA ALA A 16 -4.68 -0.91 -8.86
C ALA A 16 -4.43 -2.31 -9.44
N GLY A 17 -4.13 -3.25 -8.54
CA GLY A 17 -3.79 -4.65 -8.85
C GLY A 17 -2.33 -4.84 -9.26
N SER A 18 -1.58 -3.74 -9.40
CA SER A 18 -0.16 -3.75 -9.78
C SER A 18 0.76 -4.10 -8.59
N GLN A 19 1.94 -4.61 -8.90
CA GLN A 19 2.97 -4.99 -7.93
C GLN A 19 4.32 -4.33 -8.27
N LYS A 20 4.30 -3.18 -8.97
CA LYS A 20 5.46 -2.32 -9.18
C LYS A 20 5.87 -1.62 -7.87
N GLU A 21 6.63 -2.33 -7.04
CA GLU A 21 7.09 -1.87 -5.73
C GLU A 21 7.98 -0.63 -5.88
N GLY A 22 7.77 0.37 -5.01
CA GLY A 22 8.44 1.69 -5.03
C GLY A 22 9.85 1.70 -4.39
N PRO A 23 10.45 2.89 -4.20
CA PRO A 23 11.80 3.05 -3.65
C PRO A 23 11.86 2.77 -2.14
N GLU A 24 13.07 2.75 -1.59
CA GLU A 24 13.34 2.47 -0.17
C GLU A 24 12.59 3.44 0.75
N GLY A 25 11.83 2.88 1.71
CA GLY A 25 11.03 3.63 2.69
C GLY A 25 9.67 4.13 2.16
N ALA A 26 9.37 3.93 0.87
CA ALA A 26 8.12 4.38 0.23
C ALA A 26 7.02 3.30 0.17
N ASN A 27 7.30 2.09 0.69
CA ASN A 27 6.42 0.93 0.56
C ASN A 27 5.75 0.56 1.90
N LEU A 28 4.43 0.72 1.96
CA LEU A 28 3.60 0.39 3.12
C LEU A 28 2.95 -0.99 2.99
N PHE A 29 2.77 -1.62 4.15
CA PHE A 29 1.98 -2.81 4.38
C PHE A 29 0.84 -2.44 5.35
N ILE A 30 -0.39 -2.76 4.95
CA ILE A 30 -1.65 -2.46 5.65
C ILE A 30 -2.28 -3.80 6.05
N TYR A 31 -2.74 -3.91 7.30
CA TYR A 31 -3.40 -5.09 7.85
C TYR A 31 -4.75 -4.72 8.50
N HIS A 32 -5.66 -5.70 8.63
CA HIS A 32 -7.04 -5.58 9.14
C HIS A 32 -8.02 -4.88 8.15
N LEU A 33 -7.78 -4.96 6.83
CA LEU A 33 -8.71 -4.47 5.81
C LEU A 33 -10.08 -5.20 5.88
N PRO A 34 -11.18 -4.58 5.40
CA PRO A 34 -12.45 -5.28 5.15
C PRO A 34 -12.26 -6.39 4.12
N GLN A 35 -13.04 -7.48 4.22
CA GLN A 35 -12.95 -8.61 3.29
C GLN A 35 -13.48 -8.26 1.87
N GLU A 36 -14.28 -7.20 1.75
CA GLU A 36 -14.84 -6.68 0.49
C GLU A 36 -14.01 -5.54 -0.15
N PHE A 37 -12.90 -5.13 0.48
CA PHE A 37 -12.08 -3.99 0.06
C PHE A 37 -11.29 -4.32 -1.23
N GLY A 38 -11.43 -3.48 -2.26
CA GLY A 38 -10.73 -3.62 -3.54
C GLY A 38 -9.43 -2.81 -3.62
N ASP A 39 -8.67 -3.05 -4.69
CA ASP A 39 -7.40 -2.36 -4.96
C ASP A 39 -7.59 -0.84 -5.19
N GLN A 40 -8.72 -0.47 -5.79
CA GLN A 40 -9.13 0.92 -6.01
C GLN A 40 -9.67 1.58 -4.73
N ASP A 41 -10.18 0.81 -3.76
CA ASP A 41 -10.57 1.34 -2.45
C ASP A 41 -9.32 1.66 -1.61
N LEU A 42 -8.30 0.79 -1.67
CA LEU A 42 -7.00 1.03 -1.06
C LEU A 42 -6.29 2.24 -1.69
N LEU A 43 -6.42 2.42 -3.01
CA LEU A 43 -5.90 3.61 -3.69
C LEU A 43 -6.59 4.88 -3.21
N GLN A 44 -7.93 4.94 -3.23
CA GLN A 44 -8.66 6.14 -2.82
C GLN A 44 -8.54 6.45 -1.32
N MET A 45 -8.18 5.45 -0.50
CA MET A 45 -7.88 5.63 0.92
C MET A 45 -6.51 6.31 1.14
N PHE A 46 -5.50 5.97 0.34
CA PHE A 46 -4.10 6.37 0.54
C PHE A 46 -3.59 7.48 -0.39
N MET A 47 -4.25 7.74 -1.54
CA MET A 47 -3.97 8.90 -2.43
C MET A 47 -3.89 10.27 -1.73
N PRO A 48 -4.74 10.59 -0.72
CA PRO A 48 -4.69 11.85 0.02
C PRO A 48 -3.34 12.20 0.69
N PHE A 49 -2.41 11.24 0.79
CA PHE A 49 -1.09 11.43 1.44
C PHE A 49 0.07 11.54 0.45
N GLY A 50 -0.18 11.43 -0.86
CA GLY A 50 0.83 11.57 -1.93
C GLY A 50 0.60 10.68 -3.16
N ASN A 51 1.46 10.83 -4.17
CA ASN A 51 1.36 10.07 -5.43
C ASN A 51 1.71 8.58 -5.22
N VAL A 52 0.82 7.68 -5.67
CA VAL A 52 0.90 6.23 -5.50
C VAL A 52 1.31 5.58 -6.83
N VAL A 53 2.41 4.83 -6.81
CA VAL A 53 2.97 4.08 -7.94
C VAL A 53 2.22 2.76 -8.16
N SER A 54 1.76 2.11 -7.09
CA SER A 54 0.96 0.89 -7.13
C SER A 54 0.20 0.64 -5.80
N ALA A 55 -0.98 0.03 -5.89
CA ALA A 55 -1.84 -0.32 -4.76
C ALA A 55 -2.35 -1.76 -4.95
N LYS A 56 -2.23 -2.59 -3.91
CA LYS A 56 -2.43 -4.04 -4.02
C LYS A 56 -3.03 -4.65 -2.74
N VAL A 57 -4.30 -5.04 -2.77
CA VAL A 57 -4.92 -5.87 -1.73
C VAL A 57 -4.57 -7.32 -2.09
N PHE A 58 -4.08 -8.10 -1.12
CA PHE A 58 -3.63 -9.47 -1.38
C PHE A 58 -4.83 -10.41 -1.54
N ILE A 59 -5.01 -10.95 -2.75
CA ILE A 59 -6.09 -11.87 -3.12
C ILE A 59 -5.49 -13.25 -3.40
N ASP A 60 -5.95 -14.28 -2.70
CA ASP A 60 -5.53 -15.65 -2.93
C ASP A 60 -6.01 -16.15 -4.31
N LYS A 61 -5.08 -16.63 -5.15
CA LYS A 61 -5.37 -17.06 -6.53
C LYS A 61 -5.98 -18.48 -6.66
N GLN A 62 -6.27 -19.16 -5.54
CA GLN A 62 -6.91 -20.49 -5.51
C GLN A 62 -8.43 -20.37 -5.29
N THR A 63 -8.88 -19.31 -4.60
CA THR A 63 -10.27 -19.08 -4.16
C THR A 63 -10.82 -17.71 -4.57
N ASN A 64 -9.96 -16.79 -5.00
CA ASN A 64 -10.26 -15.39 -5.36
C ASN A 64 -10.70 -14.53 -4.16
N LEU A 65 -10.33 -14.92 -2.93
CA LEU A 65 -10.71 -14.24 -1.67
C LEU A 65 -9.60 -13.30 -1.17
N SER A 66 -9.99 -12.18 -0.57
CA SER A 66 -9.08 -11.27 0.13
C SER A 66 -8.61 -11.89 1.46
N LYS A 67 -7.31 -11.72 1.76
CA LYS A 67 -6.71 -12.12 3.04
C LYS A 67 -6.67 -10.97 4.09
N CYS A 68 -7.38 -9.86 3.82
CA CYS A 68 -7.52 -8.70 4.73
C CYS A 68 -6.20 -7.93 5.00
N PHE A 69 -5.21 -8.08 4.10
CA PHE A 69 -3.95 -7.34 4.11
C PHE A 69 -3.59 -6.88 2.69
N GLY A 70 -2.81 -5.80 2.60
CA GLY A 70 -2.41 -5.18 1.32
C GLY A 70 -1.20 -4.27 1.43
N PHE A 71 -0.89 -3.60 0.33
CA PHE A 71 0.32 -2.81 0.13
C PHE A 71 0.04 -1.53 -0.67
N VAL A 72 0.84 -0.49 -0.40
CA VAL A 72 0.80 0.79 -1.14
C VAL A 72 2.22 1.30 -1.35
N SER A 73 2.60 1.52 -2.60
CA SER A 73 3.91 2.06 -2.99
C SER A 73 3.79 3.53 -3.41
N TYR A 74 4.41 4.43 -2.65
CA TYR A 74 4.49 5.86 -3.00
C TYR A 74 5.67 6.18 -3.93
N ASP A 75 5.64 7.36 -4.55
CA ASP A 75 6.74 7.89 -5.36
C ASP A 75 7.94 8.38 -4.51
N ASN A 76 7.76 8.53 -3.19
CA ASN A 76 8.79 8.96 -2.23
C ASN A 76 8.46 8.51 -0.78
N PRO A 77 9.44 8.49 0.15
CA PRO A 77 9.25 7.96 1.49
C PRO A 77 8.57 8.92 2.48
N VAL A 78 8.51 10.23 2.21
CA VAL A 78 7.84 11.21 3.10
C VAL A 78 6.32 11.04 3.01
N SER A 79 5.78 10.77 1.80
CA SER A 79 4.37 10.43 1.60
C SER A 79 3.96 9.17 2.37
N ALA A 80 4.80 8.12 2.33
CA ALA A 80 4.59 6.88 3.07
C ALA A 80 4.62 7.09 4.60
N GLN A 81 5.64 7.78 5.11
CA GLN A 81 5.75 8.15 6.53
C GLN A 81 4.55 8.97 7.03
N ALA A 82 4.10 9.96 6.27
CA ALA A 82 2.90 10.75 6.58
C ALA A 82 1.62 9.90 6.59
N ALA A 83 1.53 8.90 5.71
CA ALA A 83 0.40 7.97 5.67
C ALA A 83 0.38 6.99 6.84
N ILE A 84 1.54 6.51 7.33
CA ILE A 84 1.61 5.71 8.58
C ILE A 84 1.05 6.53 9.75
N GLN A 85 1.50 7.77 9.86
CA GLN A 85 1.10 8.71 10.91
C GLN A 85 -0.39 9.12 10.82
N SER A 86 -1.03 8.97 9.66
CA SER A 86 -2.44 9.29 9.45
C SER A 86 -3.40 8.09 9.49
N MET A 87 -2.91 6.86 9.20
CA MET A 87 -3.75 5.68 8.99
C MET A 87 -3.52 4.52 9.96
N ASN A 88 -2.41 4.49 10.72
CA ASN A 88 -2.21 3.47 11.74
C ASN A 88 -3.19 3.67 12.91
N GLY A 89 -4.11 2.72 13.10
CA GLY A 89 -5.22 2.78 14.07
C GLY A 89 -6.53 3.33 13.50
N PHE A 90 -6.63 3.61 12.19
CA PHE A 90 -7.83 4.14 11.54
C PHE A 90 -9.02 3.18 11.71
N GLN A 91 -10.13 3.66 12.28
CA GLN A 91 -11.31 2.84 12.59
C GLN A 91 -12.14 2.58 11.32
N ILE A 92 -12.44 1.31 11.04
CA ILE A 92 -13.15 0.86 9.84
C ILE A 92 -13.99 -0.38 10.16
N GLY A 93 -15.27 -0.38 9.74
CA GLY A 93 -16.22 -1.44 10.12
C GLY A 93 -16.40 -1.52 11.63
N MET A 94 -16.11 -2.68 12.22
CA MET A 94 -16.11 -2.95 13.66
C MET A 94 -14.69 -3.07 14.25
N LYS A 95 -13.67 -2.62 13.52
CA LYS A 95 -12.24 -2.83 13.82
C LYS A 95 -11.35 -1.61 13.49
N ARG A 96 -10.02 -1.77 13.49
CA ARG A 96 -9.03 -0.73 13.18
C ARG A 96 -7.92 -1.27 12.27
N LEU A 97 -7.49 -0.46 11.28
CA LEU A 97 -6.34 -0.73 10.43
C LEU A 97 -5.02 -0.66 11.22
N LYS A 98 -4.03 -1.42 10.78
CA LYS A 98 -2.64 -1.35 11.26
C LYS A 98 -1.72 -1.10 10.05
N VAL A 99 -0.82 -0.13 10.12
CA VAL A 99 -0.03 0.36 8.96
C VAL A 99 1.41 0.62 9.37
N GLN A 100 2.35 0.22 8.50
CA GLN A 100 3.80 0.22 8.75
C GLN A 100 4.58 0.05 7.44
N LEU A 101 5.90 0.25 7.46
CA LEU A 101 6.79 -0.08 6.35
C LEU A 101 6.85 -1.61 6.18
N LYS A 102 6.85 -2.09 4.93
CA LYS A 102 6.73 -3.53 4.62
C LYS A 102 8.02 -4.36 4.84
N ARG A 103 7.86 -5.69 4.84
CA ARG A 103 8.94 -6.69 4.91
C ARG A 103 9.59 -6.97 3.54
N SER A 104 10.76 -7.60 3.57
CA SER A 104 11.42 -8.16 2.38
C SER A 104 10.82 -9.55 2.06
N LYS A 105 10.54 -9.83 0.78
CA LYS A 105 9.77 -11.01 0.35
C LYS A 105 10.59 -12.32 0.21
N ASN A 106 11.56 -12.53 1.10
CA ASN A 106 12.44 -13.69 1.14
C ASN A 106 12.93 -14.04 2.57
N ASP A 107 13.53 -15.22 2.73
CA ASP A 107 13.97 -15.82 3.99
C ASP A 107 15.51 -15.99 4.09
N SER A 108 16.28 -15.35 3.20
CA SER A 108 17.73 -15.51 3.10
C SER A 108 18.47 -14.94 4.33
N LYS A 109 19.14 -15.81 5.10
CA LYS A 109 19.76 -15.45 6.39
C LYS A 109 21.11 -14.71 6.26
N SER A 110 21.81 -14.86 5.13
CA SER A 110 23.15 -14.30 4.85
C SER A 110 24.23 -14.88 5.81
N GLY A 111 25.38 -14.20 5.95
CA GLY A 111 26.51 -14.61 6.78
C GLY A 111 27.64 -15.31 5.99
N PRO A 112 28.51 -16.09 6.67
CA PRO A 112 29.66 -16.77 6.06
C PRO A 112 29.28 -17.69 4.89
N SER A 113 30.16 -17.77 3.89
CA SER A 113 29.91 -18.50 2.63
C SER A 113 31.18 -19.11 1.99
N SER A 114 32.30 -19.16 2.74
CA SER A 114 33.57 -19.83 2.37
C SER A 114 34.37 -19.15 1.22
N GLY A 115 33.93 -17.98 0.74
CA GLY A 115 34.60 -17.19 -0.31
C GLY A 115 33.90 -15.88 -0.62
N GLY A 1 8.19 4.45 -19.87
CA GLY A 1 7.11 4.65 -18.86
C GLY A 1 5.98 3.66 -19.05
N SER A 2 5.18 3.43 -18.01
CA SER A 2 4.10 2.41 -17.99
C SER A 2 3.09 2.66 -16.85
N SER A 3 2.00 1.89 -16.82
CA SER A 3 0.88 2.01 -15.87
C SER A 3 1.31 2.15 -14.40
N GLY A 4 0.72 3.12 -13.68
CA GLY A 4 1.06 3.45 -12.29
C GLY A 4 2.10 4.57 -12.16
N SER A 5 2.73 5.00 -13.27
CA SER A 5 3.61 6.17 -13.30
C SER A 5 3.43 7.00 -14.59
N SER A 6 3.47 6.34 -15.76
CA SER A 6 3.12 6.91 -17.08
C SER A 6 3.96 8.13 -17.54
N GLY A 7 5.06 8.41 -16.84
CA GLY A 7 5.88 9.63 -16.96
C GLY A 7 6.60 9.99 -15.66
N LEU A 8 7.01 11.26 -15.53
CA LEU A 8 7.82 11.75 -14.39
C LEU A 8 7.05 12.60 -13.37
N THR A 9 5.77 12.91 -13.65
CA THR A 9 4.90 13.79 -12.86
C THR A 9 3.43 13.37 -12.97
N GLN A 10 2.66 13.65 -11.91
CA GLN A 10 1.22 13.40 -11.74
C GLN A 10 0.88 11.90 -11.54
N GLN A 11 -0.17 11.61 -10.76
CA GLN A 11 -0.69 10.26 -10.54
C GLN A 11 -1.73 9.90 -11.61
N SER A 12 -1.62 8.69 -12.17
CA SER A 12 -2.56 8.13 -13.15
C SER A 12 -3.12 6.78 -12.66
N ILE A 13 -4.37 6.45 -13.01
CA ILE A 13 -5.10 5.29 -12.45
C ILE A 13 -4.77 3.99 -13.20
N GLY A 14 -3.48 3.62 -13.17
CA GLY A 14 -2.92 2.33 -13.58
C GLY A 14 -2.29 1.56 -12.41
N ALA A 15 -2.68 1.94 -11.18
CA ALA A 15 -2.08 1.53 -9.92
C ALA A 15 -2.74 0.28 -9.28
N ALA A 16 -3.94 -0.10 -9.70
CA ALA A 16 -4.76 -1.12 -9.03
C ALA A 16 -4.40 -2.56 -9.44
N GLY A 17 -4.00 -3.35 -8.43
CA GLY A 17 -3.49 -4.72 -8.58
C GLY A 17 -2.02 -4.77 -9.01
N SER A 18 -1.39 -3.60 -9.21
CA SER A 18 -0.01 -3.47 -9.66
C SER A 18 0.99 -3.55 -8.48
N GLN A 19 2.24 -3.88 -8.78
CA GLN A 19 3.32 -4.02 -7.79
C GLN A 19 4.58 -3.28 -8.25
N LYS A 20 4.39 -2.08 -8.79
CA LYS A 20 5.46 -1.14 -9.09
C LYS A 20 5.94 -0.48 -7.78
N GLU A 21 6.84 -1.19 -7.09
CA GLU A 21 7.37 -0.78 -5.79
C GLU A 21 8.25 0.48 -5.91
N GLY A 22 8.17 1.37 -4.91
CA GLY A 22 8.90 2.63 -4.83
C GLY A 22 10.29 2.48 -4.18
N PRO A 23 10.98 3.60 -3.90
CA PRO A 23 12.31 3.61 -3.29
C PRO A 23 12.30 3.16 -1.82
N GLU A 24 13.48 3.08 -1.20
CA GLU A 24 13.66 2.67 0.20
C GLU A 24 12.84 3.55 1.16
N GLY A 25 11.96 2.93 1.95
CA GLY A 25 11.06 3.60 2.90
C GLY A 25 9.74 4.07 2.30
N ALA A 26 9.50 3.84 1.00
CA ALA A 26 8.27 4.26 0.29
C ALA A 26 7.25 3.12 0.06
N ASN A 27 7.50 1.94 0.62
CA ASN A 27 6.67 0.74 0.43
C ASN A 27 5.99 0.34 1.75
N LEU A 28 4.65 0.27 1.75
CA LEU A 28 3.81 0.04 2.94
C LEU A 28 3.11 -1.31 2.90
N PHE A 29 2.96 -1.89 4.08
CA PHE A 29 2.14 -3.05 4.39
C PHE A 29 0.97 -2.61 5.30
N ILE A 30 -0.24 -3.03 4.93
CA ILE A 30 -1.53 -2.68 5.54
C ILE A 30 -2.21 -3.97 6.00
N TYR A 31 -2.83 -3.97 7.18
CA TYR A 31 -3.54 -5.11 7.79
C TYR A 31 -4.85 -4.67 8.48
N HIS A 32 -5.82 -5.59 8.56
CA HIS A 32 -7.21 -5.43 9.06
C HIS A 32 -8.18 -4.84 8.02
N LEU A 33 -7.89 -4.97 6.72
CA LEU A 33 -8.80 -4.56 5.64
C LEU A 33 -10.08 -5.43 5.61
N PRO A 34 -11.26 -4.86 5.26
CA PRO A 34 -12.47 -5.64 4.98
C PRO A 34 -12.22 -6.64 3.85
N GLN A 35 -12.89 -7.81 3.87
CA GLN A 35 -12.73 -8.81 2.82
C GLN A 35 -13.46 -8.46 1.51
N GLU A 36 -14.28 -7.40 1.51
CA GLU A 36 -14.93 -6.81 0.33
C GLU A 36 -14.15 -5.61 -0.26
N PHE A 37 -13.04 -5.19 0.36
CA PHE A 37 -12.24 -4.04 -0.04
C PHE A 37 -11.40 -4.35 -1.29
N GLY A 38 -11.53 -3.52 -2.33
CA GLY A 38 -10.81 -3.65 -3.61
C GLY A 38 -9.50 -2.87 -3.65
N ASP A 39 -8.74 -3.09 -4.73
CA ASP A 39 -7.47 -2.40 -4.98
C ASP A 39 -7.66 -0.89 -5.22
N GLN A 40 -8.78 -0.51 -5.82
CA GLN A 40 -9.17 0.88 -6.05
C GLN A 40 -9.69 1.55 -4.76
N ASP A 41 -10.29 0.79 -3.83
CA ASP A 41 -10.67 1.31 -2.51
C ASP A 41 -9.43 1.61 -1.65
N LEU A 42 -8.42 0.74 -1.72
CA LEU A 42 -7.11 0.96 -1.10
C LEU A 42 -6.40 2.17 -1.72
N LEU A 43 -6.49 2.35 -3.03
CA LEU A 43 -5.95 3.53 -3.72
C LEU A 43 -6.63 4.82 -3.26
N GLN A 44 -7.96 4.89 -3.34
CA GLN A 44 -8.72 6.10 -3.02
C GLN A 44 -8.61 6.49 -1.53
N MET A 45 -8.31 5.55 -0.64
CA MET A 45 -8.07 5.81 0.78
C MET A 45 -6.64 6.33 1.06
N PHE A 46 -5.67 6.01 0.20
CA PHE A 46 -4.26 6.42 0.32
C PHE A 46 -3.87 7.62 -0.59
N MET A 47 -4.71 8.00 -1.56
CA MET A 47 -4.57 9.23 -2.39
C MET A 47 -4.18 10.53 -1.65
N PRO A 48 -4.79 10.89 -0.49
CA PRO A 48 -4.60 12.22 0.11
C PRO A 48 -3.26 12.42 0.82
N PHE A 49 -2.44 11.37 0.91
CA PHE A 49 -1.13 11.39 1.58
C PHE A 49 0.06 11.55 0.61
N GLY A 50 -0.19 11.59 -0.71
CA GLY A 50 0.80 11.82 -1.76
C GLY A 50 0.63 10.92 -2.98
N ASN A 51 1.61 10.95 -3.90
CA ASN A 51 1.60 10.21 -5.16
C ASN A 51 1.76 8.69 -4.92
N VAL A 52 0.67 7.94 -4.97
CA VAL A 52 0.66 6.47 -4.94
C VAL A 52 1.07 5.93 -6.32
N VAL A 53 2.03 5.01 -6.33
CA VAL A 53 2.58 4.39 -7.55
C VAL A 53 1.85 3.08 -7.86
N SER A 54 1.53 2.26 -6.85
CA SER A 54 0.68 1.08 -7.00
C SER A 54 0.07 0.62 -5.67
N ALA A 55 -1.16 0.11 -5.70
CA ALA A 55 -1.93 -0.37 -4.54
C ALA A 55 -2.49 -1.77 -4.84
N LYS A 56 -2.34 -2.69 -3.89
CA LYS A 56 -2.57 -4.13 -4.11
C LYS A 56 -3.04 -4.84 -2.82
N VAL A 57 -4.29 -5.26 -2.78
CA VAL A 57 -4.88 -6.10 -1.71
C VAL A 57 -4.50 -7.56 -1.98
N PHE A 58 -4.07 -8.29 -0.95
CA PHE A 58 -3.64 -9.67 -1.05
C PHE A 58 -4.83 -10.63 -0.94
N ILE A 59 -4.98 -11.50 -1.95
CA ILE A 59 -6.14 -12.36 -2.22
C ILE A 59 -5.64 -13.74 -2.67
N ASP A 60 -6.32 -14.81 -2.24
CA ASP A 60 -6.03 -16.18 -2.65
C ASP A 60 -6.30 -16.40 -4.15
N LYS A 61 -5.28 -16.90 -4.86
CA LYS A 61 -5.29 -17.04 -6.34
C LYS A 61 -6.16 -18.20 -6.89
N GLN A 62 -6.78 -19.02 -6.04
CA GLN A 62 -7.60 -20.17 -6.44
C GLN A 62 -9.08 -20.03 -6.02
N THR A 63 -9.37 -19.25 -4.97
CA THR A 63 -10.71 -19.08 -4.37
C THR A 63 -11.19 -17.63 -4.31
N ASN A 64 -10.33 -16.66 -4.63
CA ASN A 64 -10.63 -15.22 -4.67
C ASN A 64 -10.96 -14.61 -3.29
N LEU A 65 -10.59 -15.29 -2.20
CA LEU A 65 -10.80 -14.84 -0.83
C LEU A 65 -9.72 -13.82 -0.41
N SER A 66 -10.14 -12.65 0.06
CA SER A 66 -9.22 -11.65 0.62
C SER A 66 -8.62 -12.11 1.95
N LYS A 67 -7.32 -11.89 2.14
CA LYS A 67 -6.57 -12.27 3.35
C LYS A 67 -6.48 -11.15 4.40
N CYS A 68 -7.26 -10.06 4.23
CA CYS A 68 -7.36 -8.91 5.15
C CYS A 68 -6.08 -8.04 5.23
N PHE A 69 -5.11 -8.26 4.33
CA PHE A 69 -3.85 -7.51 4.24
C PHE A 69 -3.56 -7.07 2.80
N GLY A 70 -2.74 -6.03 2.65
CA GLY A 70 -2.40 -5.43 1.36
C GLY A 70 -1.18 -4.52 1.42
N PHE A 71 -0.91 -3.83 0.32
CA PHE A 71 0.30 -3.05 0.10
C PHE A 71 0.03 -1.76 -0.70
N VAL A 72 0.87 -0.73 -0.47
CA VAL A 72 0.81 0.56 -1.18
C VAL A 72 2.24 1.11 -1.36
N SER A 73 2.63 1.45 -2.58
CA SER A 73 3.91 2.11 -2.88
C SER A 73 3.73 3.59 -3.23
N TYR A 74 4.68 4.42 -2.79
CA TYR A 74 4.74 5.87 -3.08
C TYR A 74 5.98 6.26 -3.90
N ASP A 75 5.95 7.46 -4.47
CA ASP A 75 7.07 8.05 -5.22
C ASP A 75 8.27 8.43 -4.32
N ASN A 76 8.04 8.56 -3.00
CA ASN A 76 9.04 8.97 -2.00
C ASN A 76 8.62 8.51 -0.57
N PRO A 77 9.56 8.47 0.40
CA PRO A 77 9.30 7.92 1.72
C PRO A 77 8.55 8.88 2.68
N VAL A 78 8.49 10.20 2.39
CA VAL A 78 7.77 11.17 3.24
C VAL A 78 6.26 11.00 3.06
N SER A 79 5.79 10.77 1.82
CA SER A 79 4.39 10.44 1.54
C SER A 79 3.94 9.12 2.20
N ALA A 80 4.82 8.10 2.17
CA ALA A 80 4.58 6.82 2.85
C ALA A 80 4.52 6.97 4.37
N GLN A 81 5.48 7.67 4.99
CA GLN A 81 5.47 8.00 6.42
C GLN A 81 4.22 8.79 6.84
N ALA A 82 3.78 9.77 6.05
CA ALA A 82 2.52 10.48 6.26
C ALA A 82 1.29 9.55 6.21
N ALA A 83 1.29 8.57 5.31
CA ALA A 83 0.22 7.57 5.22
C ALA A 83 0.23 6.59 6.41
N ILE A 84 1.39 6.23 6.97
CA ILE A 84 1.47 5.47 8.24
C ILE A 84 0.82 6.27 9.36
N GLN A 85 1.20 7.54 9.50
CA GLN A 85 0.72 8.43 10.55
C GLN A 85 -0.80 8.71 10.46
N SER A 86 -1.38 8.72 9.25
CA SER A 86 -2.81 8.97 9.04
C SER A 86 -3.68 7.71 8.94
N MET A 87 -3.10 6.50 8.79
CA MET A 87 -3.86 5.24 8.64
C MET A 87 -3.65 4.25 9.78
N ASN A 88 -2.53 4.28 10.50
CA ASN A 88 -2.30 3.36 11.63
C ASN A 88 -3.20 3.75 12.83
N GLY A 89 -4.17 2.88 13.15
CA GLY A 89 -5.24 3.11 14.14
C GLY A 89 -6.55 3.65 13.55
N PHE A 90 -6.65 3.84 12.22
CA PHE A 90 -7.87 4.30 11.55
C PHE A 90 -9.00 3.28 11.69
N GLN A 91 -10.14 3.68 12.25
CA GLN A 91 -11.29 2.79 12.47
C GLN A 91 -12.03 2.51 11.15
N ILE A 92 -12.36 1.23 10.91
CA ILE A 92 -12.93 0.72 9.65
C ILE A 92 -14.01 -0.34 9.96
N GLY A 93 -15.05 0.11 10.68
CA GLY A 93 -16.09 -0.74 11.29
C GLY A 93 -15.76 -1.08 12.75
N MET A 94 -15.94 -2.35 13.13
CA MET A 94 -15.69 -2.86 14.49
C MET A 94 -14.20 -3.22 14.72
N LYS A 95 -13.29 -2.52 14.04
CA LYS A 95 -11.84 -2.81 13.95
C LYS A 95 -11.04 -1.56 13.52
N ARG A 96 -9.71 -1.59 13.70
CA ARG A 96 -8.78 -0.52 13.31
C ARG A 96 -7.66 -1.05 12.41
N LEU A 97 -7.27 -0.30 11.38
CA LEU A 97 -6.16 -0.63 10.49
C LEU A 97 -4.82 -0.59 11.22
N LYS A 98 -3.93 -1.51 10.85
CA LYS A 98 -2.52 -1.53 11.26
C LYS A 98 -1.66 -1.32 10.01
N VAL A 99 -0.76 -0.32 10.03
CA VAL A 99 -0.02 0.14 8.84
C VAL A 99 1.41 0.51 9.24
N GLN A 100 2.37 0.13 8.38
CA GLN A 100 3.81 0.26 8.62
C GLN A 100 4.58 0.09 7.31
N LEU A 101 5.90 0.32 7.35
CA LEU A 101 6.81 -0.03 6.26
C LEU A 101 6.83 -1.56 6.06
N LYS A 102 6.97 -2.01 4.81
CA LYS A 102 7.17 -3.44 4.49
C LYS A 102 8.44 -4.00 5.20
N ARG A 103 8.44 -5.31 5.52
CA ARG A 103 9.47 -6.00 6.33
C ARG A 103 10.92 -5.57 6.02
N SER A 104 11.63 -5.14 7.06
CA SER A 104 12.99 -4.55 6.97
C SER A 104 13.72 -4.48 8.34
N LYS A 105 13.21 -5.15 9.38
CA LYS A 105 13.63 -5.03 10.79
C LYS A 105 13.60 -6.38 11.52
N ASN A 106 14.40 -6.51 12.59
CA ASN A 106 14.41 -7.69 13.46
C ASN A 106 13.14 -7.82 14.31
N ASP A 107 12.84 -9.03 14.79
CA ASP A 107 11.71 -9.39 15.66
C ASP A 107 12.08 -10.63 16.49
N SER A 108 11.40 -10.84 17.63
CA SER A 108 11.63 -11.99 18.52
C SER A 108 11.48 -13.37 17.84
N LYS A 109 10.71 -13.46 16.75
CA LYS A 109 10.61 -14.67 15.91
C LYS A 109 11.95 -15.04 15.22
N SER A 110 12.84 -14.08 15.04
CA SER A 110 14.21 -14.24 14.51
C SER A 110 15.29 -14.21 15.61
N GLY A 111 14.89 -14.15 16.88
CA GLY A 111 15.76 -14.08 18.07
C GLY A 111 15.90 -12.65 18.63
N PRO A 112 15.98 -12.48 19.98
CA PRO A 112 16.25 -11.19 20.61
C PRO A 112 17.56 -10.55 20.16
N SER A 113 17.61 -9.22 20.09
CA SER A 113 18.81 -8.44 19.75
C SER A 113 19.79 -8.27 20.92
N SER A 114 19.46 -8.78 22.11
CA SER A 114 20.26 -8.70 23.34
C SER A 114 21.29 -9.85 23.51
N GLY A 115 21.27 -10.86 22.62
CA GLY A 115 22.18 -12.01 22.64
C GLY A 115 21.96 -12.98 21.48
N GLY A 1 -11.37 21.15 -23.56
CA GLY A 1 -10.24 21.95 -23.05
C GLY A 1 -9.26 21.10 -22.25
N SER A 2 -7.96 21.33 -22.42
CA SER A 2 -6.88 20.48 -21.86
C SER A 2 -6.75 20.53 -20.32
N SER A 3 -7.37 21.51 -19.66
CA SER A 3 -7.39 21.66 -18.19
C SER A 3 -8.36 20.71 -17.48
N GLY A 4 -9.08 19.84 -18.21
CA GLY A 4 -9.93 18.78 -17.65
C GLY A 4 -11.14 19.31 -16.88
N SER A 5 -11.62 20.52 -17.22
CA SER A 5 -12.67 21.26 -16.50
C SER A 5 -12.25 21.61 -15.04
N SER A 6 -10.94 21.62 -14.76
CA SER A 6 -10.31 21.83 -13.44
C SER A 6 -10.53 20.65 -12.46
N GLY A 7 -11.04 19.51 -12.95
CA GLY A 7 -11.28 18.27 -12.18
C GLY A 7 -10.06 17.36 -12.03
N LEU A 8 -8.89 17.79 -12.51
CA LEU A 8 -7.62 17.07 -12.42
C LEU A 8 -7.08 17.03 -10.97
N THR A 9 -6.21 16.06 -10.67
CA THR A 9 -5.65 15.79 -9.32
C THR A 9 -4.30 15.05 -9.41
N GLN A 10 -3.68 14.79 -8.25
CA GLN A 10 -2.31 14.28 -8.10
C GLN A 10 -2.18 12.76 -8.30
N GLN A 11 -3.27 12.06 -8.65
CA GLN A 11 -3.32 10.60 -8.76
C GLN A 11 -4.30 10.16 -9.84
N SER A 12 -4.02 9.02 -10.47
CA SER A 12 -4.91 8.35 -11.44
C SER A 12 -5.11 6.86 -11.08
N ILE A 13 -5.95 6.14 -11.84
CA ILE A 13 -6.27 4.71 -11.63
C ILE A 13 -5.10 3.79 -12.05
N GLY A 14 -4.08 4.34 -12.72
CA GLY A 14 -2.87 3.67 -13.23
C GLY A 14 -1.90 3.26 -12.12
N ALA A 15 -2.39 2.43 -11.21
CA ALA A 15 -1.75 1.93 -9.98
C ALA A 15 -2.53 0.74 -9.38
N ALA A 16 -3.86 0.65 -9.57
CA ALA A 16 -4.71 -0.36 -8.96
C ALA A 16 -4.57 -1.75 -9.61
N GLY A 17 -4.27 -2.75 -8.76
CA GLY A 17 -4.00 -4.14 -9.13
C GLY A 17 -2.55 -4.38 -9.52
N SER A 18 -1.71 -3.34 -9.50
CA SER A 18 -0.28 -3.45 -9.81
C SER A 18 0.54 -3.85 -8.58
N GLN A 19 1.64 -4.58 -8.83
CA GLN A 19 2.60 -5.00 -7.81
C GLN A 19 4.03 -4.49 -8.13
N LYS A 20 4.13 -3.44 -8.95
CA LYS A 20 5.38 -2.70 -9.18
C LYS A 20 5.80 -1.93 -7.91
N GLU A 21 6.58 -2.59 -7.06
CA GLU A 21 7.02 -2.06 -5.77
C GLU A 21 7.91 -0.82 -5.96
N GLY A 22 7.73 0.19 -5.11
CA GLY A 22 8.47 1.47 -5.11
C GLY A 22 9.84 1.39 -4.44
N PRO A 23 10.52 2.54 -4.24
CA PRO A 23 11.86 2.62 -3.67
C PRO A 23 11.88 2.36 -2.16
N GLU A 24 13.09 2.25 -1.59
CA GLU A 24 13.31 1.99 -0.17
C GLU A 24 12.66 3.09 0.72
N GLY A 25 11.81 2.65 1.66
CA GLY A 25 11.07 3.53 2.58
C GLY A 25 9.76 4.08 2.01
N ALA A 26 9.44 3.80 0.74
CA ALA A 26 8.21 4.26 0.08
C ALA A 26 7.11 3.18 -0.02
N ASN A 27 7.39 1.94 0.42
CA ASN A 27 6.46 0.81 0.37
C ASN A 27 5.79 0.57 1.73
N LEU A 28 4.45 0.56 1.72
CA LEU A 28 3.62 0.35 2.91
C LEU A 28 2.98 -1.04 2.93
N PHE A 29 2.87 -1.58 4.14
CA PHE A 29 2.10 -2.76 4.49
C PHE A 29 0.91 -2.31 5.35
N ILE A 30 -0.30 -2.62 4.89
CA ILE A 30 -1.58 -2.31 5.53
C ILE A 30 -2.23 -3.63 5.92
N TYR A 31 -2.70 -3.76 7.16
CA TYR A 31 -3.29 -4.97 7.71
C TYR A 31 -4.60 -4.67 8.45
N HIS A 32 -5.52 -5.64 8.42
CA HIS A 32 -6.84 -5.69 9.07
C HIS A 32 -7.98 -5.09 8.23
N LEU A 33 -7.83 -5.08 6.90
CA LEU A 33 -8.84 -4.62 5.93
C LEU A 33 -10.09 -5.52 5.93
N PRO A 34 -11.22 -5.08 5.34
CA PRO A 34 -12.38 -5.92 5.07
C PRO A 34 -12.02 -7.10 4.15
N GLN A 35 -12.76 -8.22 4.27
CA GLN A 35 -12.52 -9.45 3.49
C GLN A 35 -12.99 -9.36 2.01
N GLU A 36 -13.45 -8.17 1.60
CA GLU A 36 -13.98 -7.85 0.27
C GLU A 36 -13.41 -6.55 -0.33
N PHE A 37 -12.39 -5.96 0.30
CA PHE A 37 -11.80 -4.67 -0.09
C PHE A 37 -11.04 -4.78 -1.43
N GLY A 38 -11.28 -3.83 -2.35
CA GLY A 38 -10.65 -3.77 -3.67
C GLY A 38 -9.34 -2.98 -3.69
N ASP A 39 -8.56 -3.18 -4.75
CA ASP A 39 -7.27 -2.51 -4.95
C ASP A 39 -7.40 -0.98 -5.06
N GLN A 40 -8.51 -0.53 -5.65
CA GLN A 40 -8.84 0.89 -5.83
C GLN A 40 -9.51 1.49 -4.58
N ASP A 41 -10.10 0.67 -3.69
CA ASP A 41 -10.62 1.15 -2.40
C ASP A 41 -9.46 1.54 -1.47
N LEU A 42 -8.39 0.73 -1.46
CA LEU A 42 -7.15 1.04 -0.75
C LEU A 42 -6.48 2.30 -1.30
N LEU A 43 -6.46 2.47 -2.63
CA LEU A 43 -5.91 3.66 -3.28
C LEU A 43 -6.69 4.92 -2.92
N GLN A 44 -8.02 4.91 -3.04
CA GLN A 44 -8.86 6.07 -2.72
C GLN A 44 -8.79 6.46 -1.22
N MET A 45 -8.46 5.52 -0.34
CA MET A 45 -8.26 5.75 1.10
C MET A 45 -6.87 6.35 1.42
N PHE A 46 -5.85 6.08 0.58
CA PHE A 46 -4.47 6.56 0.75
C PHE A 46 -4.11 7.78 -0.14
N MET A 47 -4.88 8.06 -1.20
CA MET A 47 -4.75 9.23 -2.09
C MET A 47 -4.39 10.58 -1.41
N PRO A 48 -4.96 10.95 -0.24
CA PRO A 48 -4.67 12.22 0.42
C PRO A 48 -3.21 12.46 0.84
N PHE A 49 -2.36 11.42 0.90
CA PHE A 49 -1.02 11.53 1.50
C PHE A 49 0.12 11.65 0.47
N GLY A 50 -0.16 11.57 -0.83
CA GLY A 50 0.80 11.79 -1.93
C GLY A 50 0.52 11.00 -3.21
N ASN A 51 1.51 10.95 -4.11
CA ASN A 51 1.44 10.27 -5.41
C ASN A 51 1.90 8.80 -5.33
N VAL A 52 1.05 7.89 -5.82
CA VAL A 52 1.15 6.43 -5.67
C VAL A 52 1.50 5.78 -7.01
N VAL A 53 2.54 4.94 -7.00
CA VAL A 53 3.08 4.18 -8.15
C VAL A 53 2.29 2.88 -8.36
N SER A 54 1.85 2.23 -7.28
CA SER A 54 1.07 0.99 -7.31
C SER A 54 0.33 0.78 -5.99
N ALA A 55 -0.84 0.12 -6.04
CA ALA A 55 -1.68 -0.19 -4.88
C ALA A 55 -2.45 -1.50 -5.12
N LYS A 56 -2.47 -2.37 -4.10
CA LYS A 56 -2.99 -3.74 -4.24
C LYS A 56 -3.39 -4.33 -2.89
N VAL A 57 -4.56 -4.96 -2.82
CA VAL A 57 -5.03 -5.80 -1.70
C VAL A 57 -4.74 -7.24 -2.08
N PHE A 58 -4.23 -8.06 -1.14
CA PHE A 58 -3.90 -9.45 -1.41
C PHE A 58 -5.18 -10.29 -1.50
N ILE A 59 -5.50 -10.76 -2.71
CA ILE A 59 -6.68 -11.58 -3.00
C ILE A 59 -6.22 -13.02 -3.25
N ASP A 60 -6.66 -13.96 -2.43
CA ASP A 60 -6.26 -15.36 -2.49
C ASP A 60 -6.73 -16.01 -3.81
N LYS A 61 -5.81 -16.36 -4.71
CA LYS A 61 -6.16 -16.87 -6.04
C LYS A 61 -6.85 -18.26 -6.05
N GLN A 62 -6.95 -18.94 -4.90
CA GLN A 62 -7.66 -20.21 -4.76
C GLN A 62 -9.15 -20.04 -4.40
N THR A 63 -9.56 -18.88 -3.84
CA THR A 63 -10.93 -18.62 -3.35
C THR A 63 -11.53 -17.28 -3.79
N ASN A 64 -10.71 -16.37 -4.31
CA ASN A 64 -11.07 -15.02 -4.77
C ASN A 64 -11.48 -14.05 -3.63
N LEU A 65 -11.10 -14.36 -2.38
CA LEU A 65 -11.37 -13.54 -1.18
C LEU A 65 -10.14 -12.71 -0.77
N SER A 66 -10.35 -11.57 -0.13
CA SER A 66 -9.23 -10.82 0.47
C SER A 66 -8.68 -11.54 1.71
N LYS A 67 -7.36 -11.53 1.87
CA LYS A 67 -6.66 -12.01 3.07
C LYS A 67 -6.50 -10.92 4.16
N CYS A 68 -7.22 -9.79 4.00
CA CYS A 68 -7.31 -8.67 4.95
C CYS A 68 -6.01 -7.87 5.10
N PHE A 69 -5.07 -7.99 4.15
CA PHE A 69 -3.85 -7.20 4.08
C PHE A 69 -3.57 -6.73 2.65
N GLY A 70 -2.91 -5.57 2.53
CA GLY A 70 -2.62 -4.89 1.27
C GLY A 70 -1.38 -4.00 1.34
N PHE A 71 -1.11 -3.31 0.23
CA PHE A 71 0.12 -2.58 -0.01
C PHE A 71 -0.12 -1.31 -0.83
N VAL A 72 0.73 -0.30 -0.60
CA VAL A 72 0.73 1.00 -1.30
C VAL A 72 2.18 1.44 -1.50
N SER A 73 2.57 1.69 -2.75
CA SER A 73 3.92 2.16 -3.10
C SER A 73 3.88 3.62 -3.53
N TYR A 74 4.46 4.51 -2.74
CA TYR A 74 4.65 5.91 -3.10
C TYR A 74 5.87 6.13 -4.01
N ASP A 75 5.94 7.31 -4.63
CA ASP A 75 7.12 7.75 -5.40
C ASP A 75 8.28 8.22 -4.49
N ASN A 76 8.03 8.39 -3.19
CA ASN A 76 8.99 8.90 -2.20
C ASN A 76 8.64 8.44 -0.75
N PRO A 77 9.60 8.48 0.19
CA PRO A 77 9.39 7.98 1.54
C PRO A 77 8.67 8.95 2.50
N VAL A 78 8.56 10.24 2.16
CA VAL A 78 7.89 11.25 3.00
C VAL A 78 6.36 11.10 2.88
N SER A 79 5.84 10.82 1.69
CA SER A 79 4.41 10.53 1.48
C SER A 79 3.99 9.21 2.15
N ALA A 80 4.86 8.20 2.09
CA ALA A 80 4.68 6.94 2.82
C ALA A 80 4.64 7.14 4.35
N GLN A 81 5.60 7.88 4.92
CA GLN A 81 5.60 8.24 6.34
C GLN A 81 4.34 9.02 6.75
N ALA A 82 3.92 10.01 5.96
CA ALA A 82 2.70 10.79 6.22
C ALA A 82 1.45 9.90 6.23
N ALA A 83 1.40 8.86 5.39
CA ALA A 83 0.32 7.89 5.37
C ALA A 83 0.36 6.95 6.59
N ILE A 84 1.52 6.46 7.03
CA ILE A 84 1.65 5.65 8.27
C ILE A 84 1.13 6.45 9.47
N GLN A 85 1.57 7.70 9.56
CA GLN A 85 1.24 8.62 10.65
C GLN A 85 -0.24 9.05 10.64
N SER A 86 -0.95 8.89 9.53
CA SER A 86 -2.39 9.18 9.41
C SER A 86 -3.30 7.93 9.47
N MET A 87 -2.79 6.75 9.10
CA MET A 87 -3.60 5.53 8.90
C MET A 87 -3.36 4.40 9.90
N ASN A 88 -2.26 4.41 10.66
CA ASN A 88 -2.06 3.42 11.72
C ASN A 88 -3.04 3.68 12.89
N GLY A 89 -3.98 2.74 13.10
CA GLY A 89 -5.11 2.85 14.04
C GLY A 89 -6.40 3.38 13.41
N PHE A 90 -6.46 3.58 12.08
CA PHE A 90 -7.66 4.04 11.36
C PHE A 90 -8.82 3.05 11.56
N GLN A 91 -9.96 3.52 12.07
CA GLN A 91 -11.14 2.67 12.24
C GLN A 91 -11.85 2.47 10.90
N ILE A 92 -12.15 1.22 10.55
CA ILE A 92 -12.90 0.83 9.37
C ILE A 92 -13.91 -0.26 9.78
N GLY A 93 -15.20 0.07 9.74
CA GLY A 93 -16.26 -0.77 10.32
C GLY A 93 -16.13 -0.84 11.84
N MET A 94 -16.09 -2.06 12.39
CA MET A 94 -16.02 -2.36 13.82
C MET A 94 -14.59 -2.64 14.33
N LYS A 95 -13.56 -2.34 13.53
CA LYS A 95 -12.14 -2.67 13.80
C LYS A 95 -11.17 -1.57 13.34
N ARG A 96 -9.88 -1.68 13.68
CA ARG A 96 -8.82 -0.71 13.36
C ARG A 96 -7.68 -1.33 12.56
N LEU A 97 -7.15 -0.58 11.59
CA LEU A 97 -6.03 -0.96 10.73
C LEU A 97 -4.69 -0.85 11.44
N LYS A 98 -3.76 -1.75 11.09
CA LYS A 98 -2.35 -1.70 11.46
C LYS A 98 -1.54 -1.34 10.21
N VAL A 99 -0.67 -0.32 10.26
CA VAL A 99 0.01 0.25 9.08
C VAL A 99 1.46 0.62 9.42
N GLN A 100 2.38 0.28 8.52
CA GLN A 100 3.83 0.44 8.68
C GLN A 100 4.55 0.31 7.32
N LEU A 101 5.88 0.47 7.30
CA LEU A 101 6.71 0.14 6.14
C LEU A 101 6.72 -1.38 5.91
N LYS A 102 6.69 -1.82 4.64
CA LYS A 102 6.80 -3.25 4.31
C LYS A 102 8.19 -3.80 4.70
N ARG A 103 8.24 -5.03 5.24
CA ARG A 103 9.50 -5.72 5.60
C ARG A 103 10.33 -6.10 4.35
N SER A 104 11.59 -6.45 4.55
CA SER A 104 12.55 -6.78 3.49
C SER A 104 13.70 -7.66 4.01
N LYS A 105 14.42 -8.34 3.09
CA LYS A 105 15.50 -9.28 3.40
C LYS A 105 16.44 -9.50 2.19
N ASN A 106 17.74 -9.71 2.44
CA ASN A 106 18.74 -10.01 1.41
C ASN A 106 18.52 -11.39 0.76
N ASP A 107 19.02 -11.58 -0.47
CA ASP A 107 18.92 -12.83 -1.25
C ASP A 107 19.97 -12.91 -2.37
N SER A 108 20.21 -11.81 -3.08
CA SER A 108 21.19 -11.72 -4.18
C SER A 108 21.49 -10.25 -4.54
N LYS A 109 22.61 -9.99 -5.22
CA LYS A 109 23.04 -8.65 -5.66
C LYS A 109 22.14 -8.05 -6.77
N SER A 110 22.09 -6.71 -6.84
CA SER A 110 21.34 -5.95 -7.86
C SER A 110 22.10 -5.78 -9.20
N GLY A 111 23.41 -6.09 -9.21
CA GLY A 111 24.26 -6.10 -10.41
C GLY A 111 24.23 -7.42 -11.19
N PRO A 112 25.21 -7.68 -12.09
CA PRO A 112 25.30 -8.91 -12.86
C PRO A 112 25.70 -10.10 -11.98
N SER A 113 25.53 -11.32 -12.51
CA SER A 113 25.75 -12.61 -11.82
C SER A 113 27.24 -12.98 -11.61
N SER A 114 28.14 -11.98 -11.57
CA SER A 114 29.59 -12.12 -11.45
C SER A 114 30.23 -10.82 -10.90
N GLY A 115 31.56 -10.80 -10.76
CA GLY A 115 32.34 -9.66 -10.24
C GLY A 115 33.84 -9.91 -10.28
N GLY A 1 -18.55 20.15 -16.18
CA GLY A 1 -17.42 19.41 -15.59
C GLY A 1 -16.35 19.08 -16.61
N SER A 2 -15.51 18.09 -16.33
CA SER A 2 -14.37 17.67 -17.16
C SER A 2 -13.84 16.28 -16.76
N SER A 3 -12.98 15.67 -17.59
CA SER A 3 -12.39 14.34 -17.37
C SER A 3 -11.15 14.13 -18.27
N GLY A 4 -10.34 13.09 -17.97
CA GLY A 4 -9.16 12.72 -18.75
C GLY A 4 -7.97 13.63 -18.43
N SER A 5 -7.86 14.76 -19.12
CA SER A 5 -6.78 15.74 -18.99
C SER A 5 -6.76 16.47 -17.63
N SER A 6 -7.85 16.41 -16.87
CA SER A 6 -7.97 16.93 -15.49
C SER A 6 -7.60 15.89 -14.40
N GLY A 7 -7.33 14.64 -14.77
CA GLY A 7 -7.00 13.52 -13.87
C GLY A 7 -5.54 13.56 -13.39
N LEU A 8 -5.18 14.65 -12.70
CA LEU A 8 -3.80 14.99 -12.29
C LEU A 8 -3.73 15.88 -11.04
N THR A 9 -4.83 16.02 -10.28
CA THR A 9 -5.01 16.97 -9.15
C THR A 9 -3.99 16.77 -8.03
N GLN A 10 -3.73 15.52 -7.64
CA GLN A 10 -2.68 15.13 -6.70
C GLN A 10 -1.80 13.98 -7.22
N GLN A 11 -2.26 13.30 -8.26
CA GLN A 11 -1.61 12.21 -9.00
C GLN A 11 -2.48 11.79 -10.19
N SER A 12 -1.97 10.90 -11.04
CA SER A 12 -2.75 10.22 -12.09
C SER A 12 -3.45 8.95 -11.55
N ILE A 13 -4.34 8.36 -12.36
CA ILE A 13 -5.17 7.19 -12.00
C ILE A 13 -4.89 6.04 -12.97
N GLY A 14 -4.69 4.83 -12.44
CA GLY A 14 -4.29 3.62 -13.18
C GLY A 14 -3.15 2.90 -12.46
N ALA A 15 -3.45 2.32 -11.29
CA ALA A 15 -2.47 1.79 -10.34
C ALA A 15 -3.00 0.61 -9.48
N ALA A 16 -4.14 0.02 -9.86
CA ALA A 16 -4.89 -0.94 -9.06
C ALA A 16 -4.69 -2.40 -9.51
N GLY A 17 -4.33 -3.25 -8.53
CA GLY A 17 -3.88 -4.64 -8.75
C GLY A 17 -2.40 -4.73 -9.09
N SER A 18 -1.72 -3.60 -9.23
CA SER A 18 -0.32 -3.48 -9.63
C SER A 18 0.62 -3.84 -8.46
N GLN A 19 1.57 -4.76 -8.68
CA GLN A 19 2.54 -5.17 -7.66
C GLN A 19 3.85 -4.39 -7.71
N LYS A 20 3.96 -3.38 -8.58
CA LYS A 20 5.18 -2.58 -8.80
C LYS A 20 5.70 -1.97 -7.49
N GLU A 21 6.81 -2.50 -6.98
CA GLU A 21 7.39 -2.11 -5.70
C GLU A 21 8.17 -0.79 -5.85
N GLY A 22 7.88 0.20 -4.99
CA GLY A 22 8.51 1.52 -5.01
C GLY A 22 9.90 1.58 -4.36
N PRO A 23 10.48 2.78 -4.19
CA PRO A 23 11.82 2.97 -3.65
C PRO A 23 11.89 2.69 -2.13
N GLU A 24 13.11 2.68 -1.58
CA GLU A 24 13.38 2.38 -0.18
C GLU A 24 12.64 3.36 0.77
N GLY A 25 11.85 2.80 1.69
CA GLY A 25 11.05 3.55 2.67
C GLY A 25 9.70 4.08 2.14
N ALA A 26 9.39 3.85 0.86
CA ALA A 26 8.14 4.29 0.22
C ALA A 26 7.05 3.20 0.16
N ASN A 27 7.31 2.01 0.70
CA ASN A 27 6.47 0.82 0.53
C ASN A 27 5.77 0.43 1.84
N LEU A 28 4.45 0.60 1.88
CA LEU A 28 3.61 0.32 3.04
C LEU A 28 2.97 -1.06 2.98
N PHE A 29 2.82 -1.65 4.17
CA PHE A 29 2.05 -2.84 4.48
C PHE A 29 0.87 -2.40 5.38
N ILE A 30 -0.34 -2.73 4.94
CA ILE A 30 -1.61 -2.44 5.62
C ILE A 30 -2.23 -3.77 6.03
N TYR A 31 -2.77 -3.85 7.25
CA TYR A 31 -3.43 -5.03 7.83
C TYR A 31 -4.75 -4.62 8.53
N HIS A 32 -5.65 -5.59 8.73
CA HIS A 32 -7.03 -5.44 9.24
C HIS A 32 -8.01 -4.79 8.25
N LEU A 33 -7.75 -4.88 6.93
CA LEU A 33 -8.70 -4.48 5.89
C LEU A 33 -10.02 -5.29 5.98
N PRO A 34 -11.15 -4.76 5.49
CA PRO A 34 -12.39 -5.53 5.31
C PRO A 34 -12.21 -6.77 4.43
N GLN A 35 -13.04 -7.79 4.65
CA GLN A 35 -12.97 -9.11 3.99
C GLN A 35 -13.35 -9.07 2.48
N GLU A 36 -13.68 -7.89 1.95
CA GLU A 36 -14.16 -7.66 0.58
C GLU A 36 -13.52 -6.42 -0.08
N PHE A 37 -12.48 -5.82 0.53
CA PHE A 37 -11.88 -4.56 0.09
C PHE A 37 -11.17 -4.70 -1.27
N GLY A 38 -11.42 -3.76 -2.19
CA GLY A 38 -10.83 -3.73 -3.53
C GLY A 38 -9.53 -2.92 -3.59
N ASP A 39 -8.80 -3.09 -4.69
CA ASP A 39 -7.52 -2.41 -4.93
C ASP A 39 -7.68 -0.90 -5.11
N GLN A 40 -8.80 -0.48 -5.71
CA GLN A 40 -9.16 0.93 -5.87
C GLN A 40 -9.66 1.55 -4.55
N ASP A 41 -10.25 0.76 -3.65
CA ASP A 41 -10.68 1.23 -2.32
C ASP A 41 -9.47 1.58 -1.45
N LEU A 42 -8.38 0.80 -1.55
CA LEU A 42 -7.11 1.09 -0.91
C LEU A 42 -6.44 2.33 -1.53
N LEU A 43 -6.43 2.44 -2.87
CA LEU A 43 -5.85 3.57 -3.60
C LEU A 43 -6.49 4.90 -3.23
N GLN A 44 -7.81 5.00 -3.33
CA GLN A 44 -8.52 6.26 -3.11
C GLN A 44 -8.50 6.69 -1.62
N MET A 45 -8.20 5.78 -0.70
CA MET A 45 -8.04 6.05 0.73
C MET A 45 -6.62 6.52 1.10
N PHE A 46 -5.60 6.14 0.32
CA PHE A 46 -4.19 6.53 0.51
C PHE A 46 -3.70 7.67 -0.41
N MET A 47 -4.41 7.95 -1.52
CA MET A 47 -4.24 9.12 -2.39
C MET A 47 -4.01 10.48 -1.68
N PRO A 48 -4.75 10.82 -0.59
CA PRO A 48 -4.62 12.11 0.11
C PRO A 48 -3.23 12.43 0.67
N PHE A 49 -2.35 11.44 0.82
CA PHE A 49 -1.04 11.59 1.49
C PHE A 49 0.14 11.75 0.52
N GLY A 50 -0.11 11.69 -0.80
CA GLY A 50 0.89 11.85 -1.87
C GLY A 50 0.70 10.92 -3.05
N ASN A 51 1.64 10.95 -4.00
CA ASN A 51 1.56 10.19 -5.25
C ASN A 51 1.76 8.68 -5.00
N VAL A 52 0.67 7.91 -5.01
CA VAL A 52 0.68 6.44 -5.01
C VAL A 52 1.01 5.94 -6.43
N VAL A 53 2.07 5.14 -6.53
CA VAL A 53 2.57 4.51 -7.77
C VAL A 53 1.83 3.18 -8.04
N SER A 54 1.40 2.48 -6.99
CA SER A 54 0.70 1.19 -7.08
C SER A 54 -0.01 0.86 -5.76
N ALA A 55 -1.15 0.17 -5.84
CA ALA A 55 -1.95 -0.27 -4.70
C ALA A 55 -2.57 -1.65 -4.99
N LYS A 56 -2.46 -2.57 -4.02
CA LYS A 56 -2.81 -3.98 -4.21
C LYS A 56 -3.24 -4.63 -2.88
N VAL A 57 -4.49 -5.07 -2.79
CA VAL A 57 -5.03 -5.85 -1.66
C VAL A 57 -4.80 -7.33 -1.98
N PHE A 58 -4.32 -8.11 -1.01
CA PHE A 58 -4.12 -9.54 -1.16
C PHE A 58 -5.45 -10.29 -0.94
N ILE A 59 -5.84 -11.09 -1.93
CA ILE A 59 -7.15 -11.73 -2.07
C ILE A 59 -6.95 -13.19 -2.52
N ASP A 60 -7.76 -14.10 -1.99
CA ASP A 60 -7.76 -15.51 -2.37
C ASP A 60 -8.18 -15.70 -3.84
N LYS A 61 -7.31 -16.32 -4.64
CA LYS A 61 -7.52 -16.48 -6.11
C LYS A 61 -8.59 -17.50 -6.50
N GLN A 62 -9.25 -18.18 -5.55
CA GLN A 62 -10.31 -19.17 -5.79
C GLN A 62 -11.67 -18.72 -5.23
N THR A 63 -11.70 -18.04 -4.07
CA THR A 63 -12.95 -17.59 -3.40
C THR A 63 -13.21 -16.09 -3.52
N ASN A 64 -12.22 -15.31 -3.95
CA ASN A 64 -12.26 -13.85 -4.14
C ASN A 64 -12.44 -13.06 -2.81
N LEU A 65 -12.20 -13.71 -1.65
CA LEU A 65 -12.25 -13.09 -0.32
C LEU A 65 -10.90 -12.45 0.02
N SER A 66 -10.93 -11.28 0.66
CA SER A 66 -9.71 -10.59 1.09
C SER A 66 -9.02 -11.31 2.25
N LYS A 67 -7.69 -11.41 2.18
CA LYS A 67 -6.83 -11.86 3.28
C LYS A 67 -6.60 -10.77 4.34
N CYS A 68 -7.35 -9.66 4.29
CA CYS A 68 -7.35 -8.56 5.26
C CYS A 68 -6.01 -7.77 5.30
N PHE A 69 -5.13 -7.96 4.32
CA PHE A 69 -3.85 -7.26 4.20
C PHE A 69 -3.55 -6.85 2.76
N GLY A 70 -2.81 -5.76 2.59
CA GLY A 70 -2.50 -5.13 1.31
C GLY A 70 -1.28 -4.20 1.36
N PHE A 71 -0.96 -3.60 0.22
CA PHE A 71 0.28 -2.86 -0.01
C PHE A 71 0.02 -1.57 -0.81
N VAL A 72 0.86 -0.56 -0.55
CA VAL A 72 0.83 0.75 -1.25
C VAL A 72 2.27 1.22 -1.48
N SER A 73 2.64 1.45 -2.73
CA SER A 73 3.92 2.06 -3.11
C SER A 73 3.75 3.56 -3.39
N TYR A 74 4.48 4.43 -2.70
CA TYR A 74 4.58 5.86 -3.02
C TYR A 74 5.78 6.16 -3.93
N ASP A 75 5.79 7.36 -4.52
CA ASP A 75 6.91 7.89 -5.30
C ASP A 75 8.13 8.30 -4.42
N ASN A 76 7.93 8.41 -3.10
CA ASN A 76 8.92 8.89 -2.12
C ASN A 76 8.58 8.42 -0.69
N PRO A 77 9.54 8.43 0.25
CA PRO A 77 9.34 7.90 1.59
C PRO A 77 8.62 8.87 2.55
N VAL A 78 8.55 10.17 2.26
CA VAL A 78 7.89 11.17 3.12
C VAL A 78 6.36 11.03 3.00
N SER A 79 5.82 10.78 1.81
CA SER A 79 4.40 10.50 1.60
C SER A 79 3.97 9.19 2.27
N ALA A 80 4.81 8.15 2.22
CA ALA A 80 4.60 6.89 2.92
C ALA A 80 4.59 7.07 4.45
N GLN A 81 5.60 7.75 5.01
CA GLN A 81 5.65 8.09 6.44
C GLN A 81 4.44 8.92 6.91
N ALA A 82 4.03 9.92 6.13
CA ALA A 82 2.81 10.71 6.41
C ALA A 82 1.54 9.85 6.40
N ALA A 83 1.45 8.84 5.52
CA ALA A 83 0.33 7.91 5.47
C ALA A 83 0.34 6.92 6.65
N ILE A 84 1.51 6.47 7.14
CA ILE A 84 1.61 5.67 8.39
C ILE A 84 1.02 6.48 9.56
N GLN A 85 1.44 7.73 9.67
CA GLN A 85 1.02 8.66 10.73
C GLN A 85 -0.47 9.05 10.63
N SER A 86 -1.10 8.90 9.46
CA SER A 86 -2.51 9.23 9.24
C SER A 86 -3.44 8.00 9.27
N MET A 87 -2.94 6.80 8.96
CA MET A 87 -3.77 5.59 8.75
C MET A 87 -3.56 4.47 9.77
N ASN A 88 -2.47 4.48 10.54
CA ASN A 88 -2.31 3.52 11.64
C ASN A 88 -3.30 3.83 12.78
N GLY A 89 -4.26 2.93 13.03
CA GLY A 89 -5.40 3.11 13.94
C GLY A 89 -6.67 3.63 13.27
N PHE A 90 -6.71 3.81 11.95
CA PHE A 90 -7.89 4.27 11.20
C PHE A 90 -9.06 3.28 11.36
N GLN A 91 -10.20 3.75 11.84
CA GLN A 91 -11.36 2.91 12.13
C GLN A 91 -12.14 2.62 10.84
N ILE A 92 -12.39 1.33 10.56
CA ILE A 92 -13.06 0.84 9.35
C ILE A 92 -13.88 -0.41 9.68
N GLY A 93 -15.13 -0.49 9.20
CA GLY A 93 -16.07 -1.55 9.58
C GLY A 93 -16.33 -1.52 11.09
N MET A 94 -16.01 -2.64 11.77
CA MET A 94 -16.09 -2.81 13.23
C MET A 94 -14.70 -2.89 13.90
N LYS A 95 -13.64 -2.46 13.20
CA LYS A 95 -12.22 -2.65 13.58
C LYS A 95 -11.33 -1.44 13.24
N ARG A 96 -10.01 -1.56 13.39
CA ARG A 96 -9.01 -0.53 13.10
C ARG A 96 -7.84 -1.10 12.27
N LEU A 97 -7.36 -0.31 11.30
CA LEU A 97 -6.21 -0.66 10.45
C LEU A 97 -4.88 -0.59 11.20
N LYS A 98 -3.98 -1.51 10.87
CA LYS A 98 -2.57 -1.49 11.26
C LYS A 98 -1.74 -1.12 10.02
N VAL A 99 -0.83 -0.14 10.11
CA VAL A 99 -0.09 0.39 8.96
C VAL A 99 1.35 0.71 9.35
N GLN A 100 2.30 0.33 8.49
CA GLN A 100 3.74 0.45 8.71
C GLN A 100 4.51 0.24 7.38
N LEU A 101 5.84 0.38 7.40
CA LEU A 101 6.69 -0.05 6.29
C LEU A 101 6.66 -1.59 6.22
N LYS A 102 6.66 -2.16 5.01
CA LYS A 102 6.70 -3.63 4.83
C LYS A 102 8.02 -4.24 5.36
N ARG A 103 8.03 -5.54 5.68
CA ARG A 103 9.12 -6.23 6.41
C ARG A 103 10.41 -6.53 5.63
N SER A 104 10.84 -5.62 4.75
CA SER A 104 12.11 -5.71 4.00
C SER A 104 13.36 -5.32 4.84
N LYS A 105 13.17 -4.76 6.03
CA LYS A 105 14.26 -4.32 6.93
C LYS A 105 15.06 -5.48 7.57
N ASN A 106 16.21 -5.16 8.16
CA ASN A 106 17.14 -6.09 8.80
C ASN A 106 17.97 -5.42 9.93
N ASP A 107 18.49 -6.22 10.86
CA ASP A 107 19.28 -5.77 12.02
C ASP A 107 20.11 -6.88 12.69
N SER A 108 19.58 -8.10 12.81
CA SER A 108 20.18 -9.17 13.61
C SER A 108 21.38 -9.89 12.96
N LYS A 109 21.53 -9.81 11.64
CA LYS A 109 22.57 -10.51 10.85
C LYS A 109 23.26 -9.61 9.79
N SER A 110 22.71 -8.43 9.53
CA SER A 110 23.14 -7.42 8.55
C SER A 110 22.24 -6.17 8.73
N GLY A 111 22.68 -5.01 8.23
CA GLY A 111 21.97 -3.72 8.37
C GLY A 111 22.89 -2.54 8.72
N PRO A 112 22.36 -1.44 9.28
CA PRO A 112 23.13 -0.23 9.59
C PRO A 112 24.02 -0.40 10.83
N SER A 113 24.99 0.50 11.00
CA SER A 113 25.97 0.51 12.09
C SER A 113 26.31 1.94 12.54
N SER A 114 26.68 2.12 13.81
CA SER A 114 26.88 3.45 14.44
C SER A 114 28.22 4.14 14.07
N GLY A 115 29.11 3.45 13.33
CA GLY A 115 30.43 3.93 12.92
C GLY A 115 31.16 2.97 11.98
N GLY A 1 13.75 22.03 -7.39
CA GLY A 1 12.90 21.17 -8.24
C GLY A 1 13.60 19.88 -8.61
N SER A 2 12.83 18.82 -8.89
CA SER A 2 13.33 17.46 -9.16
C SER A 2 12.45 16.73 -10.19
N SER A 3 13.05 15.88 -11.02
CA SER A 3 12.39 15.15 -12.13
C SER A 3 13.27 14.00 -12.65
N GLY A 4 12.65 13.00 -13.28
CA GLY A 4 13.33 11.88 -13.96
C GLY A 4 13.40 12.06 -15.47
N SER A 5 13.74 10.98 -16.18
CA SER A 5 13.73 10.90 -17.65
C SER A 5 12.31 10.70 -18.25
N SER A 6 11.30 10.55 -17.38
CA SER A 6 9.88 10.34 -17.74
C SER A 6 8.95 10.58 -16.52
N GLY A 7 9.39 10.19 -15.30
CA GLY A 7 8.66 10.40 -14.06
C GLY A 7 8.64 11.87 -13.62
N LEU A 8 7.48 12.33 -13.14
CA LEU A 8 7.14 13.70 -12.74
C LEU A 8 6.14 13.71 -11.57
N THR A 9 5.97 14.88 -10.94
CA THR A 9 5.07 15.09 -9.80
C THR A 9 3.61 15.16 -10.27
N GLN A 10 3.01 13.99 -10.48
CA GLN A 10 1.65 13.81 -11.01
C GLN A 10 1.18 12.35 -10.81
N GLN A 11 -0.13 12.10 -10.93
CA GLN A 11 -0.75 10.79 -10.81
C GLN A 11 -2.11 10.78 -11.54
N SER A 12 -2.64 9.59 -11.84
CA SER A 12 -3.99 9.37 -12.37
C SER A 12 -4.51 7.97 -11.92
N ILE A 13 -5.59 7.49 -12.55
CA ILE A 13 -6.18 6.16 -12.32
C ILE A 13 -5.35 5.08 -13.05
N GLY A 14 -5.26 3.88 -12.45
CA GLY A 14 -4.56 2.70 -13.00
C GLY A 14 -3.47 2.08 -12.12
N ALA A 15 -3.25 2.66 -10.95
CA ALA A 15 -2.38 2.12 -9.90
C ALA A 15 -3.00 0.92 -9.15
N ALA A 16 -4.31 0.68 -9.29
CA ALA A 16 -5.04 -0.48 -8.79
C ALA A 16 -5.18 -1.55 -9.87
N GLY A 17 -5.04 -2.81 -9.45
CA GLY A 17 -4.91 -3.97 -10.35
C GLY A 17 -3.46 -4.17 -10.81
N SER A 18 -2.51 -3.65 -10.04
CA SER A 18 -1.07 -3.72 -10.26
C SER A 18 -0.33 -3.92 -8.93
N GLN A 19 0.98 -4.19 -9.00
CA GLN A 19 1.81 -4.56 -7.86
C GLN A 19 3.24 -4.02 -7.99
N LYS A 20 3.44 -2.96 -8.79
CA LYS A 20 4.75 -2.32 -8.99
C LYS A 20 5.30 -1.75 -7.67
N GLU A 21 6.31 -2.41 -7.12
CA GLU A 21 6.92 -2.06 -5.84
C GLU A 21 7.77 -0.79 -5.98
N GLY A 22 7.63 0.14 -5.02
CA GLY A 22 8.41 1.39 -4.96
C GLY A 22 9.79 1.22 -4.30
N PRO A 23 10.53 2.33 -4.09
CA PRO A 23 11.88 2.32 -3.55
C PRO A 23 11.89 2.08 -2.03
N GLU A 24 13.10 1.95 -1.46
CA GLU A 24 13.33 1.70 -0.03
C GLU A 24 12.69 2.80 0.84
N GLY A 25 11.89 2.38 1.83
CA GLY A 25 11.15 3.26 2.75
C GLY A 25 9.87 3.87 2.18
N ALA A 26 9.54 3.61 0.91
CA ALA A 26 8.35 4.15 0.23
C ALA A 26 7.22 3.11 0.08
N ASN A 27 7.43 1.87 0.54
CA ASN A 27 6.44 0.79 0.49
C ASN A 27 5.77 0.60 1.85
N LEU A 28 4.44 0.68 1.86
CA LEU A 28 3.61 0.43 3.04
C LEU A 28 3.05 -0.98 3.06
N PHE A 29 2.71 -1.41 4.28
CA PHE A 29 1.95 -2.60 4.59
C PHE A 29 0.81 -2.24 5.55
N ILE A 30 -0.40 -2.67 5.20
CA ILE A 30 -1.66 -2.47 5.92
C ILE A 30 -2.19 -3.84 6.35
N TYR A 31 -2.74 -3.94 7.56
CA TYR A 31 -3.38 -5.15 8.09
C TYR A 31 -4.69 -4.79 8.83
N HIS A 32 -5.63 -5.74 8.92
CA HIS A 32 -6.99 -5.63 9.48
C HIS A 32 -8.04 -5.03 8.52
N LEU A 33 -7.77 -5.02 7.20
CA LEU A 33 -8.73 -4.60 6.16
C LEU A 33 -9.98 -5.51 6.15
N PRO A 34 -11.13 -5.04 5.64
CA PRO A 34 -12.30 -5.89 5.38
C PRO A 34 -11.98 -7.05 4.43
N GLN A 35 -12.68 -8.18 4.59
CA GLN A 35 -12.47 -9.41 3.79
C GLN A 35 -12.93 -9.30 2.32
N GLU A 36 -13.42 -8.13 1.90
CA GLU A 36 -13.94 -7.82 0.57
C GLU A 36 -13.35 -6.52 -0.04
N PHE A 37 -12.36 -5.90 0.63
CA PHE A 37 -11.75 -4.64 0.21
C PHE A 37 -10.92 -4.83 -1.07
N GLY A 38 -11.13 -4.00 -2.09
CA GLY A 38 -10.44 -4.08 -3.39
C GLY A 38 -9.20 -3.20 -3.49
N ASP A 39 -8.41 -3.43 -4.54
CA ASP A 39 -7.18 -2.67 -4.84
C ASP A 39 -7.43 -1.17 -5.00
N GLN A 40 -8.61 -0.80 -5.53
CA GLN A 40 -9.02 0.59 -5.75
C GLN A 40 -9.59 1.24 -4.48
N ASP A 41 -10.18 0.47 -3.56
CA ASP A 41 -10.68 0.99 -2.27
C ASP A 41 -9.52 1.45 -1.37
N LEU A 42 -8.39 0.72 -1.43
CA LEU A 42 -7.15 1.10 -0.77
C LEU A 42 -6.53 2.35 -1.44
N LEU A 43 -6.50 2.41 -2.77
CA LEU A 43 -5.96 3.55 -3.53
C LEU A 43 -6.69 4.86 -3.20
N GLN A 44 -8.03 4.86 -3.26
CA GLN A 44 -8.84 6.06 -3.01
C GLN A 44 -8.71 6.57 -1.57
N MET A 45 -8.27 5.72 -0.62
CA MET A 45 -8.07 6.08 0.79
C MET A 45 -6.65 6.57 1.10
N PHE A 46 -5.64 6.13 0.32
CA PHE A 46 -4.23 6.49 0.48
C PHE A 46 -3.74 7.60 -0.50
N MET A 47 -4.52 7.90 -1.55
CA MET A 47 -4.33 9.06 -2.46
C MET A 47 -3.99 10.40 -1.78
N PRO A 48 -4.63 10.80 -0.65
CA PRO A 48 -4.42 12.12 -0.02
C PRO A 48 -2.99 12.42 0.47
N PHE A 49 -2.12 11.41 0.60
CA PHE A 49 -0.80 11.56 1.24
C PHE A 49 0.37 11.71 0.25
N GLY A 50 0.11 11.61 -1.06
CA GLY A 50 1.10 11.81 -2.13
C GLY A 50 0.92 10.89 -3.34
N ASN A 51 1.90 10.91 -4.25
CA ASN A 51 1.89 10.13 -5.49
C ASN A 51 2.02 8.61 -5.21
N VAL A 52 0.91 7.88 -5.37
CA VAL A 52 0.85 6.41 -5.30
C VAL A 52 1.19 5.83 -6.68
N VAL A 53 2.25 5.02 -6.71
CA VAL A 53 2.76 4.31 -7.90
C VAL A 53 1.96 3.03 -8.16
N SER A 54 1.51 2.34 -7.10
CA SER A 54 0.77 1.07 -7.18
C SER A 54 0.11 0.71 -5.84
N ALA A 55 -1.13 0.22 -5.85
CA ALA A 55 -1.89 -0.12 -4.65
C ALA A 55 -2.56 -1.49 -4.80
N LYS A 56 -2.50 -2.31 -3.74
CA LYS A 56 -2.89 -3.72 -3.78
C LYS A 56 -3.43 -4.22 -2.44
N VAL A 57 -4.55 -4.93 -2.44
CA VAL A 57 -5.05 -5.71 -1.30
C VAL A 57 -4.82 -7.18 -1.69
N PHE A 58 -4.19 -7.96 -0.80
CA PHE A 58 -3.84 -9.34 -1.09
C PHE A 58 -5.10 -10.22 -1.05
N ILE A 59 -5.45 -10.79 -2.20
CA ILE A 59 -6.73 -11.47 -2.45
C ILE A 59 -6.47 -12.85 -3.07
N ASP A 60 -7.13 -13.87 -2.54
CA ASP A 60 -6.93 -15.26 -2.95
C ASP A 60 -7.41 -15.50 -4.40
N LYS A 61 -6.51 -16.02 -5.23
CA LYS A 61 -6.75 -16.26 -6.66
C LYS A 61 -7.86 -17.28 -6.98
N GLN A 62 -8.34 -18.04 -5.97
CA GLN A 62 -9.34 -19.10 -6.12
C GLN A 62 -10.77 -18.64 -5.80
N THR A 63 -10.92 -17.62 -4.93
CA THR A 63 -12.22 -17.21 -4.35
C THR A 63 -12.50 -15.70 -4.39
N ASN A 64 -11.49 -14.89 -4.70
CA ASN A 64 -11.55 -13.42 -4.70
C ASN A 64 -11.85 -12.79 -3.32
N LEU A 65 -11.62 -13.54 -2.23
CA LEU A 65 -11.68 -13.05 -0.84
C LEU A 65 -10.35 -12.39 -0.45
N SER A 66 -10.41 -11.28 0.27
CA SER A 66 -9.23 -10.61 0.82
C SER A 66 -8.69 -11.36 2.05
N LYS A 67 -7.36 -11.49 2.15
CA LYS A 67 -6.64 -11.97 3.35
C LYS A 67 -6.50 -10.88 4.43
N CYS A 68 -7.17 -9.73 4.27
CA CYS A 68 -7.26 -8.64 5.25
C CYS A 68 -5.94 -7.83 5.38
N PHE A 69 -5.01 -7.99 4.43
CA PHE A 69 -3.73 -7.27 4.37
C PHE A 69 -3.46 -6.72 2.97
N GLY A 70 -2.76 -5.58 2.90
CA GLY A 70 -2.52 -4.83 1.66
C GLY A 70 -1.22 -4.00 1.67
N PHE A 71 -0.98 -3.30 0.56
CA PHE A 71 0.26 -2.62 0.22
C PHE A 71 0.00 -1.35 -0.59
N VAL A 72 0.87 -0.35 -0.44
CA VAL A 72 0.83 0.91 -1.20
C VAL A 72 2.27 1.37 -1.49
N SER A 73 2.59 1.54 -2.76
CA SER A 73 3.90 2.05 -3.23
C SER A 73 3.82 3.56 -3.47
N TYR A 74 4.62 4.35 -2.76
CA TYR A 74 4.82 5.78 -3.06
C TYR A 74 6.08 5.99 -3.91
N ASP A 75 6.22 7.18 -4.52
CA ASP A 75 7.45 7.58 -5.22
C ASP A 75 8.56 8.11 -4.30
N ASN A 76 8.28 8.23 -2.99
CA ASN A 76 9.19 8.76 -1.97
C ASN A 76 8.79 8.31 -0.54
N PRO A 77 9.70 8.37 0.44
CA PRO A 77 9.45 7.86 1.80
C PRO A 77 8.70 8.85 2.72
N VAL A 78 8.60 10.13 2.37
CA VAL A 78 7.90 11.15 3.17
C VAL A 78 6.38 11.02 2.98
N SER A 79 5.90 10.71 1.77
CA SER A 79 4.48 10.44 1.51
C SER A 79 4.03 9.13 2.17
N ALA A 80 4.89 8.10 2.17
CA ALA A 80 4.69 6.85 2.92
C ALA A 80 4.58 7.11 4.42
N GLN A 81 5.53 7.84 5.03
CA GLN A 81 5.47 8.24 6.44
C GLN A 81 4.21 9.03 6.78
N ALA A 82 3.82 10.02 5.96
CA ALA A 82 2.60 10.81 6.17
C ALA A 82 1.32 9.95 6.15
N ALA A 83 1.30 8.90 5.31
CA ALA A 83 0.21 7.93 5.29
C ALA A 83 0.20 7.01 6.53
N ILE A 84 1.37 6.54 7.02
CA ILE A 84 1.45 5.77 8.28
C ILE A 84 0.90 6.60 9.44
N GLN A 85 1.34 7.86 9.51
CA GLN A 85 1.04 8.78 10.60
C GLN A 85 -0.43 9.25 10.62
N SER A 86 -1.19 9.04 9.54
CA SER A 86 -2.64 9.30 9.50
C SER A 86 -3.50 8.01 9.53
N MET A 87 -3.08 6.94 8.84
CA MET A 87 -3.90 5.74 8.62
C MET A 87 -3.73 4.66 9.71
N ASN A 88 -2.65 4.68 10.50
CA ASN A 88 -2.46 3.73 11.60
C ASN A 88 -3.47 4.02 12.74
N GLY A 89 -4.36 3.06 13.00
CA GLY A 89 -5.50 3.18 13.92
C GLY A 89 -6.78 3.70 13.28
N PHE A 90 -6.82 3.92 11.95
CA PHE A 90 -8.03 4.34 11.23
C PHE A 90 -9.11 3.25 11.35
N GLN A 91 -10.31 3.61 11.78
CA GLN A 91 -11.39 2.65 11.99
C GLN A 91 -12.29 2.59 10.76
N ILE A 92 -12.50 1.38 10.22
CA ILE A 92 -13.26 1.12 8.99
C ILE A 92 -14.20 -0.07 9.23
N GLY A 93 -15.51 0.14 9.08
CA GLY A 93 -16.53 -0.83 9.48
C GLY A 93 -16.54 -0.99 11.01
N MET A 94 -15.89 -2.05 11.48
CA MET A 94 -15.67 -2.38 12.91
C MET A 94 -14.19 -2.68 13.23
N LYS A 95 -13.27 -2.42 12.29
CA LYS A 95 -11.85 -2.80 12.35
C LYS A 95 -10.94 -1.56 12.43
N ARG A 96 -9.93 -1.57 13.31
CA ARG A 96 -8.86 -0.55 13.32
C ARG A 96 -7.64 -1.06 12.56
N LEU A 97 -7.21 -0.31 11.53
CA LEU A 97 -6.15 -0.70 10.61
C LEU A 97 -4.76 -0.51 11.21
N LYS A 98 -3.94 -1.56 11.17
CA LYS A 98 -2.50 -1.44 11.46
C LYS A 98 -1.81 -0.99 10.16
N VAL A 99 -0.97 0.05 10.21
CA VAL A 99 -0.22 0.56 9.04
C VAL A 99 1.23 0.84 9.43
N GLN A 100 2.16 0.45 8.55
CA GLN A 100 3.60 0.40 8.79
C GLN A 100 4.36 0.32 7.45
N LEU A 101 5.69 0.26 7.50
CA LEU A 101 6.52 -0.05 6.34
C LEU A 101 6.49 -1.56 6.03
N LYS A 102 6.76 -1.91 4.77
CA LYS A 102 6.82 -3.30 4.27
C LYS A 102 7.95 -4.14 4.92
N ARG A 103 7.72 -5.43 5.12
CA ARG A 103 8.72 -6.41 5.59
C ARG A 103 9.80 -6.69 4.53
N SER A 104 11.04 -6.85 4.98
CA SER A 104 12.17 -7.36 4.19
C SER A 104 12.43 -8.83 4.55
N LYS A 105 12.79 -9.67 3.57
CA LYS A 105 12.84 -11.13 3.70
C LYS A 105 14.04 -11.74 2.94
N ASN A 106 14.64 -12.79 3.53
CA ASN A 106 15.77 -13.56 2.99
C ASN A 106 15.81 -15.00 3.56
N ASP A 107 16.59 -15.88 2.93
CA ASP A 107 16.74 -17.29 3.31
C ASP A 107 18.10 -17.84 2.85
N SER A 108 18.76 -18.60 3.73
CA SER A 108 20.13 -19.10 3.57
C SER A 108 20.50 -20.08 4.70
N LYS A 109 21.43 -20.99 4.43
CA LYS A 109 22.08 -21.84 5.44
C LYS A 109 22.74 -21.02 6.58
N SER A 110 23.20 -19.81 6.26
CA SER A 110 24.01 -18.96 7.15
C SER A 110 23.29 -17.66 7.59
N GLY A 111 22.00 -17.51 7.26
CA GLY A 111 21.17 -16.35 7.64
C GLY A 111 21.39 -15.11 6.76
N PRO A 112 21.07 -13.90 7.27
CA PRO A 112 21.23 -12.63 6.55
C PRO A 112 22.64 -12.38 6.02
N SER A 113 22.73 -11.68 4.88
CA SER A 113 23.98 -11.45 4.14
C SER A 113 25.07 -10.72 4.95
N SER A 114 26.31 -11.23 4.91
CA SER A 114 27.46 -10.69 5.65
C SER A 114 28.22 -9.56 4.90
N GLY A 115 27.86 -9.28 3.64
CA GLY A 115 28.44 -8.23 2.79
C GLY A 115 27.88 -8.22 1.36
N GLY A 1 -15.27 21.72 -18.05
CA GLY A 1 -14.48 21.41 -16.84
C GLY A 1 -14.20 22.65 -16.00
N SER A 2 -13.34 22.52 -14.99
CA SER A 2 -13.00 23.57 -14.02
C SER A 2 -11.70 23.24 -13.25
N SER A 3 -11.07 24.23 -12.62
CA SER A 3 -9.82 24.12 -11.87
C SER A 3 -9.59 25.33 -10.93
N GLY A 4 -8.67 25.21 -9.98
CA GLY A 4 -8.32 26.26 -9.01
C GLY A 4 -9.27 26.33 -7.81
N SER A 5 -9.17 27.43 -7.06
CA SER A 5 -10.00 27.79 -5.87
C SER A 5 -9.76 26.94 -4.61
N SER A 6 -8.93 25.90 -4.69
CA SER A 6 -8.56 24.96 -3.61
C SER A 6 -7.38 24.06 -4.05
N GLY A 7 -6.59 23.57 -3.09
CA GLY A 7 -5.52 22.58 -3.32
C GLY A 7 -6.06 21.14 -3.35
N LEU A 8 -5.31 20.24 -3.98
CA LEU A 8 -5.67 18.82 -4.17
C LEU A 8 -4.42 17.97 -4.45
N THR A 9 -4.33 16.80 -3.81
CA THR A 9 -3.28 15.79 -4.03
C THR A 9 -3.33 15.24 -5.45
N GLN A 10 -2.18 15.22 -6.11
CA GLN A 10 -2.03 14.74 -7.48
C GLN A 10 -1.76 13.22 -7.51
N GLN A 11 -2.21 12.54 -8.56
CA GLN A 11 -2.24 11.08 -8.64
C GLN A 11 -2.14 10.62 -10.10
N SER A 12 -1.25 9.68 -10.39
CA SER A 12 -1.09 9.07 -11.73
C SER A 12 -2.02 7.86 -11.95
N ILE A 13 -2.33 7.56 -13.21
CA ILE A 13 -3.29 6.51 -13.62
C ILE A 13 -2.60 5.15 -13.76
N GLY A 14 -3.30 4.06 -13.39
CA GLY A 14 -2.83 2.66 -13.53
C GLY A 14 -2.31 2.02 -12.25
N ALA A 15 -2.61 2.61 -11.10
CA ALA A 15 -2.10 2.19 -9.79
C ALA A 15 -2.93 1.08 -9.12
N ALA A 16 -4.09 0.69 -9.67
CA ALA A 16 -4.96 -0.38 -9.15
C ALA A 16 -5.07 -1.53 -10.17
N GLY A 17 -4.96 -2.75 -9.65
CA GLY A 17 -4.80 -3.98 -10.46
C GLY A 17 -3.34 -4.21 -10.85
N SER A 18 -2.43 -3.69 -10.04
CA SER A 18 -0.99 -3.57 -10.26
C SER A 18 -0.24 -3.80 -8.93
N GLN A 19 1.07 -4.05 -8.99
CA GLN A 19 1.89 -4.40 -7.82
C GLN A 19 3.29 -3.78 -7.85
N LYS A 20 3.48 -2.68 -8.60
CA LYS A 20 4.77 -2.00 -8.74
C LYS A 20 5.27 -1.47 -7.38
N GLU A 21 6.35 -2.05 -6.87
CA GLU A 21 6.85 -1.79 -5.51
C GLU A 21 7.59 -0.45 -5.44
N GLY A 22 7.48 0.24 -4.29
CA GLY A 22 8.11 1.54 -4.05
C GLY A 22 9.58 1.42 -3.63
N PRO A 23 10.39 2.51 -3.74
CA PRO A 23 11.78 2.54 -3.30
C PRO A 23 11.90 2.51 -1.77
N GLU A 24 13.13 2.52 -1.25
CA GLU A 24 13.45 2.42 0.18
C GLU A 24 12.72 3.49 1.01
N GLY A 25 11.98 3.04 2.04
CA GLY A 25 11.18 3.89 2.93
C GLY A 25 9.86 4.38 2.34
N ALA A 26 9.58 4.06 1.07
CA ALA A 26 8.42 4.53 0.29
C ALA A 26 7.44 3.41 -0.07
N ASN A 27 7.41 2.34 0.73
CA ASN A 27 6.58 1.15 0.53
C ASN A 27 5.94 0.69 1.85
N LEU A 28 4.65 0.34 1.80
CA LEU A 28 3.80 0.09 2.97
C LEU A 28 3.06 -1.23 2.89
N PHE A 29 2.84 -1.80 4.07
CA PHE A 29 1.99 -2.95 4.37
C PHE A 29 0.87 -2.49 5.32
N ILE A 30 -0.36 -2.91 5.00
CA ILE A 30 -1.61 -2.58 5.68
C ILE A 30 -2.27 -3.89 6.13
N TYR A 31 -2.82 -3.94 7.35
CA TYR A 31 -3.51 -5.11 7.92
C TYR A 31 -4.82 -4.70 8.61
N HIS A 32 -5.74 -5.65 8.78
CA HIS A 32 -7.10 -5.50 9.35
C HIS A 32 -8.11 -4.82 8.39
N LEU A 33 -7.94 -4.95 7.06
CA LEU A 33 -8.87 -4.43 6.05
C LEU A 33 -10.21 -5.21 6.04
N PRO A 34 -11.30 -4.63 5.50
CA PRO A 34 -12.53 -5.36 5.20
C PRO A 34 -12.26 -6.45 4.15
N GLN A 35 -12.96 -7.58 4.22
CA GLN A 35 -12.76 -8.68 3.26
C GLN A 35 -13.41 -8.42 1.88
N GLU A 36 -14.19 -7.34 1.75
CA GLU A 36 -14.79 -6.87 0.49
C GLU A 36 -14.00 -5.73 -0.18
N PHE A 37 -12.88 -5.29 0.41
CA PHE A 37 -12.08 -4.15 -0.05
C PHE A 37 -11.23 -4.51 -1.27
N GLY A 38 -11.26 -3.66 -2.31
CA GLY A 38 -10.50 -3.82 -3.56
C GLY A 38 -9.26 -2.94 -3.65
N ASP A 39 -8.47 -3.17 -4.71
CA ASP A 39 -7.22 -2.45 -4.99
C ASP A 39 -7.45 -0.93 -5.19
N GLN A 40 -8.58 -0.57 -5.80
CA GLN A 40 -8.95 0.83 -6.06
C GLN A 40 -9.59 1.51 -4.83
N ASP A 41 -10.14 0.74 -3.88
CA ASP A 41 -10.59 1.28 -2.58
C ASP A 41 -9.39 1.65 -1.71
N LEU A 42 -8.35 0.79 -1.70
CA LEU A 42 -7.08 1.06 -1.02
C LEU A 42 -6.36 2.25 -1.65
N LEU A 43 -6.42 2.40 -2.97
CA LEU A 43 -5.89 3.56 -3.69
C LEU A 43 -6.57 4.85 -3.26
N GLN A 44 -7.89 4.93 -3.35
CA GLN A 44 -8.67 6.13 -3.01
C GLN A 44 -8.53 6.54 -1.54
N MET A 45 -8.27 5.58 -0.65
CA MET A 45 -8.06 5.82 0.79
C MET A 45 -6.64 6.33 1.11
N PHE A 46 -5.65 6.04 0.27
CA PHE A 46 -4.25 6.46 0.42
C PHE A 46 -3.82 7.64 -0.48
N MET A 47 -4.62 8.00 -1.49
CA MET A 47 -4.47 9.22 -2.31
C MET A 47 -4.19 10.52 -1.51
N PRO A 48 -4.87 10.81 -0.36
CA PRO A 48 -4.66 12.01 0.44
C PRO A 48 -3.25 12.28 0.99
N PHE A 49 -2.33 11.31 0.87
CA PHE A 49 -0.98 11.41 1.46
C PHE A 49 0.14 11.59 0.40
N GLY A 50 -0.22 11.60 -0.89
CA GLY A 50 0.70 11.80 -2.04
C GLY A 50 0.38 10.90 -3.23
N ASN A 51 1.18 11.00 -4.29
CA ASN A 51 1.01 10.17 -5.49
C ASN A 51 1.37 8.69 -5.20
N VAL A 52 0.37 7.82 -5.25
CA VAL A 52 0.53 6.37 -5.07
C VAL A 52 1.02 5.76 -6.39
N VAL A 53 2.14 5.04 -6.33
CA VAL A 53 2.74 4.31 -7.47
C VAL A 53 1.92 3.06 -7.77
N SER A 54 1.50 2.32 -6.74
CA SER A 54 0.63 1.14 -6.87
C SER A 54 -0.05 0.80 -5.54
N ALA A 55 -1.28 0.29 -5.56
CA ALA A 55 -2.04 -0.14 -4.38
C ALA A 55 -2.72 -1.48 -4.65
N LYS A 56 -2.65 -2.39 -3.67
CA LYS A 56 -3.12 -3.76 -3.83
C LYS A 56 -3.57 -4.40 -2.51
N VAL A 57 -4.75 -5.03 -2.51
CA VAL A 57 -5.23 -5.90 -1.43
C VAL A 57 -4.87 -7.34 -1.84
N PHE A 58 -4.31 -8.13 -0.93
CA PHE A 58 -3.87 -9.49 -1.23
C PHE A 58 -5.07 -10.44 -1.32
N ILE A 59 -5.23 -11.07 -2.49
CA ILE A 59 -6.34 -11.99 -2.81
C ILE A 59 -5.78 -13.40 -3.04
N ASP A 60 -6.35 -14.39 -2.37
CA ASP A 60 -6.01 -15.80 -2.55
C ASP A 60 -6.40 -16.28 -3.96
N LYS A 61 -5.44 -16.78 -4.73
CA LYS A 61 -5.62 -17.15 -6.14
C LYS A 61 -6.28 -18.53 -6.38
N GLN A 62 -6.72 -19.23 -5.33
CA GLN A 62 -7.47 -20.50 -5.42
C GLN A 62 -8.95 -20.35 -5.06
N THR A 63 -9.30 -19.34 -4.26
CA THR A 63 -10.67 -19.10 -3.72
C THR A 63 -11.23 -17.72 -4.04
N ASN A 64 -10.40 -16.79 -4.53
CA ASN A 64 -10.73 -15.39 -4.85
C ASN A 64 -11.09 -14.54 -3.62
N LEU A 65 -10.74 -14.98 -2.41
CA LEU A 65 -11.02 -14.30 -1.14
C LEU A 65 -9.89 -13.35 -0.74
N SER A 66 -10.24 -12.20 -0.16
CA SER A 66 -9.25 -11.31 0.45
C SER A 66 -8.69 -11.92 1.76
N LYS A 67 -7.40 -11.69 2.01
CA LYS A 67 -6.73 -12.06 3.26
C LYS A 67 -6.74 -10.93 4.32
N CYS A 68 -7.48 -9.84 4.07
CA CYS A 68 -7.60 -8.66 4.97
C CYS A 68 -6.27 -7.90 5.19
N PHE A 69 -5.27 -8.12 4.33
CA PHE A 69 -4.00 -7.41 4.30
C PHE A 69 -3.67 -6.95 2.87
N GLY A 70 -2.96 -5.83 2.76
CA GLY A 70 -2.65 -5.15 1.51
C GLY A 70 -1.37 -4.32 1.58
N PHE A 71 -1.10 -3.58 0.52
CA PHE A 71 0.16 -2.89 0.27
C PHE A 71 -0.06 -1.61 -0.56
N VAL A 72 0.79 -0.61 -0.33
CA VAL A 72 0.75 0.69 -1.02
C VAL A 72 2.18 1.22 -1.22
N SER A 73 2.50 1.69 -2.41
CA SER A 73 3.80 2.27 -2.76
C SER A 73 3.69 3.75 -3.19
N TYR A 74 4.70 4.55 -2.87
CA TYR A 74 4.80 5.97 -3.21
C TYR A 74 6.11 6.28 -3.97
N ASP A 75 6.17 7.45 -4.62
CA ASP A 75 7.36 7.93 -5.34
C ASP A 75 8.46 8.48 -4.40
N ASN A 76 8.15 8.65 -3.10
CA ASN A 76 9.04 9.19 -2.08
C ASN A 76 8.67 8.69 -0.66
N PRO A 77 9.60 8.73 0.31
CA PRO A 77 9.38 8.16 1.64
C PRO A 77 8.56 9.06 2.58
N VAL A 78 8.47 10.37 2.32
CA VAL A 78 7.70 11.30 3.17
C VAL A 78 6.19 11.06 3.01
N SER A 79 5.72 10.75 1.80
CA SER A 79 4.32 10.39 1.55
C SER A 79 3.92 9.07 2.23
N ALA A 80 4.81 8.07 2.23
CA ALA A 80 4.61 6.80 2.92
C ALA A 80 4.59 6.98 4.46
N GLN A 81 5.56 7.70 5.03
CA GLN A 81 5.60 8.06 6.45
C GLN A 81 4.35 8.85 6.89
N ALA A 82 3.91 9.82 6.10
CA ALA A 82 2.66 10.56 6.35
C ALA A 82 1.42 9.65 6.35
N ALA A 83 1.38 8.64 5.48
CA ALA A 83 0.30 7.66 5.46
C ALA A 83 0.34 6.71 6.68
N ILE A 84 1.53 6.32 7.18
CA ILE A 84 1.65 5.56 8.45
C ILE A 84 1.05 6.38 9.61
N GLN A 85 1.44 7.65 9.69
CA GLN A 85 1.00 8.58 10.74
C GLN A 85 -0.49 8.91 10.67
N SER A 86 -1.13 8.77 9.50
CA SER A 86 -2.55 9.07 9.30
C SER A 86 -3.47 7.82 9.33
N MET A 87 -2.95 6.63 8.98
CA MET A 87 -3.76 5.42 8.76
C MET A 87 -3.54 4.31 9.81
N ASN A 88 -2.45 4.34 10.57
CA ASN A 88 -2.27 3.40 11.68
C ASN A 88 -3.24 3.74 12.83
N GLY A 89 -4.22 2.87 13.07
CA GLY A 89 -5.33 3.07 14.02
C GLY A 89 -6.62 3.61 13.38
N PHE A 90 -6.67 3.79 12.05
CA PHE A 90 -7.86 4.27 11.33
C PHE A 90 -9.02 3.28 11.45
N GLN A 91 -10.17 3.71 11.96
CA GLN A 91 -11.34 2.85 12.13
C GLN A 91 -12.06 2.64 10.78
N ILE A 92 -12.40 1.38 10.48
CA ILE A 92 -13.07 0.96 9.24
C ILE A 92 -13.99 -0.24 9.54
N GLY A 93 -15.26 -0.15 9.15
CA GLY A 93 -16.29 -1.13 9.52
C GLY A 93 -16.52 -1.13 11.04
N MET A 94 -16.01 -2.17 11.72
CA MET A 94 -16.13 -2.39 13.17
C MET A 94 -14.75 -2.65 13.83
N LYS A 95 -13.65 -2.28 13.16
CA LYS A 95 -12.26 -2.58 13.53
C LYS A 95 -11.29 -1.44 13.14
N ARG A 96 -10.00 -1.56 13.47
CA ARG A 96 -8.96 -0.55 13.20
C ARG A 96 -7.81 -1.11 12.35
N LEU A 97 -7.38 -0.34 11.35
CA LEU A 97 -6.24 -0.64 10.49
C LEU A 97 -4.91 -0.56 11.24
N LYS A 98 -3.93 -1.33 10.74
CA LYS A 98 -2.54 -1.36 11.21
C LYS A 98 -1.64 -1.14 9.98
N VAL A 99 -0.70 -0.19 10.04
CA VAL A 99 0.07 0.27 8.86
C VAL A 99 1.52 0.58 9.24
N GLN A 100 2.46 0.15 8.40
CA GLN A 100 3.91 0.20 8.62
C GLN A 100 4.68 -0.05 7.32
N LEU A 101 5.99 0.16 7.31
CA LEU A 101 6.86 -0.15 6.15
C LEU A 101 6.88 -1.67 5.89
N LYS A 102 6.85 -2.09 4.62
CA LYS A 102 6.79 -3.51 4.24
C LYS A 102 8.17 -4.21 4.24
N ARG A 103 8.18 -5.56 4.25
CA ARG A 103 9.41 -6.40 4.32
C ARG A 103 10.24 -6.37 3.02
N SER A 104 11.46 -6.88 3.08
CA SER A 104 12.33 -7.15 1.92
C SER A 104 13.03 -8.51 2.08
N LYS A 105 13.06 -9.32 1.02
CA LYS A 105 13.51 -10.72 1.07
C LYS A 105 15.04 -10.91 0.95
N ASN A 106 15.75 -9.93 0.41
CA ASN A 106 17.20 -9.99 0.11
C ASN A 106 17.82 -8.60 -0.08
N ASP A 107 19.07 -8.43 0.33
CA ASP A 107 19.86 -7.19 0.26
C ASP A 107 21.37 -7.50 0.40
N SER A 108 22.21 -6.71 -0.27
CA SER A 108 23.68 -6.87 -0.28
C SER A 108 24.38 -5.60 -0.77
N LYS A 109 25.56 -5.31 -0.20
CA LYS A 109 26.46 -4.24 -0.66
C LYS A 109 27.35 -4.67 -1.84
N SER A 110 27.30 -5.95 -2.25
CA SER A 110 28.03 -6.60 -3.36
C SER A 110 29.54 -6.80 -3.13
N GLY A 111 30.01 -6.55 -1.89
CA GLY A 111 31.43 -6.68 -1.49
C GLY A 111 32.02 -8.10 -1.53
N PRO A 112 31.31 -9.15 -1.06
CA PRO A 112 31.80 -10.53 -1.07
C PRO A 112 32.11 -11.05 -2.47
N SER A 113 33.22 -11.78 -2.62
CA SER A 113 33.67 -12.33 -3.92
C SER A 113 32.86 -13.58 -4.36
N SER A 114 31.95 -14.07 -3.52
CA SER A 114 31.00 -15.15 -3.81
C SER A 114 29.68 -14.67 -4.46
N GLY A 115 29.49 -13.34 -4.61
CA GLY A 115 28.31 -12.71 -5.22
C GLY A 115 28.32 -12.76 -6.76
N GLY A 1 1.90 -11.94 -25.40
CA GLY A 1 3.03 -11.07 -25.01
C GLY A 1 2.92 -10.60 -23.57
N SER A 2 4.02 -10.17 -22.96
CA SER A 2 4.10 -9.78 -21.54
C SER A 2 5.24 -8.78 -21.27
N SER A 3 5.61 -7.96 -22.26
CA SER A 3 6.81 -7.11 -22.24
C SER A 3 6.72 -5.84 -21.35
N GLY A 4 5.52 -5.52 -20.84
CA GLY A 4 5.29 -4.40 -19.91
C GLY A 4 5.25 -3.01 -20.57
N SER A 5 5.28 -2.94 -21.90
CA SER A 5 5.37 -1.69 -22.67
C SER A 5 4.09 -0.82 -22.61
N SER A 6 2.95 -1.37 -22.17
CA SER A 6 1.68 -0.65 -22.01
C SER A 6 1.73 0.46 -20.93
N GLY A 7 2.73 0.42 -20.03
CA GLY A 7 2.98 1.43 -19.00
C GLY A 7 4.14 2.39 -19.31
N LEU A 8 4.81 2.26 -20.46
CA LEU A 8 6.07 2.95 -20.78
C LEU A 8 5.95 4.49 -20.90
N THR A 9 4.71 4.99 -21.02
CA THR A 9 4.33 6.42 -21.10
C THR A 9 4.04 7.05 -19.75
N GLN A 10 4.14 6.32 -18.64
CA GLN A 10 3.69 6.71 -17.30
C GLN A 10 4.41 5.90 -16.20
N GLN A 11 3.91 5.91 -14.96
CA GLN A 11 4.61 5.31 -13.80
C GLN A 11 4.24 3.85 -13.51
N SER A 12 3.24 3.27 -14.18
CA SER A 12 2.74 1.90 -13.97
C SER A 12 1.75 1.48 -15.07
N ILE A 13 1.07 0.32 -14.91
CA ILE A 13 -0.05 -0.12 -15.77
C ILE A 13 -1.37 0.61 -15.44
N GLY A 14 -1.41 1.42 -14.37
CA GLY A 14 -2.59 2.15 -13.87
C GLY A 14 -2.82 2.06 -12.35
N ALA A 15 -1.77 1.68 -11.60
CA ALA A 15 -1.64 1.60 -10.14
C ALA A 15 -2.48 0.49 -9.46
N ALA A 16 -3.72 0.31 -9.87
CA ALA A 16 -4.69 -0.60 -9.24
C ALA A 16 -4.48 -2.06 -9.64
N GLY A 17 -4.22 -2.90 -8.63
CA GLY A 17 -3.89 -4.32 -8.80
C GLY A 17 -2.45 -4.55 -9.26
N SER A 18 -1.64 -3.49 -9.33
CA SER A 18 -0.26 -3.55 -9.84
C SER A 18 0.69 -4.17 -8.81
N GLN A 19 1.61 -5.01 -9.28
CA GLN A 19 2.63 -5.68 -8.48
C GLN A 19 3.91 -4.82 -8.37
N LYS A 20 3.91 -3.59 -8.89
CA LYS A 20 5.09 -2.74 -9.00
C LYS A 20 5.47 -2.10 -7.66
N GLU A 21 6.28 -2.82 -6.88
CA GLU A 21 6.84 -2.36 -5.61
C GLU A 21 7.73 -1.11 -5.81
N GLY A 22 7.61 -0.14 -4.91
CA GLY A 22 8.38 1.11 -4.89
C GLY A 22 9.76 0.98 -4.21
N PRO A 23 10.48 2.10 -4.03
CA PRO A 23 11.82 2.13 -3.45
C PRO A 23 11.80 1.93 -1.93
N GLU A 24 12.99 1.78 -1.34
CA GLU A 24 13.19 1.57 0.10
C GLU A 24 12.58 2.71 0.94
N GLY A 25 11.72 2.35 1.89
CA GLY A 25 11.00 3.27 2.78
C GLY A 25 9.73 3.88 2.17
N ALA A 26 9.43 3.64 0.89
CA ALA A 26 8.23 4.11 0.20
C ALA A 26 7.11 3.06 0.11
N ASN A 27 7.34 1.84 0.59
CA ASN A 27 6.38 0.73 0.57
C ASN A 27 5.69 0.58 1.93
N LEU A 28 4.36 0.65 1.92
CA LEU A 28 3.49 0.44 3.08
C LEU A 28 2.81 -0.92 3.03
N PHE A 29 2.67 -1.51 4.22
CA PHE A 29 1.88 -2.69 4.51
C PHE A 29 0.72 -2.31 5.44
N ILE A 30 -0.49 -2.65 5.01
CA ILE A 30 -1.77 -2.38 5.67
C ILE A 30 -2.39 -3.73 6.07
N TYR A 31 -2.90 -3.83 7.29
CA TYR A 31 -3.50 -5.05 7.86
C TYR A 31 -4.79 -4.73 8.63
N HIS A 32 -5.73 -5.69 8.67
CA HIS A 32 -7.10 -5.64 9.22
C HIS A 32 -8.15 -5.07 8.21
N LEU A 33 -7.86 -5.10 6.91
CA LEU A 33 -8.78 -4.69 5.85
C LEU A 33 -10.04 -5.59 5.80
N PRO A 34 -11.20 -5.09 5.31
CA PRO A 34 -12.37 -5.90 5.00
C PRO A 34 -12.04 -7.02 4.00
N GLN A 35 -12.72 -8.17 4.10
CA GLN A 35 -12.52 -9.33 3.21
C GLN A 35 -13.09 -9.12 1.79
N GLU A 36 -13.61 -7.93 1.48
CA GLU A 36 -14.17 -7.54 0.18
C GLU A 36 -13.57 -6.22 -0.37
N PHE A 37 -12.50 -5.71 0.24
CA PHE A 37 -11.87 -4.44 -0.13
C PHE A 37 -11.11 -4.57 -1.47
N GLY A 38 -11.32 -3.63 -2.39
CA GLY A 38 -10.67 -3.59 -3.71
C GLY A 38 -9.41 -2.73 -3.73
N ASP A 39 -8.63 -2.88 -4.81
CA ASP A 39 -7.38 -2.15 -5.01
C ASP A 39 -7.59 -0.64 -5.19
N GLN A 40 -8.71 -0.25 -5.81
CA GLN A 40 -9.15 1.12 -5.97
C GLN A 40 -9.67 1.72 -4.66
N ASP A 41 -10.20 0.91 -3.73
CA ASP A 41 -10.63 1.37 -2.40
C ASP A 41 -9.40 1.69 -1.53
N LEU A 42 -8.35 0.86 -1.58
CA LEU A 42 -7.08 1.12 -0.92
C LEU A 42 -6.36 2.33 -1.53
N LEU A 43 -6.46 2.52 -2.85
CA LEU A 43 -5.92 3.71 -3.52
C LEU A 43 -6.63 4.99 -3.09
N GLN A 44 -7.96 5.03 -3.14
CA GLN A 44 -8.73 6.22 -2.77
C GLN A 44 -8.64 6.55 -1.26
N MET A 45 -8.33 5.54 -0.42
CA MET A 45 -8.02 5.71 1.00
C MET A 45 -6.66 6.42 1.23
N PHE A 46 -5.64 6.10 0.43
CA PHE A 46 -4.27 6.59 0.60
C PHE A 46 -3.88 7.77 -0.32
N MET A 47 -4.66 8.05 -1.39
CA MET A 47 -4.53 9.21 -2.29
C MET A 47 -4.17 10.56 -1.62
N PRO A 48 -4.75 10.94 -0.46
CA PRO A 48 -4.49 12.22 0.17
C PRO A 48 -3.05 12.50 0.63
N PHE A 49 -2.19 11.47 0.75
CA PHE A 49 -0.87 11.60 1.39
C PHE A 49 0.32 11.69 0.42
N GLY A 50 0.08 11.57 -0.90
CA GLY A 50 1.09 11.78 -1.96
C GLY A 50 0.86 10.98 -3.23
N ASN A 51 1.88 10.93 -4.10
CA ASN A 51 1.82 10.20 -5.37
C ASN A 51 2.01 8.68 -5.18
N VAL A 52 0.90 7.94 -5.26
CA VAL A 52 0.87 6.46 -5.22
C VAL A 52 1.24 5.90 -6.59
N VAL A 53 2.31 5.10 -6.65
CA VAL A 53 2.79 4.39 -7.85
C VAL A 53 2.01 3.08 -8.06
N SER A 54 1.58 2.43 -6.99
CA SER A 54 0.80 1.19 -7.04
C SER A 54 0.03 0.92 -5.73
N ALA A 55 -1.11 0.23 -5.83
CA ALA A 55 -1.96 -0.17 -4.72
C ALA A 55 -2.49 -1.59 -4.99
N LYS A 56 -2.33 -2.48 -4.00
CA LYS A 56 -2.55 -3.92 -4.16
C LYS A 56 -3.04 -4.56 -2.85
N VAL A 57 -4.33 -4.89 -2.77
CA VAL A 57 -4.90 -5.73 -1.71
C VAL A 57 -4.59 -7.18 -2.09
N PHE A 58 -4.21 -8.03 -1.13
CA PHE A 58 -3.93 -9.43 -1.39
C PHE A 58 -5.24 -10.23 -1.45
N ILE A 59 -5.57 -10.74 -2.65
CA ILE A 59 -6.85 -11.43 -2.96
C ILE A 59 -6.60 -12.92 -3.22
N ASP A 60 -7.45 -13.77 -2.66
CA ASP A 60 -7.49 -15.21 -2.93
C ASP A 60 -7.93 -15.50 -4.37
N LYS A 61 -7.12 -16.24 -5.13
CA LYS A 61 -7.33 -16.52 -6.56
C LYS A 61 -8.43 -17.56 -6.87
N GLN A 62 -9.15 -18.08 -5.87
CA GLN A 62 -10.24 -19.05 -6.03
C GLN A 62 -11.55 -18.61 -5.37
N THR A 63 -11.51 -17.88 -4.23
CA THR A 63 -12.71 -17.37 -3.54
C THR A 63 -12.97 -15.90 -3.78
N ASN A 64 -12.04 -15.17 -4.41
CA ASN A 64 -12.05 -13.73 -4.69
C ASN A 64 -12.11 -12.81 -3.44
N LEU A 65 -11.95 -13.37 -2.23
CA LEU A 65 -11.91 -12.63 -0.97
C LEU A 65 -10.53 -12.02 -0.70
N SER A 66 -10.52 -10.87 -0.03
CA SER A 66 -9.29 -10.28 0.52
C SER A 66 -8.86 -11.04 1.78
N LYS A 67 -7.55 -11.27 1.92
CA LYS A 67 -6.95 -11.93 3.08
C LYS A 67 -6.71 -10.99 4.29
N CYS A 68 -7.32 -9.79 4.26
CA CYS A 68 -7.25 -8.73 5.29
C CYS A 68 -5.92 -7.93 5.28
N PHE A 69 -5.05 -8.13 4.29
CA PHE A 69 -3.78 -7.41 4.16
C PHE A 69 -3.55 -6.90 2.73
N GLY A 70 -2.85 -5.77 2.61
CA GLY A 70 -2.56 -5.08 1.35
C GLY A 70 -1.38 -4.13 1.43
N PHE A 71 -1.08 -3.49 0.29
CA PHE A 71 0.14 -2.71 0.07
C PHE A 71 -0.15 -1.42 -0.70
N VAL A 72 0.65 -0.38 -0.43
CA VAL A 72 0.64 0.91 -1.14
C VAL A 72 2.08 1.36 -1.32
N SER A 73 2.48 1.65 -2.56
CA SER A 73 3.83 2.12 -2.90
C SER A 73 3.81 3.57 -3.38
N TYR A 74 4.58 4.44 -2.72
CA TYR A 74 4.80 5.82 -3.13
C TYR A 74 6.05 5.98 -4.01
N ASP A 75 6.19 7.17 -4.63
CA ASP A 75 7.42 7.56 -5.34
C ASP A 75 8.54 8.09 -4.42
N ASN A 76 8.27 8.22 -3.11
CA ASN A 76 9.21 8.74 -2.11
C ASN A 76 8.82 8.26 -0.68
N PRO A 77 9.76 8.28 0.29
CA PRO A 77 9.52 7.76 1.64
C PRO A 77 8.79 8.75 2.57
N VAL A 78 8.74 10.05 2.26
CA VAL A 78 8.07 11.06 3.11
C VAL A 78 6.56 10.95 2.98
N SER A 79 6.02 10.67 1.78
CA SER A 79 4.58 10.44 1.59
C SER A 79 4.11 9.15 2.27
N ALA A 80 4.93 8.09 2.24
CA ALA A 80 4.70 6.86 2.98
C ALA A 80 4.68 7.08 4.50
N GLN A 81 5.70 7.76 5.05
CA GLN A 81 5.77 8.12 6.47
C GLN A 81 4.58 8.98 6.94
N ALA A 82 4.19 9.98 6.15
CA ALA A 82 3.02 10.82 6.42
C ALA A 82 1.70 10.02 6.42
N ALA A 83 1.60 8.99 5.56
CA ALA A 83 0.44 8.10 5.53
C ALA A 83 0.39 7.15 6.74
N ILE A 84 1.52 6.63 7.22
CA ILE A 84 1.57 5.82 8.47
C ILE A 84 1.03 6.64 9.64
N GLN A 85 1.49 7.89 9.76
CA GLN A 85 1.10 8.83 10.80
C GLN A 85 -0.38 9.26 10.70
N SER A 86 -1.02 9.11 9.52
CA SER A 86 -2.42 9.47 9.29
C SER A 86 -3.39 8.28 9.32
N MET A 87 -2.92 7.05 9.07
CA MET A 87 -3.76 5.86 8.82
C MET A 87 -3.59 4.72 9.83
N ASN A 88 -2.52 4.70 10.64
CA ASN A 88 -2.36 3.68 11.67
C ASN A 88 -3.39 3.89 12.80
N GLY A 89 -4.35 2.97 12.91
CA GLY A 89 -5.52 3.03 13.79
C GLY A 89 -6.80 3.55 13.13
N PHE A 90 -6.84 3.71 11.79
CA PHE A 90 -8.05 4.12 11.06
C PHE A 90 -9.17 3.10 11.27
N GLN A 91 -10.30 3.52 11.84
CA GLN A 91 -11.43 2.61 12.08
C GLN A 91 -12.26 2.45 10.81
N ILE A 92 -12.54 1.19 10.44
CA ILE A 92 -13.34 0.81 9.29
C ILE A 92 -14.32 -0.30 9.74
N GLY A 93 -15.59 0.07 9.91
CA GLY A 93 -16.59 -0.78 10.57
C GLY A 93 -16.22 -0.96 12.05
N MET A 94 -15.97 -2.20 12.45
CA MET A 94 -15.48 -2.59 13.79
C MET A 94 -13.97 -2.88 13.84
N LYS A 95 -13.26 -2.82 12.70
CA LYS A 95 -11.81 -3.05 12.60
C LYS A 95 -11.03 -1.73 12.73
N ARG A 96 -9.77 -1.77 13.18
CA ARG A 96 -8.83 -0.66 13.12
C ARG A 96 -7.56 -1.07 12.37
N LEU A 97 -7.23 -0.34 11.31
CA LEU A 97 -6.16 -0.69 10.38
C LEU A 97 -4.78 -0.50 11.00
N LYS A 98 -3.98 -1.57 11.03
CA LYS A 98 -2.57 -1.52 11.39
C LYS A 98 -1.76 -1.15 10.12
N VAL A 99 -0.93 -0.10 10.18
CA VAL A 99 -0.21 0.44 9.02
C VAL A 99 1.23 0.75 9.41
N GLN A 100 2.17 0.36 8.54
CA GLN A 100 3.62 0.38 8.78
C GLN A 100 4.39 0.26 7.46
N LEU A 101 5.72 0.33 7.52
CA LEU A 101 6.59 0.00 6.39
C LEU A 101 6.56 -1.51 6.11
N LYS A 102 6.75 -1.88 4.84
CA LYS A 102 6.83 -3.28 4.38
C LYS A 102 8.03 -4.04 4.99
N ARG A 103 7.85 -5.36 5.22
CA ARG A 103 8.89 -6.30 5.66
C ARG A 103 10.04 -6.36 4.63
N SER A 104 11.27 -6.12 5.06
CA SER A 104 12.43 -5.98 4.16
C SER A 104 13.23 -7.28 3.95
N LYS A 105 13.01 -8.32 4.77
CA LYS A 105 13.70 -9.62 4.69
C LYS A 105 12.97 -10.75 5.45
N ASN A 106 13.19 -12.00 5.05
CA ASN A 106 12.51 -13.18 5.59
C ASN A 106 13.32 -13.93 6.67
N ASP A 107 14.66 -13.92 6.59
CA ASP A 107 15.55 -14.60 7.53
C ASP A 107 15.81 -13.82 8.83
N SER A 108 16.16 -14.53 9.90
CA SER A 108 16.50 -13.98 11.23
C SER A 108 17.20 -15.04 12.11
N LYS A 109 17.98 -14.57 13.10
CA LYS A 109 18.75 -15.41 14.04
C LYS A 109 19.19 -14.63 15.31
N SER A 110 19.48 -15.33 16.39
CA SER A 110 19.97 -14.74 17.65
C SER A 110 21.48 -14.44 17.57
N GLY A 111 21.87 -13.16 17.65
CA GLY A 111 23.26 -12.71 17.64
C GLY A 111 23.90 -12.62 19.04
N PRO A 112 25.23 -12.47 19.12
CA PRO A 112 25.95 -12.29 20.39
C PRO A 112 25.74 -10.88 20.96
N SER A 113 25.98 -10.72 22.26
CA SER A 113 25.80 -9.45 22.99
C SER A 113 26.48 -9.47 24.37
N SER A 114 26.28 -10.52 25.16
CA SER A 114 26.94 -10.81 26.45
C SER A 114 26.56 -9.85 27.61
N GLY A 115 25.55 -8.99 27.41
CA GLY A 115 25.06 -8.01 28.40
C GLY A 115 23.85 -7.22 27.88
N GLY A 1 8.10 3.24 -31.58
CA GLY A 1 7.03 4.25 -31.44
C GLY A 1 6.97 4.85 -30.04
N SER A 2 5.94 5.64 -29.75
CA SER A 2 5.71 6.32 -28.47
C SER A 2 4.25 6.82 -28.35
N SER A 3 3.88 7.36 -27.18
CA SER A 3 2.55 7.88 -26.86
C SER A 3 2.59 9.10 -25.90
N GLY A 4 3.78 9.70 -25.71
CA GLY A 4 4.01 10.80 -24.75
C GLY A 4 3.59 12.19 -25.24
N SER A 5 3.02 12.29 -26.44
CA SER A 5 2.60 13.55 -27.09
C SER A 5 1.39 14.22 -26.43
N SER A 6 0.71 13.55 -25.50
CA SER A 6 -0.35 14.14 -24.65
C SER A 6 0.20 14.98 -23.49
N GLY A 7 1.51 14.88 -23.20
CA GLY A 7 2.17 15.46 -22.02
C GLY A 7 2.10 14.57 -20.77
N LEU A 8 1.32 13.47 -20.81
CA LEU A 8 1.16 12.45 -19.76
C LEU A 8 0.68 13.02 -18.42
N THR A 9 0.77 12.21 -17.35
CA THR A 9 0.38 12.50 -15.96
C THR A 9 1.37 11.88 -14.98
N GLN A 10 1.36 12.33 -13.72
CA GLN A 10 2.26 11.81 -12.67
C GLN A 10 1.72 10.54 -11.98
N GLN A 11 0.46 10.17 -12.25
CA GLN A 11 -0.24 9.00 -11.72
C GLN A 11 -1.53 8.74 -12.53
N SER A 12 -2.17 7.60 -12.30
CA SER A 12 -3.51 7.23 -12.78
C SER A 12 -4.17 6.26 -11.79
N ILE A 13 -5.38 5.78 -12.10
CA ILE A 13 -6.11 4.73 -11.33
C ILE A 13 -5.60 3.32 -11.67
N GLY A 14 -4.80 3.20 -12.74
CA GLY A 14 -4.16 1.95 -13.21
C GLY A 14 -3.08 1.37 -12.29
N ALA A 15 -2.88 1.99 -11.13
CA ALA A 15 -2.08 1.51 -10.02
C ALA A 15 -2.71 0.32 -9.27
N ALA A 16 -4.01 0.03 -9.50
CA ALA A 16 -4.80 -0.99 -8.80
C ALA A 16 -4.56 -2.42 -9.31
N GLY A 17 -4.21 -3.30 -8.36
CA GLY A 17 -3.83 -4.70 -8.59
C GLY A 17 -2.35 -4.88 -8.93
N SER A 18 -1.65 -3.79 -9.22
CA SER A 18 -0.27 -3.78 -9.71
C SER A 18 0.76 -4.04 -8.59
N GLN A 19 1.99 -4.39 -8.98
CA GLN A 19 3.09 -4.73 -8.06
C GLN A 19 4.39 -3.99 -8.45
N LYS A 20 4.23 -2.78 -9.00
CA LYS A 20 5.35 -1.85 -9.24
C LYS A 20 5.78 -1.19 -7.93
N GLU A 21 6.63 -1.90 -7.20
CA GLU A 21 7.13 -1.50 -5.88
C GLU A 21 7.93 -0.18 -5.97
N GLY A 22 7.77 0.69 -4.97
CA GLY A 22 8.44 2.01 -4.88
C GLY A 22 9.86 1.94 -4.29
N PRO A 23 10.52 3.09 -4.10
CA PRO A 23 11.87 3.18 -3.57
C PRO A 23 11.94 2.87 -2.06
N GLU A 24 13.15 2.85 -1.51
CA GLU A 24 13.41 2.55 -0.09
C GLU A 24 12.63 3.49 0.85
N GLY A 25 11.83 2.91 1.75
CA GLY A 25 10.99 3.62 2.73
C GLY A 25 9.65 4.11 2.18
N ALA A 26 9.37 3.94 0.87
CA ALA A 26 8.13 4.37 0.23
C ALA A 26 7.05 3.27 0.14
N ASN A 27 7.37 2.03 0.55
CA ASN A 27 6.47 0.88 0.52
C ASN A 27 5.84 0.62 1.89
N LEU A 28 4.51 0.53 1.93
CA LEU A 28 3.72 0.26 3.12
C LEU A 28 2.99 -1.09 3.03
N PHE A 29 2.91 -1.76 4.18
CA PHE A 29 2.09 -2.92 4.45
C PHE A 29 0.89 -2.48 5.31
N ILE A 30 -0.32 -2.78 4.83
CA ILE A 30 -1.61 -2.43 5.44
C ILE A 30 -2.31 -3.74 5.82
N TYR A 31 -2.92 -3.79 7.01
CA TYR A 31 -3.50 -5.01 7.59
C TYR A 31 -4.74 -4.71 8.44
N HIS A 32 -5.66 -5.68 8.50
CA HIS A 32 -6.99 -5.65 9.14
C HIS A 32 -8.06 -4.92 8.28
N LEU A 33 -7.89 -4.94 6.95
CA LEU A 33 -8.85 -4.41 5.97
C LEU A 33 -10.22 -5.14 6.02
N PRO A 34 -11.31 -4.49 5.58
CA PRO A 34 -12.61 -5.15 5.38
C PRO A 34 -12.51 -6.26 4.31
N GLN A 35 -13.36 -7.29 4.42
CA GLN A 35 -13.41 -8.39 3.46
C GLN A 35 -13.93 -7.95 2.07
N GLU A 36 -14.68 -6.85 2.00
CA GLU A 36 -15.24 -6.27 0.77
C GLU A 36 -14.33 -5.22 0.10
N PHE A 37 -13.15 -4.92 0.67
CA PHE A 37 -12.28 -3.83 0.24
C PHE A 37 -11.43 -4.24 -0.98
N GLY A 38 -11.51 -3.46 -2.07
CA GLY A 38 -10.78 -3.70 -3.32
C GLY A 38 -9.49 -2.88 -3.44
N ASP A 39 -8.75 -3.13 -4.51
CA ASP A 39 -7.48 -2.47 -4.83
C ASP A 39 -7.64 -0.96 -5.09
N GLN A 40 -8.77 -0.58 -5.70
CA GLN A 40 -9.13 0.81 -5.98
C GLN A 40 -9.65 1.53 -4.72
N ASP A 41 -10.28 0.81 -3.79
CA ASP A 41 -10.70 1.37 -2.49
C ASP A 41 -9.48 1.69 -1.62
N LEU A 42 -8.47 0.82 -1.63
CA LEU A 42 -7.19 1.06 -0.97
C LEU A 42 -6.47 2.28 -1.57
N LEU A 43 -6.48 2.43 -2.89
CA LEU A 43 -5.92 3.59 -3.58
C LEU A 43 -6.62 4.88 -3.20
N GLN A 44 -7.96 4.92 -3.28
CA GLN A 44 -8.73 6.13 -2.97
C GLN A 44 -8.66 6.52 -1.49
N MET A 45 -8.33 5.59 -0.59
CA MET A 45 -8.12 5.85 0.83
C MET A 45 -6.71 6.38 1.16
N PHE A 46 -5.70 6.06 0.34
CA PHE A 46 -4.28 6.42 0.54
C PHE A 46 -3.74 7.54 -0.37
N MET A 47 -4.35 7.80 -1.53
CA MET A 47 -4.01 8.92 -2.43
C MET A 47 -3.96 10.33 -1.76
N PRO A 48 -4.82 10.66 -0.78
CA PRO A 48 -4.76 11.91 -0.02
C PRO A 48 -3.43 12.22 0.67
N PHE A 49 -2.52 11.25 0.82
CA PHE A 49 -1.22 11.41 1.48
C PHE A 49 -0.04 11.54 0.49
N GLY A 50 -0.28 11.41 -0.83
CA GLY A 50 0.71 11.59 -1.90
C GLY A 50 0.54 10.66 -3.10
N ASN A 51 1.48 10.75 -4.04
CA ASN A 51 1.48 9.97 -5.28
C ASN A 51 1.73 8.47 -5.01
N VAL A 52 0.78 7.62 -5.40
CA VAL A 52 0.82 6.16 -5.23
C VAL A 52 1.09 5.48 -6.58
N VAL A 53 2.22 4.78 -6.68
CA VAL A 53 2.73 4.11 -7.88
C VAL A 53 2.06 2.73 -8.07
N SER A 54 1.67 2.06 -6.99
CA SER A 54 0.85 0.83 -7.03
C SER A 54 0.12 0.59 -5.69
N ALA A 55 -1.05 -0.05 -5.76
CA ALA A 55 -1.88 -0.43 -4.62
C ALA A 55 -2.50 -1.81 -4.88
N LYS A 56 -2.40 -2.71 -3.89
CA LYS A 56 -2.71 -4.14 -4.08
C LYS A 56 -3.25 -4.78 -2.78
N VAL A 57 -4.46 -5.34 -2.81
CA VAL A 57 -5.04 -6.14 -1.72
C VAL A 57 -4.81 -7.62 -2.04
N PHE A 58 -4.39 -8.40 -1.04
CA PHE A 58 -4.05 -9.82 -1.21
C PHE A 58 -5.32 -10.70 -1.21
N ILE A 59 -5.60 -11.34 -2.34
CA ILE A 59 -6.77 -12.19 -2.58
C ILE A 59 -6.31 -13.63 -2.82
N ASP A 60 -6.83 -14.59 -2.06
CA ASP A 60 -6.38 -15.98 -2.06
C ASP A 60 -6.66 -16.69 -3.40
N LYS A 61 -5.63 -17.29 -3.99
CA LYS A 61 -5.70 -18.02 -5.26
C LYS A 61 -6.66 -19.24 -5.26
N GLN A 62 -7.08 -19.73 -4.08
CA GLN A 62 -7.88 -20.94 -3.92
C GLN A 62 -9.39 -20.66 -3.81
N THR A 63 -9.77 -19.48 -3.29
CA THR A 63 -11.17 -19.14 -2.91
C THR A 63 -11.65 -17.78 -3.42
N ASN A 64 -10.75 -16.93 -3.91
CA ASN A 64 -11.02 -15.55 -4.35
C ASN A 64 -11.45 -14.61 -3.19
N LEU A 65 -11.19 -15.00 -1.94
CA LEU A 65 -11.46 -14.19 -0.74
C LEU A 65 -10.24 -13.34 -0.35
N SER A 66 -10.48 -12.20 0.28
CA SER A 66 -9.41 -11.35 0.83
C SER A 66 -8.82 -11.95 2.11
N LYS A 67 -7.49 -11.87 2.26
CA LYS A 67 -6.79 -12.18 3.52
C LYS A 67 -6.64 -10.95 4.43
N CYS A 68 -7.34 -9.85 4.12
CA CYS A 68 -7.46 -8.64 4.94
C CYS A 68 -6.14 -7.85 5.09
N PHE A 69 -5.15 -8.09 4.22
CA PHE A 69 -3.90 -7.33 4.13
C PHE A 69 -3.58 -6.94 2.68
N GLY A 70 -2.73 -5.92 2.53
CA GLY A 70 -2.33 -5.36 1.24
C GLY A 70 -1.14 -4.41 1.32
N PHE A 71 -0.86 -3.73 0.21
CA PHE A 71 0.31 -2.89 -0.01
C PHE A 71 -0.06 -1.57 -0.66
N VAL A 72 0.72 -0.53 -0.34
CA VAL A 72 0.66 0.79 -1.00
C VAL A 72 2.10 1.28 -1.22
N SER A 73 2.45 1.51 -2.48
CA SER A 73 3.79 1.98 -2.89
C SER A 73 3.75 3.43 -3.33
N TYR A 74 4.36 4.33 -2.56
CA TYR A 74 4.47 5.76 -2.92
C TYR A 74 5.64 6.06 -3.85
N ASP A 75 5.62 7.24 -4.47
CA ASP A 75 6.72 7.79 -5.25
C ASP A 75 7.92 8.24 -4.39
N ASN A 76 7.73 8.37 -3.07
CA ASN A 76 8.73 8.88 -2.12
C ASN A 76 8.41 8.42 -0.67
N PRO A 77 9.40 8.46 0.27
CA PRO A 77 9.23 7.96 1.62
C PRO A 77 8.51 8.93 2.58
N VAL A 78 8.43 10.23 2.27
CA VAL A 78 7.75 11.22 3.13
C VAL A 78 6.23 11.05 3.03
N SER A 79 5.69 10.79 1.84
CA SER A 79 4.27 10.47 1.65
C SER A 79 3.86 9.16 2.34
N ALA A 80 4.73 8.14 2.29
CA ALA A 80 4.55 6.88 3.01
C ALA A 80 4.55 7.08 4.55
N GLN A 81 5.53 7.79 5.08
CA GLN A 81 5.60 8.15 6.51
C GLN A 81 4.38 8.95 6.98
N ALA A 82 3.92 9.92 6.19
CA ALA A 82 2.70 10.69 6.47
C ALA A 82 1.43 9.79 6.46
N ALA A 83 1.39 8.77 5.61
CA ALA A 83 0.29 7.81 5.55
C ALA A 83 0.30 6.83 6.74
N ILE A 84 1.48 6.42 7.26
CA ILE A 84 1.57 5.65 8.51
C ILE A 84 0.97 6.47 9.66
N GLN A 85 1.37 7.73 9.76
CA GLN A 85 0.93 8.67 10.79
C GLN A 85 -0.57 9.02 10.69
N SER A 86 -1.19 8.83 9.52
CA SER A 86 -2.62 9.11 9.29
C SER A 86 -3.51 7.86 9.35
N MET A 87 -2.98 6.66 9.06
CA MET A 87 -3.76 5.43 8.85
C MET A 87 -3.49 4.31 9.86
N ASN A 88 -2.39 4.34 10.62
CA ASN A 88 -2.16 3.35 11.67
C ASN A 88 -3.12 3.57 12.85
N GLY A 89 -4.01 2.62 13.11
CA GLY A 89 -5.12 2.71 14.07
C GLY A 89 -6.43 3.27 13.50
N PHE A 90 -6.50 3.53 12.19
CA PHE A 90 -7.70 4.07 11.52
C PHE A 90 -8.89 3.11 11.67
N GLN A 91 -10.01 3.61 12.19
CA GLN A 91 -11.20 2.81 12.47
C GLN A 91 -12.00 2.59 11.19
N ILE A 92 -12.30 1.33 10.87
CA ILE A 92 -13.00 0.91 9.64
C ILE A 92 -13.85 -0.33 9.94
N GLY A 93 -15.11 -0.34 9.47
CA GLY A 93 -16.09 -1.38 9.84
C GLY A 93 -16.32 -1.39 11.35
N MET A 94 -16.05 -2.53 11.98
CA MET A 94 -16.13 -2.75 13.44
C MET A 94 -14.74 -2.90 14.10
N LYS A 95 -13.67 -2.50 13.39
CA LYS A 95 -12.26 -2.76 13.76
C LYS A 95 -11.33 -1.58 13.43
N ARG A 96 -10.00 -1.78 13.51
CA ARG A 96 -8.97 -0.78 13.22
C ARG A 96 -7.83 -1.36 12.36
N LEU A 97 -7.31 -0.56 11.43
CA LEU A 97 -6.16 -0.90 10.58
C LEU A 97 -4.83 -0.84 11.33
N LYS A 98 -3.87 -1.66 10.90
CA LYS A 98 -2.46 -1.59 11.29
C LYS A 98 -1.63 -1.30 10.02
N VAL A 99 -0.77 -0.29 10.06
CA VAL A 99 -0.05 0.25 8.88
C VAL A 99 1.38 0.61 9.27
N GLN A 100 2.33 0.21 8.43
CA GLN A 100 3.76 0.25 8.73
C GLN A 100 4.59 0.14 7.45
N LEU A 101 5.90 0.42 7.54
CA LEU A 101 6.85 0.15 6.46
C LEU A 101 6.89 -1.36 6.14
N LYS A 102 6.88 -1.68 4.85
CA LYS A 102 6.88 -3.06 4.34
C LYS A 102 8.20 -3.81 4.67
N ARG A 103 8.12 -5.10 5.00
CA ARG A 103 9.29 -5.96 5.25
C ARG A 103 9.87 -6.47 3.92
N SER A 104 11.16 -6.79 3.89
CA SER A 104 11.90 -7.20 2.69
C SER A 104 13.16 -8.02 3.01
N LYS A 105 13.72 -8.71 2.01
CA LYS A 105 14.89 -9.61 2.11
C LYS A 105 16.16 -8.99 2.71
N ASN A 106 16.23 -7.66 2.77
CA ASN A 106 17.33 -6.87 3.34
C ASN A 106 16.82 -5.70 4.23
N ASP A 107 15.58 -5.79 4.73
CA ASP A 107 14.94 -4.82 5.62
C ASP A 107 13.79 -5.51 6.40
N SER A 108 14.14 -6.20 7.49
CA SER A 108 13.27 -7.09 8.27
C SER A 108 13.95 -7.48 9.59
N LYS A 109 13.17 -7.95 10.58
CA LYS A 109 13.69 -8.39 11.88
C LYS A 109 14.66 -9.59 11.74
N SER A 110 15.76 -9.58 12.49
CA SER A 110 16.84 -10.59 12.41
C SER A 110 16.55 -11.92 13.11
N GLY A 111 15.42 -12.02 13.85
CA GLY A 111 14.98 -13.21 14.58
C GLY A 111 14.74 -12.98 16.09
N PRO A 112 14.51 -14.05 16.86
CA PRO A 112 14.28 -13.98 18.31
C PRO A 112 15.58 -13.76 19.09
N SER A 113 15.46 -13.36 20.36
CA SER A 113 16.57 -13.07 21.28
C SER A 113 16.11 -13.10 22.76
N SER A 114 17.06 -13.19 23.70
CA SER A 114 16.81 -13.39 25.14
C SER A 114 17.63 -12.48 26.07
N GLY A 115 18.40 -11.53 25.51
CA GLY A 115 19.26 -10.59 26.25
C GLY A 115 19.97 -9.58 25.34
N GLY A 1 17.45 10.11 -28.42
CA GLY A 1 16.89 8.74 -28.48
C GLY A 1 15.79 8.65 -29.52
N SER A 2 15.63 7.48 -30.15
CA SER A 2 14.64 7.23 -31.23
C SER A 2 13.26 6.74 -30.74
N SER A 3 13.12 6.41 -29.45
CA SER A 3 11.88 5.88 -28.84
C SER A 3 11.93 5.96 -27.29
N GLY A 4 10.76 5.87 -26.65
CA GLY A 4 10.59 5.88 -25.19
C GLY A 4 10.60 4.49 -24.56
N SER A 5 10.17 4.40 -23.30
CA SER A 5 10.10 3.15 -22.52
C SER A 5 9.13 3.27 -21.33
N SER A 6 8.45 2.18 -20.98
CA SER A 6 7.57 2.06 -19.81
C SER A 6 8.29 1.51 -18.56
N GLY A 7 9.60 1.23 -18.65
CA GLY A 7 10.40 0.58 -17.60
C GLY A 7 10.75 1.46 -16.39
N LEU A 8 10.36 2.75 -16.40
CA LEU A 8 10.55 3.71 -15.31
C LEU A 8 9.47 4.80 -15.41
N THR A 9 8.70 4.98 -14.32
CA THR A 9 7.54 5.89 -14.24
C THR A 9 7.37 6.38 -12.79
N GLN A 10 7.12 7.68 -12.62
CA GLN A 10 6.82 8.28 -11.30
C GLN A 10 5.32 8.16 -10.93
N GLN A 11 4.49 7.77 -11.90
CA GLN A 11 3.06 7.46 -11.78
C GLN A 11 2.63 6.77 -13.10
N SER A 12 1.69 5.84 -13.05
CA SER A 12 1.14 5.19 -14.25
C SER A 12 -0.31 4.73 -14.06
N ILE A 13 -1.09 4.72 -15.14
CA ILE A 13 -2.47 4.18 -15.16
C ILE A 13 -2.41 2.66 -15.10
N GLY A 14 -3.24 2.04 -14.25
CA GLY A 14 -3.17 0.59 -13.93
C GLY A 14 -2.65 0.27 -12.54
N ALA A 15 -2.40 1.28 -11.71
CA ALA A 15 -1.87 1.19 -10.35
C ALA A 15 -2.60 0.20 -9.45
N ALA A 16 -3.92 0.03 -9.63
CA ALA A 16 -4.76 -0.92 -8.91
C ALA A 16 -4.58 -2.36 -9.39
N GLY A 17 -4.06 -3.21 -8.50
CA GLY A 17 -3.68 -4.60 -8.77
C GLY A 17 -2.25 -4.73 -9.31
N SER A 18 -1.52 -3.62 -9.43
CA SER A 18 -0.12 -3.61 -9.85
C SER A 18 0.83 -3.94 -8.67
N GLN A 19 2.02 -4.44 -9.01
CA GLN A 19 3.12 -4.70 -8.07
C GLN A 19 4.38 -3.95 -8.49
N LYS A 20 4.22 -2.78 -9.14
CA LYS A 20 5.30 -1.83 -9.40
C LYS A 20 5.75 -1.14 -8.10
N GLU A 21 6.59 -1.84 -7.35
CA GLU A 21 7.07 -1.42 -6.02
C GLU A 21 7.90 -0.12 -6.12
N GLY A 22 7.75 0.77 -5.14
CA GLY A 22 8.45 2.06 -5.06
C GLY A 22 9.86 1.95 -4.44
N PRO A 23 10.56 3.08 -4.24
CA PRO A 23 11.92 3.13 -3.69
C PRO A 23 11.93 2.80 -2.18
N GLU A 24 13.14 2.72 -1.61
CA GLU A 24 13.36 2.38 -0.20
C GLU A 24 12.61 3.35 0.75
N GLY A 25 11.77 2.78 1.62
CA GLY A 25 10.96 3.53 2.59
C GLY A 25 9.64 4.09 2.04
N ALA A 26 9.38 3.95 0.73
CA ALA A 26 8.15 4.42 0.08
C ALA A 26 7.04 3.35 -0.02
N ASN A 27 7.33 2.11 0.42
CA ASN A 27 6.40 0.99 0.37
C ASN A 27 5.77 0.72 1.74
N LEU A 28 4.45 0.57 1.78
CA LEU A 28 3.65 0.30 2.97
C LEU A 28 2.96 -1.05 2.92
N PHE A 29 2.79 -1.63 4.11
CA PHE A 29 1.97 -2.80 4.41
C PHE A 29 0.83 -2.37 5.33
N ILE A 30 -0.39 -2.76 4.95
CA ILE A 30 -1.65 -2.47 5.64
C ILE A 30 -2.28 -3.81 6.06
N TYR A 31 -2.83 -3.89 7.27
CA TYR A 31 -3.48 -5.09 7.83
C TYR A 31 -4.77 -4.72 8.60
N HIS A 32 -5.72 -5.67 8.64
CA HIS A 32 -7.09 -5.58 9.20
C HIS A 32 -8.13 -4.97 8.22
N LEU A 33 -7.86 -4.99 6.92
CA LEU A 33 -8.79 -4.55 5.86
C LEU A 33 -10.09 -5.40 5.84
N PRO A 34 -11.20 -4.89 5.26
CA PRO A 34 -12.41 -5.66 4.99
C PRO A 34 -12.15 -6.89 4.09
N GLN A 35 -13.01 -7.90 4.19
CA GLN A 35 -12.88 -9.19 3.51
C GLN A 35 -13.20 -9.13 2.01
N GLU A 36 -13.78 -8.02 1.54
CA GLU A 36 -14.17 -7.76 0.14
C GLU A 36 -13.48 -6.51 -0.45
N PHE A 37 -12.49 -5.93 0.24
CA PHE A 37 -11.84 -4.66 -0.16
C PHE A 37 -11.08 -4.80 -1.49
N GLY A 38 -11.30 -3.87 -2.42
CA GLY A 38 -10.67 -3.84 -3.74
C GLY A 38 -9.38 -3.03 -3.76
N ASP A 39 -8.62 -3.20 -4.84
CA ASP A 39 -7.33 -2.51 -5.05
C ASP A 39 -7.49 -0.99 -5.23
N GLN A 40 -8.59 -0.58 -5.85
CA GLN A 40 -8.96 0.84 -6.01
C GLN A 40 -9.50 1.44 -4.71
N ASP A 41 -10.11 0.64 -3.82
CA ASP A 41 -10.55 1.12 -2.50
C ASP A 41 -9.35 1.47 -1.60
N LEU A 42 -8.28 0.65 -1.66
CA LEU A 42 -7.01 0.93 -0.98
C LEU A 42 -6.29 2.16 -1.58
N LEU A 43 -6.36 2.35 -2.89
CA LEU A 43 -5.82 3.55 -3.55
C LEU A 43 -6.57 4.81 -3.11
N GLN A 44 -7.90 4.82 -3.18
CA GLN A 44 -8.70 5.99 -2.80
C GLN A 44 -8.62 6.30 -1.30
N MET A 45 -8.31 5.31 -0.46
CA MET A 45 -8.02 5.47 0.97
C MET A 45 -6.67 6.18 1.22
N PHE A 46 -5.64 5.88 0.43
CA PHE A 46 -4.26 6.37 0.62
C PHE A 46 -3.86 7.55 -0.29
N MET A 47 -4.66 7.87 -1.31
CA MET A 47 -4.56 9.05 -2.18
C MET A 47 -4.28 10.39 -1.46
N PRO A 48 -4.92 10.72 -0.31
CA PRO A 48 -4.76 12.01 0.37
C PRO A 48 -3.34 12.32 0.88
N PHE A 49 -2.43 11.32 0.95
CA PHE A 49 -1.13 11.44 1.61
C PHE A 49 0.06 11.56 0.64
N GLY A 50 -0.19 11.54 -0.68
CA GLY A 50 0.83 11.77 -1.72
C GLY A 50 0.65 10.94 -3.00
N ASN A 51 1.65 11.00 -3.87
CA ASN A 51 1.64 10.38 -5.20
C ASN A 51 1.92 8.85 -5.15
N VAL A 52 0.97 8.03 -5.60
CA VAL A 52 1.00 6.56 -5.54
C VAL A 52 1.36 5.96 -6.92
N VAL A 53 2.34 5.05 -6.91
CA VAL A 53 2.85 4.30 -8.08
C VAL A 53 2.06 3.00 -8.29
N SER A 54 1.66 2.33 -7.20
CA SER A 54 0.82 1.11 -7.23
C SER A 54 0.12 0.86 -5.88
N ALA A 55 -0.99 0.13 -5.91
CA ALA A 55 -1.79 -0.25 -4.74
C ALA A 55 -2.45 -1.61 -4.99
N LYS A 56 -2.38 -2.53 -4.02
CA LYS A 56 -2.76 -3.93 -4.20
C LYS A 56 -3.19 -4.59 -2.88
N VAL A 57 -4.43 -5.07 -2.81
CA VAL A 57 -4.96 -5.89 -1.70
C VAL A 57 -4.69 -7.36 -2.06
N PHE A 58 -4.27 -8.16 -1.08
CA PHE A 58 -3.98 -9.58 -1.30
C PHE A 58 -5.28 -10.40 -1.27
N ILE A 59 -5.65 -10.95 -2.42
CA ILE A 59 -6.90 -11.70 -2.65
C ILE A 59 -6.57 -13.18 -2.90
N ASP A 60 -7.26 -14.09 -2.22
CA ASP A 60 -7.10 -15.53 -2.37
C ASP A 60 -7.50 -16.02 -3.78
N LYS A 61 -6.60 -16.73 -4.45
CA LYS A 61 -6.75 -17.14 -5.86
C LYS A 61 -7.79 -18.28 -6.11
N GLN A 62 -8.42 -18.84 -5.07
CA GLN A 62 -9.40 -19.93 -5.18
C GLN A 62 -10.81 -19.51 -4.74
N THR A 63 -10.94 -18.50 -3.86
CA THR A 63 -12.22 -18.06 -3.25
C THR A 63 -12.56 -16.59 -3.52
N ASN A 64 -11.62 -15.80 -4.05
CA ASN A 64 -11.76 -14.38 -4.38
C ASN A 64 -11.97 -13.46 -3.14
N LEU A 65 -11.66 -13.97 -1.94
CA LEU A 65 -11.76 -13.24 -0.66
C LEU A 65 -10.45 -12.50 -0.35
N SER A 66 -10.53 -11.32 0.26
CA SER A 66 -9.35 -10.63 0.80
C SER A 66 -8.81 -11.35 2.04
N LYS A 67 -7.48 -11.48 2.12
CA LYS A 67 -6.79 -11.95 3.32
C LYS A 67 -6.60 -10.83 4.37
N CYS A 68 -7.34 -9.72 4.25
CA CYS A 68 -7.37 -8.58 5.17
C CYS A 68 -6.04 -7.79 5.22
N PHE A 69 -5.15 -7.97 4.23
CA PHE A 69 -3.87 -7.28 4.12
C PHE A 69 -3.60 -6.81 2.69
N GLY A 70 -2.86 -5.69 2.58
CA GLY A 70 -2.57 -5.03 1.30
C GLY A 70 -1.33 -4.14 1.35
N PHE A 71 -1.04 -3.51 0.21
CA PHE A 71 0.18 -2.78 -0.07
C PHE A 71 -0.09 -1.47 -0.81
N VAL A 72 0.73 -0.45 -0.54
CA VAL A 72 0.69 0.85 -1.24
C VAL A 72 2.12 1.33 -1.45
N SER A 73 2.45 1.71 -2.68
CA SER A 73 3.79 2.17 -3.09
C SER A 73 3.74 3.62 -3.54
N TYR A 74 4.35 4.52 -2.75
CA TYR A 74 4.55 5.93 -3.12
C TYR A 74 5.79 6.14 -4.00
N ASP A 75 5.93 7.34 -4.57
CA ASP A 75 7.13 7.74 -5.31
C ASP A 75 8.31 8.19 -4.43
N ASN A 76 8.10 8.31 -3.11
CA ASN A 76 9.08 8.80 -2.13
C ASN A 76 8.68 8.40 -0.67
N PRO A 77 9.61 8.43 0.30
CA PRO A 77 9.37 7.92 1.64
C PRO A 77 8.62 8.90 2.57
N VAL A 78 8.56 10.20 2.27
CA VAL A 78 7.88 11.19 3.12
C VAL A 78 6.35 11.03 2.99
N SER A 79 5.85 10.72 1.79
CA SER A 79 4.41 10.43 1.58
C SER A 79 3.99 9.15 2.30
N ALA A 80 4.82 8.10 2.28
CA ALA A 80 4.60 6.86 3.01
C ALA A 80 4.60 7.07 4.53
N GLN A 81 5.58 7.81 5.07
CA GLN A 81 5.65 8.17 6.49
C GLN A 81 4.43 8.99 6.95
N ALA A 82 4.00 9.97 6.16
CA ALA A 82 2.80 10.75 6.42
C ALA A 82 1.52 9.88 6.42
N ALA A 83 1.46 8.85 5.58
CA ALA A 83 0.34 7.92 5.53
C ALA A 83 0.33 6.94 6.72
N ILE A 84 1.49 6.48 7.23
CA ILE A 84 1.57 5.70 8.48
C ILE A 84 1.00 6.53 9.63
N GLN A 85 1.41 7.78 9.74
CA GLN A 85 0.99 8.72 10.78
C GLN A 85 -0.50 9.11 10.67
N SER A 86 -1.14 8.93 9.51
CA SER A 86 -2.54 9.24 9.28
C SER A 86 -3.49 8.02 9.33
N MET A 87 -2.98 6.80 9.04
CA MET A 87 -3.78 5.59 8.84
C MET A 87 -3.54 4.47 9.85
N ASN A 88 -2.42 4.45 10.56
CA ASN A 88 -2.21 3.49 11.65
C ASN A 88 -3.14 3.83 12.83
N GLY A 89 -4.15 2.98 13.07
CA GLY A 89 -5.24 3.21 14.03
C GLY A 89 -6.56 3.70 13.41
N PHE A 90 -6.67 3.79 12.08
CA PHE A 90 -7.93 4.13 11.39
C PHE A 90 -9.00 3.05 11.66
N GLN A 91 -10.18 3.41 12.15
CA GLN A 91 -11.27 2.45 12.33
C GLN A 91 -12.04 2.29 11.02
N ILE A 92 -12.23 1.03 10.59
CA ILE A 92 -13.08 0.66 9.47
C ILE A 92 -14.05 -0.43 9.94
N GLY A 93 -15.35 -0.13 9.93
CA GLY A 93 -16.37 -0.97 10.58
C GLY A 93 -16.14 -0.99 12.09
N MET A 94 -15.86 -2.18 12.63
CA MET A 94 -15.60 -2.43 14.06
C MET A 94 -14.14 -2.79 14.37
N LYS A 95 -13.21 -2.59 13.42
CA LYS A 95 -11.79 -2.97 13.54
C LYS A 95 -10.81 -1.85 13.14
N ARG A 96 -9.59 -1.88 13.69
CA ARG A 96 -8.56 -0.84 13.57
C ARG A 96 -7.44 -1.28 12.62
N LEU A 97 -7.13 -0.47 11.61
CA LEU A 97 -6.08 -0.74 10.63
C LEU A 97 -4.68 -0.60 11.24
N LYS A 98 -3.85 -1.61 11.02
CA LYS A 98 -2.41 -1.58 11.32
C LYS A 98 -1.66 -1.20 10.03
N VAL A 99 -0.74 -0.22 10.10
CA VAL A 99 -0.01 0.32 8.94
C VAL A 99 1.44 0.60 9.32
N GLN A 100 2.37 0.19 8.46
CA GLN A 100 3.83 0.25 8.68
C GLN A 100 4.59 0.13 7.35
N LEU A 101 5.91 0.36 7.38
CA LEU A 101 6.78 0.10 6.24
C LEU A 101 6.78 -1.38 5.86
N LYS A 102 6.79 -1.68 4.56
CA LYS A 102 6.71 -3.05 4.04
C LYS A 102 7.95 -3.91 4.40
N ARG A 103 7.73 -5.20 4.64
CA ARG A 103 8.73 -6.26 4.80
C ARG A 103 8.69 -7.20 3.58
N SER A 104 9.56 -8.19 3.50
CA SER A 104 9.59 -9.16 2.39
C SER A 104 10.02 -10.55 2.89
N LYS A 105 9.51 -11.62 2.28
CA LYS A 105 9.66 -13.01 2.74
C LYS A 105 11.02 -13.67 2.38
N ASN A 106 12.10 -12.89 2.40
CA ASN A 106 13.48 -13.37 2.26
C ASN A 106 13.97 -14.18 3.49
N ASP A 107 13.29 -14.03 4.64
CA ASP A 107 13.55 -14.73 5.91
C ASP A 107 12.31 -14.67 6.82
N SER A 108 12.28 -15.49 7.86
CA SER A 108 11.25 -15.50 8.93
C SER A 108 11.82 -15.85 10.32
N LYS A 109 12.91 -16.62 10.40
CA LYS A 109 13.62 -16.98 11.64
C LYS A 109 15.02 -17.60 11.36
N SER A 110 15.95 -17.44 12.30
CA SER A 110 17.27 -18.06 12.29
C SER A 110 17.77 -18.24 13.73
N GLY A 111 18.16 -19.47 14.11
CA GLY A 111 18.45 -19.86 15.50
C GLY A 111 17.18 -19.96 16.36
N PRO A 112 17.32 -19.99 17.70
CA PRO A 112 16.21 -20.01 18.64
C PRO A 112 15.33 -18.75 18.51
N SER A 113 14.00 -18.93 18.59
CA SER A 113 13.00 -17.85 18.38
C SER A 113 11.84 -17.87 19.40
N SER A 114 11.84 -18.80 20.35
CA SER A 114 10.81 -18.99 21.41
C SER A 114 9.41 -19.41 20.88
N GLY A 115 9.26 -19.59 19.56
CA GLY A 115 8.04 -19.95 18.84
C GLY A 115 8.23 -19.95 17.32
N GLY A 1 -6.10 4.47 -27.76
CA GLY A 1 -7.45 3.92 -27.98
C GLY A 1 -8.30 3.96 -26.71
N SER A 2 -9.58 3.59 -26.82
CA SER A 2 -10.59 3.59 -25.74
C SER A 2 -10.91 5.02 -25.22
N SER A 3 -11.55 5.12 -24.05
CA SER A 3 -11.93 6.36 -23.37
C SER A 3 -11.58 6.30 -21.87
N GLY A 4 -11.04 7.39 -21.31
CA GLY A 4 -10.62 7.47 -19.90
C GLY A 4 -9.24 6.86 -19.62
N SER A 5 -8.47 6.50 -20.65
CA SER A 5 -7.16 5.83 -20.53
C SER A 5 -6.06 6.73 -19.93
N SER A 6 -6.28 8.05 -19.91
CA SER A 6 -5.46 9.04 -19.20
C SER A 6 -5.68 9.08 -17.67
N GLY A 7 -6.66 8.31 -17.16
CA GLY A 7 -7.02 8.18 -15.75
C GLY A 7 -8.25 9.01 -15.38
N LEU A 8 -9.16 8.41 -14.60
CA LEU A 8 -10.40 9.02 -14.09
C LEU A 8 -10.67 8.75 -12.60
N THR A 9 -9.99 7.76 -12.03
CA THR A 9 -10.04 7.30 -10.61
C THR A 9 -8.64 7.01 -10.06
N GLN A 10 -7.60 7.57 -10.69
CA GLN A 10 -6.19 7.39 -10.40
C GLN A 10 -5.40 8.57 -10.98
N GLN A 11 -4.35 9.00 -10.26
CA GLN A 11 -3.48 10.13 -10.62
C GLN A 11 -2.18 9.66 -11.34
N SER A 12 -2.16 8.40 -11.79
CA SER A 12 -1.04 7.72 -12.45
C SER A 12 -1.58 6.55 -13.30
N ILE A 13 -0.70 5.74 -13.89
CA ILE A 13 -1.05 4.67 -14.85
C ILE A 13 -1.65 3.47 -14.10
N GLY A 14 -2.98 3.46 -13.95
CA GLY A 14 -3.77 2.39 -13.31
C GLY A 14 -3.68 2.41 -11.79
N ALA A 15 -2.49 2.12 -11.27
CA ALA A 15 -2.09 1.98 -9.85
C ALA A 15 -2.75 0.81 -9.12
N ALA A 16 -4.04 0.56 -9.34
CA ALA A 16 -4.79 -0.62 -8.91
C ALA A 16 -4.67 -1.76 -9.94
N GLY A 17 -4.59 -2.99 -9.43
CA GLY A 17 -4.25 -4.18 -10.23
C GLY A 17 -2.76 -4.27 -10.53
N SER A 18 -1.92 -3.63 -9.71
CA SER A 18 -0.47 -3.54 -9.89
C SER A 18 0.30 -3.82 -8.59
N GLN A 19 1.56 -4.25 -8.73
CA GLN A 19 2.41 -4.73 -7.66
C GLN A 19 3.82 -4.14 -7.69
N LYS A 20 3.99 -3.00 -8.37
CA LYS A 20 5.27 -2.28 -8.46
C LYS A 20 5.72 -1.76 -7.08
N GLU A 21 6.60 -2.51 -6.41
CA GLU A 21 7.05 -2.23 -5.05
C GLU A 21 7.83 -0.91 -5.00
N GLY A 22 7.46 -0.02 -4.07
CA GLY A 22 8.07 1.31 -3.91
C GLY A 22 9.52 1.25 -3.40
N PRO A 23 10.30 2.33 -3.57
CA PRO A 23 11.71 2.41 -3.13
C PRO A 23 11.83 2.39 -1.60
N GLU A 24 13.07 2.39 -1.10
CA GLU A 24 13.39 2.30 0.33
C GLU A 24 12.70 3.41 1.15
N GLY A 25 11.88 2.99 2.13
CA GLY A 25 11.09 3.87 2.99
C GLY A 25 9.76 4.35 2.38
N ALA A 26 9.46 3.98 1.12
CA ALA A 26 8.27 4.41 0.37
C ALA A 26 7.27 3.28 0.07
N ASN A 27 7.56 2.05 0.50
CA ASN A 27 6.65 0.89 0.43
C ASN A 27 5.96 0.65 1.79
N LEU A 28 4.67 0.31 1.77
CA LEU A 28 3.82 0.14 2.95
C LEU A 28 3.13 -1.22 2.98
N PHE A 29 2.86 -1.67 4.20
CA PHE A 29 2.03 -2.81 4.57
C PHE A 29 0.88 -2.33 5.46
N ILE A 30 -0.33 -2.79 5.14
CA ILE A 30 -1.60 -2.51 5.82
C ILE A 30 -2.20 -3.84 6.27
N TYR A 31 -2.77 -3.90 7.47
CA TYR A 31 -3.46 -5.07 8.03
C TYR A 31 -4.74 -4.67 8.78
N HIS A 32 -5.72 -5.57 8.83
CA HIS A 32 -7.10 -5.43 9.37
C HIS A 32 -8.10 -4.81 8.37
N LEU A 33 -7.87 -4.93 7.07
CA LEU A 33 -8.82 -4.48 6.02
C LEU A 33 -10.11 -5.34 6.00
N PRO A 34 -11.23 -4.83 5.43
CA PRO A 34 -12.43 -5.62 5.17
C PRO A 34 -12.14 -6.83 4.26
N GLN A 35 -12.89 -7.92 4.44
CA GLN A 35 -12.74 -9.17 3.67
C GLN A 35 -13.24 -9.08 2.21
N GLU A 36 -13.62 -7.89 1.75
CA GLU A 36 -14.14 -7.60 0.40
C GLU A 36 -13.51 -6.34 -0.24
N PHE A 37 -12.47 -5.77 0.39
CA PHE A 37 -11.80 -4.55 -0.07
C PHE A 37 -10.95 -4.82 -1.32
N GLY A 38 -11.02 -3.94 -2.32
CA GLY A 38 -10.29 -4.05 -3.59
C GLY A 38 -9.06 -3.13 -3.69
N ASP A 39 -8.22 -3.39 -4.70
CA ASP A 39 -7.00 -2.62 -4.99
C ASP A 39 -7.30 -1.12 -5.23
N GLN A 40 -8.47 -0.83 -5.82
CA GLN A 40 -8.96 0.52 -6.12
C GLN A 40 -9.52 1.23 -4.87
N ASP A 41 -10.07 0.49 -3.90
CA ASP A 41 -10.56 1.05 -2.64
C ASP A 41 -9.39 1.49 -1.75
N LEU A 42 -8.32 0.68 -1.70
CA LEU A 42 -7.08 1.01 -0.99
C LEU A 42 -6.38 2.24 -1.60
N LEU A 43 -6.38 2.35 -2.94
CA LEU A 43 -5.87 3.53 -3.65
C LEU A 43 -6.60 4.80 -3.25
N GLN A 44 -7.93 4.83 -3.34
CA GLN A 44 -8.71 6.04 -3.04
C GLN A 44 -8.71 6.40 -1.54
N MET A 45 -8.35 5.47 -0.66
CA MET A 45 -8.17 5.71 0.77
C MET A 45 -6.77 6.26 1.13
N PHE A 46 -5.74 5.93 0.33
CA PHE A 46 -4.35 6.38 0.53
C PHE A 46 -3.92 7.55 -0.39
N MET A 47 -4.72 7.90 -1.40
CA MET A 47 -4.57 9.09 -2.26
C MET A 47 -4.20 10.40 -1.54
N PRO A 48 -4.80 10.76 -0.37
CA PRO A 48 -4.56 12.04 0.29
C PRO A 48 -3.12 12.31 0.77
N PHE A 49 -2.26 11.28 0.82
CA PHE A 49 -0.94 11.36 1.45
C PHE A 49 0.23 11.48 0.46
N GLY A 50 -0.05 11.49 -0.86
CA GLY A 50 0.94 11.70 -1.92
C GLY A 50 0.69 10.87 -3.19
N ASN A 51 1.65 10.90 -4.12
CA ASN A 51 1.56 10.20 -5.40
C ASN A 51 1.77 8.67 -5.23
N VAL A 52 0.67 7.92 -5.30
CA VAL A 52 0.66 6.45 -5.22
C VAL A 52 1.07 5.83 -6.56
N VAL A 53 2.21 5.14 -6.56
CA VAL A 53 2.79 4.41 -7.70
C VAL A 53 2.00 3.11 -7.98
N SER A 54 1.55 2.43 -6.92
CA SER A 54 0.67 1.26 -7.00
C SER A 54 0.01 0.96 -5.65
N ALA A 55 -1.11 0.24 -5.67
CA ALA A 55 -1.85 -0.20 -4.48
C ALA A 55 -2.48 -1.58 -4.72
N LYS A 56 -2.48 -2.41 -3.68
CA LYS A 56 -2.86 -3.83 -3.77
C LYS A 56 -3.45 -4.33 -2.45
N VAL A 57 -4.64 -4.92 -2.47
CA VAL A 57 -5.20 -5.72 -1.37
C VAL A 57 -4.98 -7.17 -1.76
N PHE A 58 -4.49 -8.00 -0.84
CA PHE A 58 -4.20 -9.40 -1.13
C PHE A 58 -5.50 -10.21 -1.19
N ILE A 59 -5.90 -10.60 -2.41
CA ILE A 59 -7.13 -11.36 -2.67
C ILE A 59 -6.79 -12.85 -2.83
N ASP A 60 -7.47 -13.70 -2.08
CA ASP A 60 -7.31 -15.15 -2.12
C ASP A 60 -7.86 -15.72 -3.45
N LYS A 61 -6.99 -16.28 -4.29
CA LYS A 61 -7.38 -16.79 -5.61
C LYS A 61 -8.11 -18.14 -5.62
N GLN A 62 -8.46 -18.69 -4.45
CA GLN A 62 -9.30 -19.90 -4.31
C GLN A 62 -10.72 -19.58 -3.82
N THR A 63 -10.92 -18.46 -3.10
CA THR A 63 -12.20 -18.07 -2.45
C THR A 63 -12.69 -16.66 -2.81
N ASN A 64 -11.90 -15.88 -3.55
CA ASN A 64 -12.15 -14.51 -4.04
C ASN A 64 -12.30 -13.41 -2.97
N LEU A 65 -12.11 -13.74 -1.68
CA LEU A 65 -12.14 -12.80 -0.55
C LEU A 65 -10.78 -12.11 -0.34
N SER A 66 -10.80 -10.93 0.27
CA SER A 66 -9.57 -10.29 0.77
C SER A 66 -9.10 -11.02 2.04
N LYS A 67 -7.79 -11.27 2.14
CA LYS A 67 -7.15 -11.87 3.31
C LYS A 67 -6.87 -10.84 4.43
N CYS A 68 -7.45 -9.64 4.33
CA CYS A 68 -7.43 -8.55 5.32
C CYS A 68 -6.08 -7.82 5.43
N PHE A 69 -5.16 -8.03 4.47
CA PHE A 69 -3.87 -7.34 4.38
C PHE A 69 -3.62 -6.80 2.96
N GLY A 70 -2.88 -5.69 2.89
CA GLY A 70 -2.63 -4.94 1.65
C GLY A 70 -1.34 -4.13 1.67
N PHE A 71 -1.10 -3.40 0.59
CA PHE A 71 0.16 -2.73 0.26
C PHE A 71 -0.08 -1.44 -0.54
N VAL A 72 0.79 -0.45 -0.36
CA VAL A 72 0.78 0.82 -1.09
C VAL A 72 2.22 1.27 -1.34
N SER A 73 2.51 1.67 -2.58
CA SER A 73 3.80 2.19 -3.02
C SER A 73 3.71 3.68 -3.35
N TYR A 74 4.57 4.51 -2.76
CA TYR A 74 4.75 5.92 -3.12
C TYR A 74 6.03 6.15 -3.92
N ASP A 75 6.14 7.30 -4.60
CA ASP A 75 7.35 7.69 -5.33
C ASP A 75 8.46 8.31 -4.44
N ASN A 76 8.15 8.60 -3.18
CA ASN A 76 9.03 9.19 -2.17
C ASN A 76 8.63 8.73 -0.75
N PRO A 77 9.56 8.75 0.23
CA PRO A 77 9.35 8.13 1.53
C PRO A 77 8.57 9.01 2.51
N VAL A 78 8.61 10.34 2.38
CA VAL A 78 7.82 11.28 3.21
C VAL A 78 6.32 11.05 3.01
N SER A 79 5.88 10.70 1.81
CA SER A 79 4.48 10.38 1.49
C SER A 79 4.00 9.10 2.19
N ALA A 80 4.85 8.07 2.23
CA ALA A 80 4.58 6.82 2.94
C ALA A 80 4.56 7.01 4.47
N GLN A 81 5.54 7.73 5.02
CA GLN A 81 5.56 8.12 6.44
C GLN A 81 4.30 8.90 6.85
N ALA A 82 3.89 9.89 6.06
CA ALA A 82 2.65 10.64 6.27
C ALA A 82 1.40 9.74 6.24
N ALA A 83 1.38 8.70 5.41
CA ALA A 83 0.30 7.71 5.38
C ALA A 83 0.31 6.80 6.62
N ILE A 84 1.48 6.39 7.14
CA ILE A 84 1.58 5.65 8.43
C ILE A 84 1.01 6.51 9.56
N GLN A 85 1.43 7.77 9.61
CA GLN A 85 1.00 8.75 10.63
C GLN A 85 -0.50 9.08 10.55
N SER A 86 -1.16 8.90 9.39
CA SER A 86 -2.58 9.19 9.19
C SER A 86 -3.48 7.95 9.26
N MET A 87 -2.97 6.75 8.93
CA MET A 87 -3.78 5.53 8.74
C MET A 87 -3.57 4.45 9.81
N ASN A 88 -2.49 4.49 10.59
CA ASN A 88 -2.31 3.58 11.72
C ASN A 88 -3.30 3.94 12.85
N GLY A 89 -4.30 3.08 13.07
CA GLY A 89 -5.45 3.28 13.96
C GLY A 89 -6.72 3.77 13.25
N PHE A 90 -6.74 3.89 11.92
CA PHE A 90 -7.93 4.25 11.14
C PHE A 90 -9.02 3.18 11.28
N GLN A 91 -10.21 3.56 11.75
CA GLN A 91 -11.31 2.61 11.97
C GLN A 91 -12.13 2.42 10.69
N ILE A 92 -12.38 1.16 10.32
CA ILE A 92 -13.06 0.76 9.09
C ILE A 92 -13.97 -0.45 9.35
N GLY A 93 -15.26 -0.33 9.03
CA GLY A 93 -16.30 -1.34 9.30
C GLY A 93 -16.63 -1.46 10.79
N MET A 94 -15.71 -2.05 11.55
CA MET A 94 -15.80 -2.38 12.98
C MET A 94 -14.43 -2.63 13.66
N LYS A 95 -13.32 -2.35 12.96
CA LYS A 95 -11.93 -2.68 13.37
C LYS A 95 -10.93 -1.60 12.91
N ARG A 96 -9.73 -1.57 13.49
CA ARG A 96 -8.74 -0.50 13.25
C ARG A 96 -7.50 -1.01 12.51
N LEU A 97 -7.09 -0.28 11.47
CA LEU A 97 -5.97 -0.63 10.59
C LEU A 97 -4.62 -0.51 11.30
N LYS A 98 -3.77 -1.51 11.10
CA LYS A 98 -2.36 -1.51 11.48
C LYS A 98 -1.52 -1.21 10.22
N VAL A 99 -0.63 -0.21 10.26
CA VAL A 99 0.08 0.30 9.07
C VAL A 99 1.54 0.62 9.41
N GLN A 100 2.46 0.24 8.52
CA GLN A 100 3.91 0.37 8.68
C GLN A 100 4.64 0.22 7.33
N LEU A 101 5.98 0.36 7.33
CA LEU A 101 6.83 0.02 6.18
C LEU A 101 6.80 -1.50 5.92
N LYS A 102 6.89 -1.91 4.65
CA LYS A 102 6.79 -3.31 4.24
C LYS A 102 8.07 -4.14 4.54
N ARG A 103 7.89 -5.43 4.82
CA ARG A 103 8.96 -6.44 4.93
C ARG A 103 9.56 -6.81 3.56
N SER A 104 10.71 -7.50 3.61
CA SER A 104 11.40 -8.15 2.48
C SER A 104 11.92 -9.53 2.92
N LYS A 105 12.32 -10.39 1.97
CA LYS A 105 12.76 -11.77 2.26
C LYS A 105 14.11 -11.86 3.04
N ASN A 106 14.38 -13.04 3.59
CA ASN A 106 15.58 -13.37 4.36
C ASN A 106 16.20 -14.76 4.06
N ASP A 107 15.62 -15.52 3.12
CA ASP A 107 16.11 -16.85 2.69
C ASP A 107 17.35 -16.80 1.77
N SER A 108 17.80 -15.61 1.38
CA SER A 108 19.01 -15.38 0.58
C SER A 108 20.32 -15.69 1.35
N LYS A 109 20.26 -15.88 2.67
CA LYS A 109 21.40 -16.24 3.52
C LYS A 109 21.90 -17.68 3.25
N SER A 110 23.21 -17.85 3.05
CA SER A 110 23.83 -19.15 2.73
C SER A 110 23.97 -20.10 3.93
N GLY A 111 23.91 -19.57 5.16
CA GLY A 111 23.94 -20.33 6.42
C GLY A 111 22.53 -20.76 6.90
N PRO A 112 22.44 -21.37 8.10
CA PRO A 112 21.18 -21.81 8.70
C PRO A 112 20.16 -20.67 8.88
N SER A 113 18.88 -21.00 8.80
CA SER A 113 17.75 -20.07 9.00
C SER A 113 17.45 -19.77 10.49
N SER A 114 18.20 -20.39 11.42
CA SER A 114 18.06 -20.23 12.88
C SER A 114 18.57 -18.88 13.43
N GLY A 115 19.19 -18.05 12.59
CA GLY A 115 19.72 -16.72 12.94
C GLY A 115 20.34 -16.00 11.75
N GLY A 1 7.60 30.58 -20.51
CA GLY A 1 8.22 29.23 -20.38
C GLY A 1 8.31 28.53 -21.72
N SER A 2 9.22 27.56 -21.84
CA SER A 2 9.48 26.81 -23.08
C SER A 2 8.56 25.59 -23.30
N SER A 3 7.81 25.16 -22.27
CA SER A 3 6.91 24.01 -22.28
C SER A 3 5.70 24.24 -21.36
N GLY A 4 4.53 23.73 -21.76
CA GLY A 4 3.28 23.76 -20.97
C GLY A 4 3.11 22.55 -20.05
N SER A 5 1.95 22.46 -19.40
CA SER A 5 1.56 21.36 -18.49
C SER A 5 0.04 21.31 -18.28
N SER A 6 -0.51 20.11 -18.10
CA SER A 6 -1.93 19.88 -17.78
C SER A 6 -2.24 19.91 -16.26
N GLY A 7 -1.20 20.04 -15.41
CA GLY A 7 -1.32 20.13 -13.94
C GLY A 7 -0.05 19.72 -13.22
N LEU A 8 0.28 20.43 -12.13
CA LEU A 8 1.54 20.29 -11.37
C LEU A 8 1.63 19.02 -10.49
N THR A 9 0.54 18.26 -10.40
CA THR A 9 0.45 16.94 -9.75
C THR A 9 -0.71 16.15 -10.36
N GLN A 10 -0.46 14.87 -10.67
CA GLN A 10 -1.32 13.97 -11.45
C GLN A 10 -0.71 12.56 -11.49
N GLN A 11 -1.46 11.57 -11.98
CA GLN A 11 -1.02 10.18 -12.14
C GLN A 11 -1.81 9.47 -13.25
N SER A 12 -1.22 8.42 -13.81
CA SER A 12 -1.80 7.61 -14.90
C SER A 12 -2.77 6.52 -14.40
N ILE A 13 -3.69 6.08 -15.26
CA ILE A 13 -4.57 4.93 -15.01
C ILE A 13 -3.74 3.63 -15.03
N GLY A 14 -4.07 2.69 -14.13
CA GLY A 14 -3.38 1.39 -13.98
C GLY A 14 -2.64 1.15 -12.67
N ALA A 15 -2.73 2.11 -11.75
CA ALA A 15 -2.19 2.03 -10.40
C ALA A 15 -2.90 1.00 -9.50
N ALA A 16 -4.10 0.56 -9.88
CA ALA A 16 -4.82 -0.57 -9.30
C ALA A 16 -4.82 -1.74 -10.29
N GLY A 17 -4.54 -2.94 -9.77
CA GLY A 17 -4.25 -4.13 -10.59
C GLY A 17 -2.77 -4.17 -10.97
N SER A 18 -1.91 -3.59 -10.12
CA SER A 18 -0.46 -3.48 -10.29
C SER A 18 0.23 -3.45 -8.91
N GLN A 19 1.53 -3.67 -8.89
CA GLN A 19 2.33 -3.82 -7.67
C GLN A 19 3.75 -3.26 -7.84
N LYS A 20 3.95 -2.33 -8.78
CA LYS A 20 5.23 -1.65 -8.98
C LYS A 20 5.69 -0.94 -7.69
N GLU A 21 6.74 -1.47 -7.05
CA GLU A 21 7.24 -1.01 -5.76
C GLU A 21 8.12 0.23 -5.93
N GLY A 22 8.10 1.13 -4.93
CA GLY A 22 8.91 2.35 -4.85
C GLY A 22 10.26 2.13 -4.15
N PRO A 23 11.00 3.21 -3.84
CA PRO A 23 12.32 3.14 -3.20
C PRO A 23 12.23 2.74 -1.71
N GLU A 24 13.39 2.59 -1.07
CA GLU A 24 13.50 2.21 0.35
C GLU A 24 12.77 3.21 1.26
N GLY A 25 11.86 2.70 2.09
CA GLY A 25 11.03 3.48 3.01
C GLY A 25 9.75 4.05 2.38
N ALA A 26 9.52 3.84 1.08
CA ALA A 26 8.34 4.33 0.36
C ALA A 26 7.24 3.25 0.16
N ASN A 27 7.42 2.05 0.73
CA ASN A 27 6.54 0.90 0.53
C ASN A 27 5.85 0.50 1.84
N LEU A 28 4.52 0.41 1.80
CA LEU A 28 3.66 0.19 2.97
C LEU A 28 2.99 -1.19 2.97
N PHE A 29 2.71 -1.66 4.18
CA PHE A 29 1.90 -2.83 4.49
C PHE A 29 0.74 -2.40 5.40
N ILE A 30 -0.48 -2.77 4.99
CA ILE A 30 -1.76 -2.51 5.68
C ILE A 30 -2.35 -3.87 6.08
N TYR A 31 -2.88 -3.97 7.30
CA TYR A 31 -3.55 -5.16 7.84
C TYR A 31 -4.87 -4.77 8.54
N HIS A 32 -5.82 -5.71 8.62
CA HIS A 32 -7.20 -5.56 9.15
C HIS A 32 -8.16 -4.86 8.16
N LEU A 33 -7.93 -4.98 6.84
CA LEU A 33 -8.86 -4.50 5.80
C LEU A 33 -10.21 -5.23 5.83
N PRO A 34 -11.28 -4.66 5.23
CA PRO A 34 -12.55 -5.35 4.98
C PRO A 34 -12.35 -6.62 4.12
N GLN A 35 -13.23 -7.61 4.30
CA GLN A 35 -13.18 -8.93 3.66
C GLN A 35 -13.49 -8.89 2.13
N GLU A 36 -13.75 -7.71 1.57
CA GLU A 36 -14.17 -7.47 0.19
C GLU A 36 -13.45 -6.28 -0.48
N PHE A 37 -12.40 -5.75 0.16
CA PHE A 37 -11.67 -4.56 -0.30
C PHE A 37 -10.85 -4.84 -1.57
N GLY A 38 -10.98 -3.97 -2.58
CA GLY A 38 -10.26 -4.07 -3.86
C GLY A 38 -9.04 -3.18 -3.95
N ASP A 39 -8.23 -3.41 -4.99
CA ASP A 39 -6.99 -2.64 -5.27
C ASP A 39 -7.26 -1.14 -5.45
N GLN A 40 -8.43 -0.79 -6.02
CA GLN A 40 -8.84 0.60 -6.25
C GLN A 40 -9.44 1.25 -4.99
N ASP A 41 -10.01 0.47 -4.07
CA ASP A 41 -10.49 0.99 -2.78
C ASP A 41 -9.32 1.42 -1.89
N LEU A 42 -8.23 0.63 -1.91
CA LEU A 42 -6.98 0.97 -1.22
C LEU A 42 -6.28 2.17 -1.88
N LEU A 43 -6.37 2.31 -3.20
CA LEU A 43 -5.86 3.49 -3.93
C LEU A 43 -6.61 4.77 -3.51
N GLN A 44 -7.94 4.76 -3.57
CA GLN A 44 -8.76 5.92 -3.20
C GLN A 44 -8.59 6.30 -1.71
N MET A 45 -8.30 5.32 -0.84
CA MET A 45 -8.02 5.52 0.58
C MET A 45 -6.65 6.19 0.84
N PHE A 46 -5.62 5.84 0.07
CA PHE A 46 -4.23 6.30 0.28
C PHE A 46 -3.79 7.47 -0.64
N MET A 47 -4.56 7.79 -1.69
CA MET A 47 -4.42 8.98 -2.54
C MET A 47 -4.14 10.32 -1.80
N PRO A 48 -4.81 10.64 -0.67
CA PRO A 48 -4.65 11.93 0.02
C PRO A 48 -3.25 12.22 0.58
N PHE A 49 -2.38 11.21 0.69
CA PHE A 49 -1.09 11.31 1.39
C PHE A 49 0.12 11.49 0.46
N GLY A 50 -0.09 11.53 -0.86
CA GLY A 50 0.94 11.83 -1.87
C GLY A 50 0.88 10.97 -3.13
N ASN A 51 1.94 11.02 -3.93
CA ASN A 51 2.03 10.32 -5.21
C ASN A 51 2.16 8.79 -5.06
N VAL A 52 1.02 8.10 -5.00
CA VAL A 52 0.94 6.63 -5.04
C VAL A 52 1.37 6.13 -6.43
N VAL A 53 2.35 5.22 -6.45
CA VAL A 53 2.85 4.53 -7.65
C VAL A 53 1.89 3.38 -8.01
N SER A 54 1.54 2.53 -7.03
CA SER A 54 0.48 1.53 -7.16
C SER A 54 -0.05 1.06 -5.79
N ALA A 55 -1.28 0.50 -5.77
CA ALA A 55 -1.93 -0.01 -4.57
C ALA A 55 -2.59 -1.37 -4.87
N LYS A 56 -2.51 -2.30 -3.92
CA LYS A 56 -2.85 -3.70 -4.13
C LYS A 56 -3.29 -4.40 -2.83
N VAL A 57 -4.47 -5.01 -2.81
CA VAL A 57 -4.97 -5.86 -1.71
C VAL A 57 -4.65 -7.32 -2.04
N PHE A 58 -4.16 -8.08 -1.05
CA PHE A 58 -3.73 -9.46 -1.24
C PHE A 58 -4.94 -10.41 -1.29
N ILE A 59 -5.09 -11.11 -2.40
CA ILE A 59 -6.21 -12.01 -2.72
C ILE A 59 -5.67 -13.43 -2.95
N ASP A 60 -6.25 -14.44 -2.32
CA ASP A 60 -5.82 -15.84 -2.45
C ASP A 60 -6.05 -16.35 -3.89
N LYS A 61 -4.98 -16.82 -4.54
CA LYS A 61 -5.02 -17.27 -5.94
C LYS A 61 -5.93 -18.50 -6.20
N GLN A 62 -6.34 -19.22 -5.15
CA GLN A 62 -7.11 -20.47 -5.24
C GLN A 62 -8.62 -20.23 -5.25
N THR A 63 -9.09 -19.13 -4.61
CA THR A 63 -10.51 -18.87 -4.32
C THR A 63 -10.96 -17.45 -4.66
N ASN A 64 -10.03 -16.54 -4.97
CA ASN A 64 -10.27 -15.11 -5.22
C ASN A 64 -10.87 -14.35 -4.01
N LEU A 65 -10.64 -14.85 -2.79
CA LEU A 65 -11.05 -14.22 -1.52
C LEU A 65 -9.92 -13.34 -0.94
N SER A 66 -10.28 -12.24 -0.28
CA SER A 66 -9.31 -11.34 0.36
C SER A 66 -8.70 -11.97 1.63
N LYS A 67 -7.39 -11.77 1.81
CA LYS A 67 -6.66 -12.13 3.05
C LYS A 67 -6.65 -10.98 4.08
N CYS A 68 -7.37 -9.88 3.82
CA CYS A 68 -7.54 -8.72 4.73
C CYS A 68 -6.23 -7.92 4.98
N PHE A 69 -5.22 -8.09 4.12
CA PHE A 69 -3.96 -7.32 4.13
C PHE A 69 -3.61 -6.83 2.73
N GLY A 70 -2.96 -5.67 2.65
CA GLY A 70 -2.68 -4.92 1.41
C GLY A 70 -1.41 -4.09 1.46
N PHE A 71 -1.13 -3.41 0.35
CA PHE A 71 0.14 -2.75 0.07
C PHE A 71 -0.04 -1.47 -0.75
N VAL A 72 0.83 -0.48 -0.54
CA VAL A 72 0.83 0.80 -1.26
C VAL A 72 2.27 1.28 -1.42
N SER A 73 2.67 1.63 -2.64
CA SER A 73 3.98 2.20 -2.95
C SER A 73 3.88 3.68 -3.31
N TYR A 74 4.81 4.49 -2.82
CA TYR A 74 4.96 5.91 -3.14
C TYR A 74 6.27 6.17 -3.90
N ASP A 75 6.41 7.37 -4.49
CA ASP A 75 7.65 7.81 -5.16
C ASP A 75 8.76 8.27 -4.20
N ASN A 76 8.46 8.37 -2.90
CA ASN A 76 9.37 8.84 -1.84
C ASN A 76 8.88 8.42 -0.44
N PRO A 77 9.76 8.44 0.60
CA PRO A 77 9.43 7.93 1.93
C PRO A 77 8.62 8.88 2.81
N VAL A 78 8.55 10.19 2.50
CA VAL A 78 7.79 11.17 3.30
C VAL A 78 6.28 11.01 3.07
N SER A 79 5.86 10.71 1.84
CA SER A 79 4.44 10.41 1.53
C SER A 79 3.97 9.11 2.19
N ALA A 80 4.84 8.08 2.21
CA ALA A 80 4.60 6.82 2.91
C ALA A 80 4.50 7.03 4.44
N GLN A 81 5.43 7.77 5.05
CA GLN A 81 5.36 8.15 6.46
C GLN A 81 4.09 8.94 6.80
N ALA A 82 3.68 9.90 5.98
CA ALA A 82 2.44 10.66 6.18
C ALA A 82 1.20 9.74 6.16
N ALA A 83 1.19 8.71 5.30
CA ALA A 83 0.12 7.73 5.25
C ALA A 83 0.10 6.81 6.50
N ILE A 84 1.27 6.38 7.01
CA ILE A 84 1.35 5.63 8.28
C ILE A 84 0.78 6.48 9.42
N GLN A 85 1.20 7.74 9.49
CA GLN A 85 0.85 8.67 10.56
C GLN A 85 -0.63 9.08 10.53
N SER A 86 -1.31 9.00 9.38
CA SER A 86 -2.75 9.29 9.24
C SER A 86 -3.65 8.03 9.27
N MET A 87 -3.14 6.84 8.91
CA MET A 87 -3.97 5.62 8.73
C MET A 87 -3.74 4.52 9.76
N ASN A 88 -2.63 4.52 10.50
CA ASN A 88 -2.43 3.55 11.58
C ASN A 88 -3.37 3.86 12.76
N GLY A 89 -4.33 2.97 13.02
CA GLY A 89 -5.43 3.14 13.98
C GLY A 89 -6.74 3.64 13.37
N PHE A 90 -6.83 3.78 12.03
CA PHE A 90 -8.06 4.18 11.34
C PHE A 90 -9.16 3.13 11.55
N GLN A 91 -10.28 3.52 12.18
CA GLN A 91 -11.38 2.60 12.49
C GLN A 91 -12.29 2.42 11.28
N ILE A 92 -12.62 1.16 10.95
CA ILE A 92 -13.36 0.77 9.74
C ILE A 92 -14.27 -0.43 10.05
N GLY A 93 -15.59 -0.24 9.93
CA GLY A 93 -16.62 -1.21 10.34
C GLY A 93 -16.80 -1.28 11.86
N MET A 94 -15.71 -1.63 12.57
CA MET A 94 -15.57 -1.71 14.03
C MET A 94 -14.10 -1.89 14.43
N LYS A 95 -13.36 -2.70 13.68
CA LYS A 95 -11.90 -2.92 13.83
C LYS A 95 -11.06 -1.72 13.36
N ARG A 96 -9.75 -1.74 13.62
CA ARG A 96 -8.80 -0.66 13.28
C ARG A 96 -7.68 -1.16 12.36
N LEU A 97 -7.34 -0.37 11.33
CA LEU A 97 -6.24 -0.64 10.40
C LEU A 97 -4.88 -0.55 11.09
N LYS A 98 -4.07 -1.58 10.89
CA LYS A 98 -2.64 -1.62 11.25
C LYS A 98 -1.84 -1.22 10.00
N VAL A 99 -1.00 -0.19 10.08
CA VAL A 99 -0.28 0.37 8.92
C VAL A 99 1.16 0.71 9.30
N GLN A 100 2.10 0.35 8.42
CA GLN A 100 3.54 0.38 8.68
C GLN A 100 4.34 0.27 7.37
N LEU A 101 5.67 0.38 7.47
CA LEU A 101 6.58 0.05 6.36
C LEU A 101 6.58 -1.47 6.13
N LYS A 102 6.69 -1.88 4.86
CA LYS A 102 6.76 -3.28 4.45
C LYS A 102 8.11 -3.94 4.83
N ARG A 103 8.10 -5.21 5.23
CA ARG A 103 9.32 -6.00 5.52
C ARG A 103 9.79 -6.84 4.30
N SER A 104 10.70 -7.77 4.55
CA SER A 104 11.16 -8.83 3.66
C SER A 104 11.42 -10.10 4.48
N LYS A 105 11.78 -11.24 3.85
CA LYS A 105 12.07 -12.49 4.57
C LYS A 105 13.23 -12.33 5.56
N ASN A 106 14.36 -11.79 5.07
CA ASN A 106 15.56 -11.34 5.81
C ASN A 106 16.70 -10.89 4.86
N ASP A 107 16.72 -11.41 3.62
CA ASP A 107 17.73 -11.17 2.59
C ASP A 107 17.20 -11.65 1.22
N SER A 108 17.66 -11.03 0.12
CA SER A 108 17.20 -11.35 -1.25
C SER A 108 17.72 -12.70 -1.79
N LYS A 109 18.66 -13.35 -1.11
CA LYS A 109 19.26 -14.66 -1.43
C LYS A 109 19.22 -15.63 -0.23
N SER A 110 18.22 -15.46 0.66
CA SER A 110 18.01 -16.34 1.82
C SER A 110 17.61 -17.78 1.44
N GLY A 111 17.82 -18.74 2.38
CA GLY A 111 17.47 -20.15 2.19
C GLY A 111 18.46 -20.91 1.29
N PRO A 112 18.07 -22.09 0.75
CA PRO A 112 18.94 -22.95 -0.05
C PRO A 112 19.07 -22.50 -1.51
N SER A 113 18.25 -21.55 -1.99
CA SER A 113 18.28 -20.98 -3.36
C SER A 113 17.92 -21.97 -4.49
N SER A 114 17.55 -23.22 -4.16
CA SER A 114 17.23 -24.31 -5.08
C SER A 114 16.48 -25.46 -4.37
N GLY A 115 15.82 -26.33 -5.13
CA GLY A 115 15.01 -27.46 -4.62
C GLY A 115 14.44 -28.33 -5.74
N GLY A 1 0.87 16.24 -21.35
CA GLY A 1 -0.10 16.73 -20.36
C GLY A 1 0.45 17.89 -19.54
N SER A 2 -0.17 18.20 -18.41
CA SER A 2 0.19 19.30 -17.50
C SER A 2 -0.46 19.12 -16.13
N SER A 3 0.19 19.59 -15.06
CA SER A 3 -0.38 19.63 -13.70
C SER A 3 -1.23 20.90 -13.44
N GLY A 4 -1.24 21.86 -14.38
CA GLY A 4 -1.95 23.14 -14.28
C GLY A 4 -3.38 23.14 -14.85
N SER A 5 -3.88 21.98 -15.27
CA SER A 5 -5.22 21.77 -15.84
C SER A 5 -5.62 20.28 -15.77
N SER A 6 -6.85 19.94 -16.19
CA SER A 6 -7.40 18.57 -16.22
C SER A 6 -7.51 17.90 -14.83
N GLY A 7 -7.50 18.71 -13.75
CA GLY A 7 -7.43 18.30 -12.35
C GLY A 7 -6.04 18.60 -11.76
N LEU A 8 -6.01 19.43 -10.71
CA LEU A 8 -4.77 19.97 -10.12
C LEU A 8 -4.04 18.98 -9.18
N THR A 9 -4.66 17.82 -8.91
CA THR A 9 -4.15 16.73 -8.06
C THR A 9 -4.46 15.38 -8.71
N GLN A 10 -3.51 14.45 -8.68
CA GLN A 10 -3.55 13.16 -9.38
C GLN A 10 -2.45 12.22 -8.86
N GLN A 11 -2.40 10.99 -9.37
CA GLN A 11 -1.35 10.00 -9.10
C GLN A 11 -1.17 9.06 -10.30
N SER A 12 -0.15 8.20 -10.28
CA SER A 12 0.22 7.30 -11.38
C SER A 12 -0.94 6.38 -11.86
N ILE A 13 -1.38 6.54 -13.11
CA ILE A 13 -2.47 5.76 -13.72
C ILE A 13 -2.03 4.29 -13.88
N GLY A 14 -2.92 3.36 -13.50
CA GLY A 14 -2.68 1.90 -13.57
C GLY A 14 -2.21 1.24 -12.28
N ALA A 15 -2.21 1.99 -11.18
CA ALA A 15 -1.72 1.56 -9.88
C ALA A 15 -2.51 0.41 -9.23
N ALA A 16 -3.81 0.29 -9.52
CA ALA A 16 -4.70 -0.71 -8.92
C ALA A 16 -4.48 -2.12 -9.50
N GLY A 17 -4.12 -3.04 -8.61
CA GLY A 17 -3.69 -4.41 -8.94
C GLY A 17 -2.21 -4.50 -9.31
N SER A 18 -1.46 -3.40 -9.25
CA SER A 18 -0.05 -3.38 -9.63
C SER A 18 0.84 -4.05 -8.58
N GLN A 19 1.60 -5.05 -9.03
CA GLN A 19 2.53 -5.83 -8.21
C GLN A 19 3.86 -5.08 -7.98
N LYS A 20 4.03 -3.87 -8.53
CA LYS A 20 5.27 -3.10 -8.40
C LYS A 20 5.51 -2.66 -6.95
N GLU A 21 6.73 -2.87 -6.46
CA GLU A 21 7.17 -2.40 -5.15
C GLU A 21 7.82 -1.00 -5.29
N GLY A 22 7.62 -0.14 -4.29
CA GLY A 22 8.28 1.17 -4.18
C GLY A 22 9.72 1.08 -3.64
N PRO A 23 10.48 2.19 -3.64
CA PRO A 23 11.82 2.24 -3.07
C PRO A 23 11.79 2.15 -1.54
N GLU A 24 12.95 1.93 -0.92
CA GLU A 24 13.10 1.73 0.53
C GLU A 24 12.53 2.90 1.34
N GLY A 25 11.56 2.61 2.22
CA GLY A 25 10.89 3.60 3.07
C GLY A 25 9.67 4.26 2.42
N ALA A 26 9.43 4.03 1.12
CA ALA A 26 8.28 4.54 0.35
C ALA A 26 7.17 3.49 0.13
N ASN A 27 7.36 2.30 0.69
CA ASN A 27 6.55 1.10 0.46
C ASN A 27 5.89 0.62 1.77
N LEU A 28 4.56 0.44 1.74
CA LEU A 28 3.71 0.18 2.90
C LEU A 28 2.98 -1.16 2.79
N PHE A 29 2.88 -1.81 3.94
CA PHE A 29 2.07 -2.99 4.22
C PHE A 29 0.91 -2.56 5.14
N ILE A 30 -0.31 -2.93 4.76
CA ILE A 30 -1.56 -2.66 5.45
C ILE A 30 -2.18 -4.00 5.88
N TYR A 31 -2.66 -4.08 7.12
CA TYR A 31 -3.31 -5.24 7.72
C TYR A 31 -4.63 -4.81 8.42
N HIS A 32 -5.50 -5.78 8.71
CA HIS A 32 -6.85 -5.60 9.28
C HIS A 32 -7.83 -4.87 8.33
N LEU A 33 -7.64 -4.98 7.00
CA LEU A 33 -8.61 -4.52 6.00
C LEU A 33 -9.96 -5.27 6.17
N PRO A 34 -11.10 -4.65 5.78
CA PRO A 34 -12.36 -5.38 5.66
C PRO A 34 -12.24 -6.33 4.45
N GLN A 35 -12.83 -7.53 4.54
CA GLN A 35 -12.61 -8.62 3.57
C GLN A 35 -13.34 -8.42 2.21
N GLU A 36 -13.82 -7.20 1.94
CA GLU A 36 -14.50 -6.78 0.71
C GLU A 36 -13.83 -5.58 0.01
N PHE A 37 -12.70 -5.07 0.54
CA PHE A 37 -11.98 -3.92 -0.01
C PHE A 37 -11.21 -4.29 -1.29
N GLY A 38 -11.36 -3.50 -2.35
CA GLY A 38 -10.64 -3.65 -3.62
C GLY A 38 -9.36 -2.81 -3.68
N ASP A 39 -8.57 -3.03 -4.73
CA ASP A 39 -7.29 -2.35 -4.96
C ASP A 39 -7.47 -0.84 -5.18
N GLN A 40 -8.56 -0.44 -5.84
CA GLN A 40 -8.90 0.95 -6.10
C GLN A 40 -9.58 1.63 -4.89
N ASP A 41 -10.18 0.87 -3.98
CA ASP A 41 -10.70 1.41 -2.70
C ASP A 41 -9.54 1.74 -1.75
N LEU A 42 -8.54 0.85 -1.67
CA LEU A 42 -7.30 1.10 -0.93
C LEU A 42 -6.54 2.32 -1.49
N LEU A 43 -6.50 2.46 -2.81
CA LEU A 43 -5.92 3.63 -3.48
C LEU A 43 -6.64 4.92 -3.13
N GLN A 44 -7.97 4.98 -3.28
CA GLN A 44 -8.75 6.19 -2.99
C GLN A 44 -8.68 6.60 -1.51
N MET A 45 -8.43 5.66 -0.60
CA MET A 45 -8.23 5.91 0.83
C MET A 45 -6.82 6.42 1.17
N PHE A 46 -5.80 6.09 0.36
CA PHE A 46 -4.40 6.51 0.51
C PHE A 46 -3.97 7.67 -0.42
N MET A 47 -4.78 8.04 -1.42
CA MET A 47 -4.61 9.21 -2.30
C MET A 47 -4.25 10.53 -1.59
N PRO A 48 -4.86 10.90 -0.44
CA PRO A 48 -4.59 12.16 0.27
C PRO A 48 -3.14 12.40 0.70
N PHE A 49 -2.29 11.37 0.74
CA PHE A 49 -0.94 11.46 1.33
C PHE A 49 0.18 11.63 0.30
N GLY A 50 -0.12 11.56 -1.01
CA GLY A 50 0.81 11.81 -2.11
C GLY A 50 0.66 10.89 -3.32
N ASN A 51 1.65 10.89 -4.21
CA ASN A 51 1.63 10.13 -5.47
C ASN A 51 1.84 8.62 -5.23
N VAL A 52 0.73 7.89 -5.09
CA VAL A 52 0.72 6.41 -5.08
C VAL A 52 1.08 5.88 -6.47
N VAL A 53 2.13 5.05 -6.52
CA VAL A 53 2.66 4.35 -7.70
C VAL A 53 1.95 3.01 -7.94
N SER A 54 1.53 2.34 -6.87
CA SER A 54 0.91 1.00 -6.92
C SER A 54 0.10 0.73 -5.64
N ALA A 55 -1.00 -0.03 -5.78
CA ALA A 55 -1.88 -0.46 -4.69
C ALA A 55 -2.37 -1.88 -4.97
N LYS A 56 -2.24 -2.78 -3.99
CA LYS A 56 -2.45 -4.22 -4.17
C LYS A 56 -2.96 -4.89 -2.89
N VAL A 57 -4.24 -5.25 -2.86
CA VAL A 57 -4.84 -6.09 -1.81
C VAL A 57 -4.54 -7.55 -2.16
N PHE A 58 -4.16 -8.35 -1.16
CA PHE A 58 -3.81 -9.76 -1.36
C PHE A 58 -5.08 -10.62 -1.41
N ILE A 59 -5.34 -11.23 -2.58
CA ILE A 59 -6.53 -12.03 -2.88
C ILE A 59 -6.13 -13.48 -3.14
N ASP A 60 -6.82 -14.43 -2.51
CA ASP A 60 -6.59 -15.87 -2.66
C ASP A 60 -6.77 -16.33 -4.13
N LYS A 61 -5.77 -17.01 -4.69
CA LYS A 61 -5.77 -17.41 -6.11
C LYS A 61 -6.76 -18.53 -6.49
N GLN A 62 -7.44 -19.14 -5.52
CA GLN A 62 -8.38 -20.26 -5.73
C GLN A 62 -9.83 -19.87 -5.38
N THR A 63 -10.04 -19.12 -4.27
CA THR A 63 -11.38 -18.74 -3.79
C THR A 63 -11.77 -17.30 -4.14
N ASN A 64 -10.81 -16.47 -4.58
CA ASN A 64 -10.98 -15.06 -4.95
C ASN A 64 -11.38 -14.17 -3.75
N LEU A 65 -11.12 -14.62 -2.51
CA LEU A 65 -11.39 -13.88 -1.27
C LEU A 65 -10.17 -13.06 -0.83
N SER A 66 -10.40 -11.91 -0.22
CA SER A 66 -9.32 -11.13 0.43
C SER A 66 -8.77 -11.86 1.67
N LYS A 67 -7.47 -11.70 1.93
CA LYS A 67 -6.81 -12.18 3.15
C LYS A 67 -6.66 -11.07 4.23
N CYS A 68 -7.38 -9.96 4.09
CA CYS A 68 -7.41 -8.81 5.02
C CYS A 68 -6.09 -8.03 5.12
N PHE A 69 -5.17 -8.24 4.17
CA PHE A 69 -3.89 -7.53 4.07
C PHE A 69 -3.59 -7.10 2.63
N GLY A 70 -2.79 -6.05 2.48
CA GLY A 70 -2.44 -5.44 1.21
C GLY A 70 -1.26 -4.47 1.31
N PHE A 71 -1.05 -3.72 0.24
CA PHE A 71 0.11 -2.87 0.03
C PHE A 71 -0.24 -1.56 -0.69
N VAL A 72 0.56 -0.52 -0.42
CA VAL A 72 0.53 0.78 -1.10
C VAL A 72 1.96 1.27 -1.22
N SER A 73 2.37 1.75 -2.41
CA SER A 73 3.71 2.29 -2.63
C SER A 73 3.67 3.69 -3.25
N TYR A 74 4.53 4.58 -2.76
CA TYR A 74 4.70 5.95 -3.23
C TYR A 74 6.03 6.12 -3.99
N ASP A 75 6.20 7.27 -4.65
CA ASP A 75 7.47 7.65 -5.30
C ASP A 75 8.52 8.25 -4.33
N ASN A 76 8.18 8.40 -3.04
CA ASN A 76 9.04 8.99 -2.02
C ASN A 76 8.65 8.55 -0.59
N PRO A 77 9.56 8.62 0.40
CA PRO A 77 9.33 8.11 1.74
C PRO A 77 8.52 9.04 2.65
N VAL A 78 8.40 10.34 2.32
CA VAL A 78 7.64 11.31 3.13
C VAL A 78 6.12 11.08 2.95
N SER A 79 5.67 10.76 1.73
CA SER A 79 4.25 10.42 1.49
C SER A 79 3.84 9.11 2.17
N ALA A 80 4.74 8.11 2.19
CA ALA A 80 4.54 6.85 2.89
C ALA A 80 4.47 7.03 4.42
N GLN A 81 5.42 7.77 5.01
CA GLN A 81 5.38 8.17 6.42
C GLN A 81 4.11 8.93 6.79
N ALA A 82 3.69 9.91 5.98
CA ALA A 82 2.46 10.66 6.21
C ALA A 82 1.20 9.77 6.19
N ALA A 83 1.20 8.71 5.38
CA ALA A 83 0.14 7.71 5.37
C ALA A 83 0.17 6.81 6.62
N ILE A 84 1.33 6.34 7.08
CA ILE A 84 1.46 5.57 8.34
C ILE A 84 0.90 6.40 9.51
N GLN A 85 1.32 7.66 9.57
CA GLN A 85 1.00 8.59 10.65
C GLN A 85 -0.47 9.04 10.66
N SER A 86 -1.24 8.79 9.59
CA SER A 86 -2.68 9.06 9.54
C SER A 86 -3.56 7.79 9.52
N MET A 87 -3.05 6.66 9.01
CA MET A 87 -3.84 5.44 8.75
C MET A 87 -3.62 4.30 9.75
N ASN A 88 -2.52 4.30 10.50
CA ASN A 88 -2.32 3.31 11.57
C ASN A 88 -3.25 3.64 12.75
N GLY A 89 -4.24 2.76 13.00
CA GLY A 89 -5.33 2.96 13.96
C GLY A 89 -6.61 3.59 13.36
N PHE A 90 -6.69 3.75 12.03
CA PHE A 90 -7.90 4.23 11.34
C PHE A 90 -9.04 3.20 11.46
N GLN A 91 -10.19 3.60 11.99
CA GLN A 91 -11.33 2.70 12.22
C GLN A 91 -12.16 2.54 10.94
N ILE A 92 -12.50 1.29 10.58
CA ILE A 92 -13.16 0.93 9.32
C ILE A 92 -14.10 -0.27 9.55
N GLY A 93 -15.41 -0.07 9.29
CA GLY A 93 -16.48 -1.04 9.58
C GLY A 93 -16.80 -1.12 11.08
N MET A 94 -15.80 -1.48 11.89
CA MET A 94 -15.82 -1.55 13.36
C MET A 94 -14.39 -1.72 13.92
N LYS A 95 -13.57 -2.54 13.27
CA LYS A 95 -12.15 -2.76 13.60
C LYS A 95 -11.23 -1.61 13.14
N ARG A 96 -9.93 -1.67 13.47
CA ARG A 96 -8.92 -0.67 13.12
C ARG A 96 -7.81 -1.23 12.22
N LEU A 97 -7.40 -0.44 11.23
CA LEU A 97 -6.28 -0.72 10.34
C LEU A 97 -4.94 -0.69 11.08
N LYS A 98 -4.01 -1.51 10.62
CA LYS A 98 -2.62 -1.58 11.05
C LYS A 98 -1.73 -1.30 9.84
N VAL A 99 -0.80 -0.34 9.91
CA VAL A 99 -0.03 0.14 8.75
C VAL A 99 1.43 0.38 9.14
N GLN A 100 2.34 -0.19 8.36
CA GLN A 100 3.79 -0.22 8.62
C GLN A 100 4.57 -0.18 7.30
N LEU A 101 5.88 0.06 7.37
CA LEU A 101 6.78 -0.10 6.22
C LEU A 101 6.89 -1.58 5.84
N LYS A 102 7.08 -1.85 4.54
CA LYS A 102 7.43 -3.16 3.98
C LYS A 102 8.67 -3.76 4.68
N ARG A 103 8.71 -5.09 4.87
CA ARG A 103 9.85 -5.82 5.48
C ARG A 103 11.20 -5.43 4.86
N SER A 104 12.14 -5.01 5.70
CA SER A 104 13.48 -4.49 5.40
C SER A 104 14.27 -4.29 6.71
N LYS A 105 15.57 -4.03 6.64
CA LYS A 105 16.46 -3.93 7.81
C LYS A 105 16.34 -2.61 8.62
N ASN A 106 15.51 -1.66 8.15
CA ASN A 106 15.26 -0.37 8.80
C ASN A 106 14.56 -0.54 10.17
N ASP A 107 14.97 0.25 11.18
CA ASP A 107 14.43 0.19 12.55
C ASP A 107 14.72 1.50 13.32
N SER A 108 13.76 1.96 14.11
CA SER A 108 13.79 3.26 14.81
C SER A 108 14.72 3.31 16.04
N LYS A 109 15.31 2.19 16.48
CA LYS A 109 16.17 2.10 17.67
C LYS A 109 17.44 1.26 17.44
N SER A 110 17.38 0.20 16.64
CA SER A 110 18.54 -0.61 16.23
C SER A 110 19.25 -0.06 14.97
N GLY A 111 18.60 0.87 14.24
CA GLY A 111 19.17 1.58 13.09
C GLY A 111 20.08 2.75 13.52
N PRO A 112 19.54 3.81 14.14
CA PRO A 112 20.30 4.98 14.58
C PRO A 112 21.15 4.67 15.82
N SER A 113 22.31 5.33 15.93
CA SER A 113 23.30 5.19 17.01
C SER A 113 24.28 6.37 17.01
N SER A 114 24.89 6.69 18.15
CA SER A 114 25.78 7.85 18.33
C SER A 114 27.20 7.69 17.75
N GLY A 115 27.54 6.48 17.25
CA GLY A 115 28.86 6.14 16.68
C GLY A 115 28.90 4.71 16.11
N GLY A 1 -23.91 13.17 -20.61
CA GLY A 1 -23.01 14.22 -20.06
C GLY A 1 -23.40 14.61 -18.64
N SER A 2 -22.74 15.63 -18.09
CA SER A 2 -22.95 16.14 -16.73
C SER A 2 -22.34 17.54 -16.56
N SER A 3 -22.85 18.34 -15.61
CA SER A 3 -22.26 19.62 -15.19
C SER A 3 -21.13 19.48 -14.15
N GLY A 4 -20.92 18.27 -13.62
CA GLY A 4 -19.85 17.94 -12.66
C GLY A 4 -18.54 17.54 -13.35
N SER A 5 -17.42 17.71 -12.64
CA SER A 5 -16.05 17.43 -13.12
C SER A 5 -15.14 16.98 -11.96
N SER A 6 -14.16 16.12 -12.24
CA SER A 6 -13.22 15.60 -11.24
C SER A 6 -12.25 16.68 -10.72
N GLY A 7 -12.08 16.76 -9.39
CA GLY A 7 -11.19 17.73 -8.71
C GLY A 7 -9.71 17.31 -8.70
N LEU A 8 -9.36 16.18 -9.30
CA LEU A 8 -8.02 15.58 -9.35
C LEU A 8 -7.93 14.73 -10.63
N THR A 9 -7.05 15.10 -11.57
CA THR A 9 -6.99 14.55 -12.95
C THR A 9 -5.67 13.87 -13.31
N GLN A 10 -4.63 13.99 -12.50
CA GLN A 10 -3.29 13.40 -12.72
C GLN A 10 -2.72 12.96 -11.37
N GLN A 11 -2.25 11.71 -11.28
CA GLN A 11 -1.85 11.07 -10.01
C GLN A 11 -0.93 9.87 -10.23
N SER A 12 -1.26 8.98 -11.16
CA SER A 12 -0.50 7.75 -11.46
C SER A 12 -0.87 7.14 -12.82
N ILE A 13 -0.26 6.00 -13.18
CA ILE A 13 -0.65 5.18 -14.36
C ILE A 13 -1.98 4.43 -14.13
N GLY A 14 -2.44 4.36 -12.87
CA GLY A 14 -3.69 3.73 -12.43
C GLY A 14 -3.55 3.01 -11.08
N ALA A 15 -2.35 2.47 -10.80
CA ALA A 15 -1.86 1.89 -9.53
C ALA A 15 -2.56 0.61 -9.02
N ALA A 16 -3.85 0.41 -9.30
CA ALA A 16 -4.67 -0.67 -8.76
C ALA A 16 -4.42 -2.02 -9.45
N GLY A 17 -4.00 -3.00 -8.64
CA GLY A 17 -3.58 -4.33 -9.09
C GLY A 17 -2.11 -4.38 -9.54
N SER A 18 -1.43 -3.23 -9.63
CA SER A 18 0.00 -3.16 -9.91
C SER A 18 0.82 -3.66 -8.71
N GLN A 19 2.02 -4.19 -8.96
CA GLN A 19 2.82 -4.87 -7.94
C GLN A 19 4.29 -4.41 -7.90
N LYS A 20 4.63 -3.32 -8.61
CA LYS A 20 5.93 -2.67 -8.48
C LYS A 20 6.04 -1.96 -7.12
N GLU A 21 7.12 -2.26 -6.41
CA GLU A 21 7.34 -1.92 -5.02
C GLU A 21 8.18 -0.64 -4.92
N GLY A 22 7.80 0.27 -4.01
CA GLY A 22 8.41 1.59 -3.85
C GLY A 22 9.85 1.54 -3.31
N PRO A 23 10.62 2.64 -3.46
CA PRO A 23 12.00 2.75 -2.99
C PRO A 23 12.10 2.73 -1.45
N GLU A 24 13.32 2.80 -0.92
CA GLU A 24 13.61 2.70 0.52
C GLU A 24 12.79 3.68 1.36
N GLY A 25 11.95 3.15 2.25
CA GLY A 25 11.06 3.91 3.13
C GLY A 25 9.75 4.40 2.49
N ALA A 26 9.54 4.18 1.19
CA ALA A 26 8.37 4.63 0.43
C ALA A 26 7.29 3.55 0.20
N ASN A 27 7.58 2.31 0.61
CA ASN A 27 6.67 1.16 0.51
C ASN A 27 5.97 0.86 1.86
N LEU A 28 4.72 0.39 1.80
CA LEU A 28 3.82 0.20 2.93
C LEU A 28 3.08 -1.12 2.89
N PHE A 29 2.83 -1.65 4.09
CA PHE A 29 1.98 -2.80 4.37
C PHE A 29 0.84 -2.37 5.33
N ILE A 30 -0.37 -2.78 4.99
CA ILE A 30 -1.63 -2.51 5.71
C ILE A 30 -2.21 -3.85 6.17
N TYR A 31 -2.70 -3.92 7.40
CA TYR A 31 -3.39 -5.09 7.97
C TYR A 31 -4.71 -4.68 8.66
N HIS A 32 -5.65 -5.62 8.76
CA HIS A 32 -7.02 -5.51 9.31
C HIS A 32 -8.04 -4.90 8.32
N LEU A 33 -7.81 -5.01 7.01
CA LEU A 33 -8.75 -4.58 5.96
C LEU A 33 -10.08 -5.37 6.00
N PRO A 34 -11.19 -4.85 5.43
CA PRO A 34 -12.41 -5.60 5.19
C PRO A 34 -12.21 -6.86 4.34
N GLN A 35 -13.10 -7.84 4.50
CA GLN A 35 -13.04 -9.16 3.83
C GLN A 35 -13.30 -9.09 2.30
N GLU A 36 -13.71 -7.93 1.78
CA GLU A 36 -14.14 -7.70 0.40
C GLU A 36 -13.49 -6.46 -0.26
N PHE A 37 -12.47 -5.88 0.38
CA PHE A 37 -11.85 -4.62 -0.04
C PHE A 37 -11.11 -4.75 -1.38
N GLY A 38 -11.36 -3.81 -2.31
CA GLY A 38 -10.73 -3.77 -3.63
C GLY A 38 -9.45 -2.94 -3.67
N ASP A 39 -8.68 -3.11 -4.74
CA ASP A 39 -7.42 -2.38 -4.97
C ASP A 39 -7.63 -0.86 -5.14
N GLN A 40 -8.77 -0.48 -5.74
CA GLN A 40 -9.18 0.91 -5.90
C GLN A 40 -9.75 1.50 -4.60
N ASP A 41 -10.33 0.68 -3.71
CA ASP A 41 -10.78 1.14 -2.39
C ASP A 41 -9.58 1.52 -1.50
N LEU A 42 -8.50 0.74 -1.58
CA LEU A 42 -7.23 1.05 -0.93
C LEU A 42 -6.59 2.31 -1.53
N LEU A 43 -6.65 2.49 -2.85
CA LEU A 43 -6.13 3.68 -3.53
C LEU A 43 -6.87 4.96 -3.13
N GLN A 44 -8.20 4.96 -3.19
CA GLN A 44 -9.02 6.11 -2.80
C GLN A 44 -8.82 6.51 -1.32
N MET A 45 -8.37 5.58 -0.48
CA MET A 45 -8.10 5.80 0.94
C MET A 45 -6.67 6.29 1.23
N PHE A 46 -5.72 6.08 0.30
CA PHE A 46 -4.30 6.44 0.45
C PHE A 46 -3.81 7.57 -0.49
N MET A 47 -4.51 7.88 -1.59
CA MET A 47 -4.22 9.01 -2.48
C MET A 47 -4.05 10.38 -1.78
N PRO A 48 -4.82 10.74 -0.74
CA PRO A 48 -4.67 11.99 0.01
C PRO A 48 -3.27 12.27 0.61
N PHE A 49 -2.38 11.27 0.70
CA PHE A 49 -1.08 11.39 1.37
C PHE A 49 0.11 11.50 0.40
N GLY A 50 -0.10 11.43 -0.93
CA GLY A 50 0.94 11.59 -1.95
C GLY A 50 0.68 10.84 -3.26
N ASN A 51 1.67 10.89 -4.17
CA ASN A 51 1.62 10.24 -5.48
C ASN A 51 1.98 8.74 -5.40
N VAL A 52 1.00 7.88 -5.70
CA VAL A 52 1.02 6.42 -5.50
C VAL A 52 1.56 5.74 -6.77
N VAL A 53 2.55 4.87 -6.60
CA VAL A 53 3.14 4.02 -7.66
C VAL A 53 2.32 2.74 -7.84
N SER A 54 1.78 2.18 -6.76
CA SER A 54 0.99 0.94 -6.77
C SER A 54 0.14 0.77 -5.50
N ALA A 55 -0.97 0.02 -5.63
CA ALA A 55 -1.88 -0.36 -4.55
C ALA A 55 -2.49 -1.73 -4.85
N LYS A 56 -2.39 -2.67 -3.90
CA LYS A 56 -2.74 -4.09 -4.12
C LYS A 56 -3.20 -4.76 -2.81
N VAL A 57 -4.48 -5.12 -2.71
CA VAL A 57 -5.05 -5.90 -1.60
C VAL A 57 -4.83 -7.39 -1.90
N PHE A 58 -4.40 -8.17 -0.91
CA PHE A 58 -4.17 -9.60 -1.06
C PHE A 58 -5.49 -10.38 -0.91
N ILE A 59 -5.88 -11.09 -1.97
CA ILE A 59 -7.14 -11.82 -2.11
C ILE A 59 -6.85 -13.25 -2.58
N ASP A 60 -7.46 -14.24 -1.92
CA ASP A 60 -7.26 -15.65 -2.20
C ASP A 60 -7.81 -16.04 -3.59
N LYS A 61 -6.97 -16.62 -4.44
CA LYS A 61 -7.29 -16.95 -5.84
C LYS A 61 -8.09 -18.26 -6.03
N GLN A 62 -8.59 -18.88 -4.96
CA GLN A 62 -9.49 -20.05 -5.01
C GLN A 62 -10.89 -19.77 -4.43
N THR A 63 -11.03 -18.77 -3.55
CA THR A 63 -12.28 -18.42 -2.83
C THR A 63 -12.71 -16.96 -2.98
N ASN A 64 -11.86 -16.09 -3.53
CA ASN A 64 -12.09 -14.67 -3.81
C ASN A 64 -12.27 -13.79 -2.54
N LEU A 65 -11.89 -14.30 -1.36
CA LEU A 65 -11.93 -13.58 -0.08
C LEU A 65 -10.63 -12.79 0.15
N SER A 66 -10.73 -11.57 0.67
CA SER A 66 -9.55 -10.83 1.14
C SER A 66 -8.93 -11.53 2.35
N LYS A 67 -7.59 -11.60 2.39
CA LYS A 67 -6.85 -12.06 3.58
C LYS A 67 -6.65 -10.92 4.61
N CYS A 68 -7.38 -9.80 4.46
CA CYS A 68 -7.40 -8.65 5.37
C CYS A 68 -6.07 -7.89 5.43
N PHE A 69 -5.19 -8.06 4.44
CA PHE A 69 -3.91 -7.36 4.32
C PHE A 69 -3.64 -6.91 2.88
N GLY A 70 -2.84 -5.85 2.73
CA GLY A 70 -2.53 -5.24 1.44
C GLY A 70 -1.28 -4.37 1.45
N PHE A 71 -0.95 -3.84 0.27
CA PHE A 71 0.27 -3.10 -0.03
C PHE A 71 -0.06 -1.75 -0.69
N VAL A 72 0.75 -0.73 -0.39
CA VAL A 72 0.74 0.58 -1.06
C VAL A 72 2.19 1.02 -1.24
N SER A 73 2.51 1.70 -2.33
CA SER A 73 3.84 2.30 -2.53
C SER A 73 3.75 3.68 -3.15
N TYR A 74 4.52 4.64 -2.60
CA TYR A 74 4.69 6.00 -3.10
C TYR A 74 6.01 6.16 -3.86
N ASP A 75 6.17 7.30 -4.55
CA ASP A 75 7.41 7.68 -5.22
C ASP A 75 8.49 8.22 -4.24
N ASN A 76 8.13 8.45 -2.95
CA ASN A 76 9.01 9.06 -1.95
C ASN A 76 8.63 8.61 -0.51
N PRO A 77 9.57 8.71 0.46
CA PRO A 77 9.37 8.21 1.82
C PRO A 77 8.58 9.16 2.73
N VAL A 78 8.44 10.45 2.39
CA VAL A 78 7.67 11.41 3.19
C VAL A 78 6.17 11.12 3.08
N SER A 79 5.69 10.75 1.88
CA SER A 79 4.28 10.36 1.66
C SER A 79 3.92 9.05 2.40
N ALA A 80 4.84 8.08 2.44
CA ALA A 80 4.67 6.85 3.20
C ALA A 80 4.60 7.09 4.72
N GLN A 81 5.55 7.85 5.27
CA GLN A 81 5.56 8.27 6.68
C GLN A 81 4.29 9.05 7.05
N ALA A 82 3.82 9.96 6.18
CA ALA A 82 2.57 10.70 6.38
C ALA A 82 1.34 9.78 6.37
N ALA A 83 1.32 8.74 5.52
CA ALA A 83 0.23 7.77 5.48
C ALA A 83 0.23 6.87 6.72
N ILE A 84 1.38 6.47 7.26
CA ILE A 84 1.47 5.73 8.55
C ILE A 84 0.88 6.58 9.67
N GLN A 85 1.28 7.86 9.74
CA GLN A 85 0.82 8.81 10.76
C GLN A 85 -0.69 9.14 10.63
N SER A 86 -1.28 8.99 9.45
CA SER A 86 -2.70 9.27 9.20
C SER A 86 -3.61 8.03 9.26
N MET A 87 -3.08 6.83 9.02
CA MET A 87 -3.88 5.60 8.82
C MET A 87 -3.65 4.51 9.85
N ASN A 88 -2.55 4.54 10.62
CA ASN A 88 -2.36 3.58 11.71
C ASN A 88 -3.33 3.89 12.87
N GLY A 89 -4.30 3.00 13.09
CA GLY A 89 -5.43 3.17 14.02
C GLY A 89 -6.73 3.65 13.36
N PHE A 90 -6.78 3.79 12.03
CA PHE A 90 -7.98 4.21 11.28
C PHE A 90 -9.10 3.18 11.42
N GLN A 91 -10.27 3.59 11.92
CA GLN A 91 -11.41 2.69 12.12
C GLN A 91 -12.19 2.50 10.81
N ILE A 92 -12.50 1.24 10.48
CA ILE A 92 -13.18 0.86 9.23
C ILE A 92 -14.12 -0.32 9.49
N GLY A 93 -15.42 -0.13 9.23
CA GLY A 93 -16.50 -1.07 9.59
C GLY A 93 -16.81 -1.05 11.10
N MET A 94 -15.81 -1.40 11.91
CA MET A 94 -15.79 -1.38 13.38
C MET A 94 -14.38 -1.60 13.94
N LYS A 95 -13.59 -2.47 13.29
CA LYS A 95 -12.17 -2.71 13.59
C LYS A 95 -11.23 -1.57 13.16
N ARG A 96 -9.97 -1.60 13.59
CA ARG A 96 -8.95 -0.57 13.28
C ARG A 96 -7.78 -1.12 12.46
N LEU A 97 -7.35 -0.37 11.45
CA LEU A 97 -6.21 -0.68 10.58
C LEU A 97 -4.87 -0.54 11.29
N LYS A 98 -3.93 -1.41 10.94
CA LYS A 98 -2.51 -1.29 11.29
C LYS A 98 -1.71 -0.99 10.02
N VAL A 99 -0.83 0.01 10.04
CA VAL A 99 -0.08 0.48 8.87
C VAL A 99 1.38 0.74 9.25
N GLN A 100 2.29 0.33 8.37
CA GLN A 100 3.73 0.25 8.64
C GLN A 100 4.52 0.17 7.31
N LEU A 101 5.85 0.29 7.39
CA LEU A 101 6.72 0.00 6.25
C LEU A 101 6.69 -1.51 5.93
N LYS A 102 6.91 -1.86 4.66
CA LYS A 102 6.79 -3.24 4.16
C LYS A 102 7.97 -4.15 4.58
N ARG A 103 7.72 -5.47 4.66
CA ARG A 103 8.75 -6.49 4.90
C ARG A 103 9.61 -6.74 3.65
N SER A 104 10.83 -7.21 3.86
CA SER A 104 11.84 -7.52 2.84
C SER A 104 12.89 -8.50 3.40
N LYS A 105 13.71 -9.11 2.53
CA LYS A 105 14.69 -10.14 2.95
C LYS A 105 15.97 -9.57 3.61
N ASN A 106 16.26 -8.27 3.40
CA ASN A 106 17.41 -7.54 3.96
C ASN A 106 17.22 -6.01 3.80
N ASP A 107 17.92 -5.24 4.63
CA ASP A 107 17.86 -3.78 4.72
C ASP A 107 19.12 -3.19 5.41
N SER A 108 19.57 -3.81 6.50
CA SER A 108 20.73 -3.36 7.30
C SER A 108 21.36 -4.48 8.16
N LYS A 109 21.11 -5.76 7.84
CA LYS A 109 21.54 -6.92 8.62
C LYS A 109 23.05 -7.24 8.45
N SER A 110 23.90 -6.40 9.02
CA SER A 110 25.37 -6.49 9.00
C SER A 110 26.01 -5.67 10.14
N GLY A 111 27.33 -5.76 10.32
CA GLY A 111 28.09 -5.07 11.38
C GLY A 111 28.31 -3.57 11.10
N PRO A 112 28.62 -2.78 12.15
CA PRO A 112 28.84 -1.34 12.03
C PRO A 112 30.19 -1.02 11.38
N SER A 113 30.30 0.17 10.78
CA SER A 113 31.50 0.63 10.05
C SER A 113 32.67 1.09 10.95
N SER A 114 32.48 1.09 12.28
CA SER A 114 33.46 1.52 13.29
C SER A 114 33.06 1.05 14.71
N GLY A 115 34.01 1.10 15.66
CA GLY A 115 33.82 0.67 17.06
C GLY A 115 35.06 0.93 17.92
N GLY A 1 26.68 15.73 -4.95
CA GLY A 1 25.24 15.47 -5.16
C GLY A 1 24.60 16.49 -6.10
N SER A 2 23.35 16.27 -6.47
CA SER A 2 22.58 17.09 -7.43
C SER A 2 21.07 16.79 -7.37
N SER A 3 20.24 17.72 -7.84
CA SER A 3 18.77 17.65 -7.77
C SER A 3 18.11 18.23 -9.05
N GLY A 4 16.99 17.64 -9.47
CA GLY A 4 16.23 18.03 -10.68
C GLY A 4 15.33 16.92 -11.22
N SER A 5 14.63 17.20 -12.31
CA SER A 5 13.66 16.30 -12.94
C SER A 5 13.30 16.74 -14.38
N SER A 6 12.78 15.82 -15.20
CA SER A 6 12.41 16.07 -16.60
C SER A 6 10.95 16.53 -16.78
N GLY A 7 10.19 16.69 -15.69
CA GLY A 7 8.76 17.03 -15.69
C GLY A 7 8.10 16.84 -14.33
N LEU A 8 6.78 16.59 -14.34
CA LEU A 8 5.92 16.41 -13.15
C LEU A 8 5.05 15.15 -13.27
N THR A 9 4.50 14.70 -12.13
CA THR A 9 3.73 13.45 -11.97
C THR A 9 2.46 13.75 -11.16
N GLN A 10 1.38 13.01 -11.42
CA GLN A 10 0.04 13.26 -10.86
C GLN A 10 -0.73 11.92 -10.74
N GLN A 11 -1.67 11.85 -9.79
CA GLN A 11 -2.55 10.69 -9.59
C GLN A 11 -3.44 10.45 -10.82
N SER A 12 -3.62 9.17 -11.19
CA SER A 12 -4.39 8.74 -12.37
C SER A 12 -4.76 7.24 -12.28
N ILE A 13 -5.45 6.73 -13.31
CA ILE A 13 -5.93 5.34 -13.41
C ILE A 13 -4.75 4.38 -13.69
N GLY A 14 -4.76 3.22 -13.03
CA GLY A 14 -3.82 2.10 -13.25
C GLY A 14 -2.87 1.77 -12.11
N ALA A 15 -2.94 2.54 -11.03
CA ALA A 15 -2.26 2.24 -9.77
C ALA A 15 -2.90 1.04 -9.04
N ALA A 16 -4.21 0.84 -9.19
CA ALA A 16 -4.95 -0.34 -8.77
C ALA A 16 -4.99 -1.39 -9.89
N GLY A 17 -4.90 -2.66 -9.49
CA GLY A 17 -4.68 -3.78 -10.41
C GLY A 17 -3.21 -3.92 -10.80
N SER A 18 -2.31 -3.42 -9.96
CA SER A 18 -0.86 -3.36 -10.19
C SER A 18 -0.07 -3.60 -8.89
N GLN A 19 1.17 -4.05 -9.03
CA GLN A 19 2.07 -4.42 -7.93
C GLN A 19 3.51 -3.96 -8.19
N LYS A 20 3.66 -2.87 -8.97
CA LYS A 20 4.95 -2.22 -9.21
C LYS A 20 5.47 -1.54 -7.93
N GLU A 21 6.26 -2.30 -7.16
CA GLU A 21 6.81 -1.89 -5.88
C GLU A 21 7.77 -0.69 -6.02
N GLY A 22 7.67 0.28 -5.11
CA GLY A 22 8.41 1.55 -5.11
C GLY A 22 9.76 1.50 -4.37
N PRO A 23 10.38 2.66 -4.11
CA PRO A 23 11.65 2.80 -3.37
C PRO A 23 11.66 2.14 -1.99
N GLU A 24 12.86 1.93 -1.45
CA GLU A 24 13.06 1.52 -0.05
C GLU A 24 12.52 2.61 0.90
N GLY A 25 11.65 2.21 1.83
CA GLY A 25 10.95 3.11 2.75
C GLY A 25 9.71 3.79 2.16
N ALA A 26 9.47 3.66 0.85
CA ALA A 26 8.29 4.18 0.16
C ALA A 26 7.15 3.16 0.01
N ASN A 27 7.38 1.91 0.41
CA ASN A 27 6.39 0.83 0.39
C ASN A 27 5.78 0.63 1.77
N LEU A 28 4.44 0.66 1.82
CA LEU A 28 3.63 0.40 3.01
C LEU A 28 2.95 -0.95 2.93
N PHE A 29 2.77 -1.54 4.11
CA PHE A 29 1.98 -2.73 4.39
C PHE A 29 0.86 -2.34 5.37
N ILE A 30 -0.37 -2.73 5.02
CA ILE A 30 -1.61 -2.45 5.74
C ILE A 30 -2.22 -3.78 6.20
N TYR A 31 -2.74 -3.85 7.42
CA TYR A 31 -3.42 -5.03 7.99
C TYR A 31 -4.73 -4.63 8.71
N HIS A 32 -5.63 -5.61 8.88
CA HIS A 32 -6.99 -5.50 9.45
C HIS A 32 -8.01 -4.82 8.50
N LEU A 33 -7.81 -4.95 7.19
CA LEU A 33 -8.79 -4.54 6.16
C LEU A 33 -10.04 -5.45 6.17
N PRO A 34 -11.19 -4.98 5.64
CA PRO A 34 -12.37 -5.82 5.38
C PRO A 34 -12.05 -6.98 4.43
N GLN A 35 -12.79 -8.09 4.54
CA GLN A 35 -12.63 -9.27 3.67
C GLN A 35 -13.16 -9.07 2.23
N GLU A 36 -13.77 -7.92 1.94
CA GLU A 36 -14.31 -7.54 0.63
C GLU A 36 -13.62 -6.31 -0.01
N PHE A 37 -12.53 -5.83 0.60
CA PHE A 37 -11.81 -4.63 0.15
C PHE A 37 -11.00 -4.89 -1.14
N GLY A 38 -11.10 -3.98 -2.12
CA GLY A 38 -10.41 -4.06 -3.41
C GLY A 38 -9.23 -3.09 -3.54
N ASP A 39 -8.45 -3.27 -4.61
CA ASP A 39 -7.25 -2.48 -4.91
C ASP A 39 -7.55 -0.97 -5.07
N GLN A 40 -8.71 -0.64 -5.62
CA GLN A 40 -9.16 0.74 -5.82
C GLN A 40 -9.69 1.37 -4.52
N ASP A 41 -10.24 0.58 -3.59
CA ASP A 41 -10.69 1.07 -2.29
C ASP A 41 -9.49 1.48 -1.41
N LEU A 42 -8.40 0.70 -1.47
CA LEU A 42 -7.13 1.03 -0.82
C LEU A 42 -6.45 2.24 -1.47
N LEU A 43 -6.58 2.40 -2.79
CA LEU A 43 -6.09 3.59 -3.50
C LEU A 43 -6.85 4.85 -3.06
N GLN A 44 -8.19 4.82 -3.07
CA GLN A 44 -9.01 5.97 -2.66
C GLN A 44 -8.80 6.34 -1.18
N MET A 45 -8.36 5.41 -0.34
CA MET A 45 -7.98 5.62 1.06
C MET A 45 -6.62 6.33 1.21
N PHE A 46 -5.62 5.97 0.39
CA PHE A 46 -4.23 6.45 0.50
C PHE A 46 -3.83 7.57 -0.48
N MET A 47 -4.70 7.89 -1.45
CA MET A 47 -4.61 9.04 -2.38
C MET A 47 -4.14 10.39 -1.78
N PRO A 48 -4.64 10.88 -0.62
CA PRO A 48 -4.38 12.26 -0.17
C PRO A 48 -3.00 12.49 0.45
N PHE A 49 -2.22 11.44 0.67
CA PHE A 49 -0.93 11.51 1.39
C PHE A 49 0.31 11.60 0.47
N GLY A 50 0.12 11.56 -0.86
CA GLY A 50 1.19 11.76 -1.86
C GLY A 50 1.01 10.97 -3.15
N ASN A 51 2.06 10.96 -3.99
CA ASN A 51 2.03 10.33 -5.31
C ASN A 51 2.22 8.79 -5.20
N VAL A 52 1.22 8.03 -5.63
CA VAL A 52 1.15 6.56 -5.54
C VAL A 52 1.56 5.94 -6.88
N VAL A 53 2.50 5.00 -6.82
CA VAL A 53 3.02 4.20 -7.96
C VAL A 53 2.16 2.94 -8.17
N SER A 54 1.69 2.32 -7.09
CA SER A 54 0.74 1.18 -7.12
C SER A 54 0.07 0.95 -5.76
N ALA A 55 -1.09 0.29 -5.74
CA ALA A 55 -1.85 -0.05 -4.53
C ALA A 55 -2.64 -1.36 -4.75
N LYS A 56 -2.64 -2.24 -3.75
CA LYS A 56 -3.16 -3.60 -3.89
C LYS A 56 -3.62 -4.22 -2.56
N VAL A 57 -4.75 -4.92 -2.55
CA VAL A 57 -5.23 -5.75 -1.44
C VAL A 57 -5.00 -7.21 -1.83
N PHE A 58 -4.44 -8.01 -0.91
CA PHE A 58 -4.10 -9.40 -1.17
C PHE A 58 -5.35 -10.28 -1.10
N ILE A 59 -5.75 -10.86 -2.25
CA ILE A 59 -6.95 -11.69 -2.40
C ILE A 59 -6.55 -13.17 -2.39
N ASP A 60 -7.26 -13.99 -1.62
CA ASP A 60 -6.90 -15.38 -1.30
C ASP A 60 -6.84 -16.31 -2.52
N LYS A 61 -7.73 -16.08 -3.49
CA LYS A 61 -7.98 -16.79 -4.77
C LYS A 61 -8.79 -18.10 -4.66
N GLN A 62 -8.89 -18.70 -3.47
CA GLN A 62 -9.72 -19.90 -3.24
C GLN A 62 -11.17 -19.53 -2.89
N THR A 63 -11.35 -18.42 -2.14
CA THR A 63 -12.64 -17.89 -1.68
C THR A 63 -13.04 -16.59 -2.38
N ASN A 64 -12.12 -15.97 -3.14
CA ASN A 64 -12.25 -14.64 -3.76
C ASN A 64 -12.29 -13.49 -2.72
N LEU A 65 -12.04 -13.77 -1.44
CA LEU A 65 -12.02 -12.78 -0.35
C LEU A 65 -10.62 -12.21 -0.13
N SER A 66 -10.55 -11.02 0.44
CA SER A 66 -9.31 -10.43 0.94
C SER A 66 -8.81 -11.16 2.20
N LYS A 67 -7.50 -11.38 2.30
CA LYS A 67 -6.83 -11.92 3.48
C LYS A 67 -6.63 -10.87 4.60
N CYS A 68 -7.32 -9.73 4.53
CA CYS A 68 -7.29 -8.60 5.48
C CYS A 68 -5.99 -7.79 5.45
N PHE A 69 -5.13 -7.99 4.45
CA PHE A 69 -3.85 -7.26 4.30
C PHE A 69 -3.63 -6.77 2.87
N GLY A 70 -2.89 -5.66 2.75
CA GLY A 70 -2.61 -4.97 1.49
C GLY A 70 -1.34 -4.12 1.53
N PHE A 71 -1.10 -3.39 0.43
CA PHE A 71 0.13 -2.67 0.15
C PHE A 71 -0.14 -1.37 -0.61
N VAL A 72 0.72 -0.37 -0.39
CA VAL A 72 0.71 0.91 -1.14
C VAL A 72 2.14 1.37 -1.36
N SER A 73 2.50 1.61 -2.62
CA SER A 73 3.82 2.09 -3.04
C SER A 73 3.77 3.57 -3.44
N TYR A 74 4.47 4.43 -2.69
CA TYR A 74 4.65 5.83 -3.06
C TYR A 74 5.89 6.05 -3.95
N ASP A 75 5.97 7.23 -4.57
CA ASP A 75 7.14 7.67 -5.35
C ASP A 75 8.35 8.06 -4.47
N ASN A 76 8.16 8.18 -3.15
CA ASN A 76 9.16 8.62 -2.18
C ASN A 76 8.79 8.17 -0.74
N PRO A 77 9.74 8.16 0.22
CA PRO A 77 9.51 7.66 1.57
C PRO A 77 8.81 8.66 2.52
N VAL A 78 8.78 9.96 2.21
CA VAL A 78 8.13 10.98 3.06
C VAL A 78 6.60 10.88 2.95
N SER A 79 6.07 10.63 1.75
CA SER A 79 4.64 10.39 1.54
C SER A 79 4.16 9.10 2.24
N ALA A 80 4.97 8.04 2.21
CA ALA A 80 4.72 6.80 2.94
C ALA A 80 4.71 7.02 4.47
N GLN A 81 5.73 7.68 5.01
CA GLN A 81 5.79 8.06 6.44
C GLN A 81 4.60 8.92 6.88
N ALA A 82 4.20 9.92 6.08
CA ALA A 82 3.02 10.75 6.35
C ALA A 82 1.71 9.93 6.38
N ALA A 83 1.59 8.92 5.52
CA ALA A 83 0.44 8.03 5.49
C ALA A 83 0.41 7.06 6.69
N ILE A 84 1.55 6.56 7.18
CA ILE A 84 1.61 5.79 8.45
C ILE A 84 1.07 6.62 9.60
N GLN A 85 1.54 7.86 9.70
CA GLN A 85 1.17 8.81 10.74
C GLN A 85 -0.31 9.25 10.66
N SER A 86 -0.96 9.10 9.51
CA SER A 86 -2.36 9.47 9.29
C SER A 86 -3.36 8.29 9.37
N MET A 87 -2.89 7.04 9.13
CA MET A 87 -3.77 5.87 8.96
C MET A 87 -3.65 4.79 10.03
N ASN A 88 -2.63 4.83 10.89
CA ASN A 88 -2.57 3.94 12.06
C ASN A 88 -3.78 4.19 13.00
N GLY A 89 -4.52 3.13 13.34
CA GLY A 89 -5.72 3.19 14.21
C GLY A 89 -7.00 3.65 13.52
N PHE A 90 -7.01 3.81 12.18
CA PHE A 90 -8.20 4.20 11.41
C PHE A 90 -9.33 3.17 11.61
N GLN A 91 -10.51 3.60 12.05
CA GLN A 91 -11.64 2.71 12.31
C GLN A 91 -12.42 2.46 11.01
N ILE A 92 -12.68 1.20 10.68
CA ILE A 92 -13.31 0.80 9.42
C ILE A 92 -14.50 -0.15 9.64
N GLY A 93 -15.55 0.40 10.22
CA GLY A 93 -16.84 -0.25 10.48
C GLY A 93 -16.81 -1.10 11.75
N MET A 94 -15.92 -2.09 11.80
CA MET A 94 -15.77 -3.06 12.89
C MET A 94 -14.31 -3.47 13.18
N LYS A 95 -13.34 -2.74 12.59
CA LYS A 95 -11.90 -3.01 12.70
C LYS A 95 -11.09 -1.72 12.91
N ARG A 96 -9.83 -1.85 13.35
CA ARG A 96 -8.84 -0.76 13.47
C ARG A 96 -7.62 -1.09 12.61
N LEU A 97 -7.33 -0.27 11.60
CA LEU A 97 -6.23 -0.49 10.67
C LEU A 97 -4.85 -0.38 11.34
N LYS A 98 -3.96 -1.27 10.92
CA LYS A 98 -2.54 -1.30 11.28
C LYS A 98 -1.72 -0.98 10.02
N VAL A 99 -0.78 -0.04 10.09
CA VAL A 99 -0.02 0.46 8.92
C VAL A 99 1.44 0.68 9.31
N GLN A 100 2.35 0.21 8.46
CA GLN A 100 3.80 0.18 8.71
C GLN A 100 4.56 -0.01 7.39
N LEU A 101 5.90 0.09 7.42
CA LEU A 101 6.73 -0.15 6.25
C LEU A 101 6.69 -1.63 5.82
N LYS A 102 6.84 -1.87 4.52
CA LYS A 102 6.91 -3.22 3.93
C LYS A 102 8.08 -4.06 4.51
N ARG A 103 7.86 -5.38 4.57
CA ARG A 103 8.82 -6.42 4.97
C ARG A 103 8.82 -7.54 3.89
N SER A 104 9.19 -8.76 4.26
CA SER A 104 9.16 -9.95 3.40
C SER A 104 8.48 -11.13 4.12
N LYS A 105 8.00 -12.11 3.35
CA LYS A 105 7.30 -13.29 3.88
C LYS A 105 8.21 -14.15 4.79
N ASN A 106 7.66 -14.69 5.88
CA ASN A 106 8.39 -15.41 6.93
C ASN A 106 9.14 -16.68 6.47
N ASP A 107 8.78 -17.24 5.31
CA ASP A 107 9.49 -18.33 4.62
C ASP A 107 9.48 -18.09 3.11
N SER A 108 10.65 -18.20 2.47
CA SER A 108 10.88 -17.92 1.04
C SER A 108 12.28 -18.38 0.60
N LYS A 109 12.56 -18.33 -0.71
CA LYS A 109 13.85 -18.72 -1.33
C LYS A 109 14.08 -17.96 -2.65
N SER A 110 15.16 -17.19 -2.72
CA SER A 110 15.48 -16.29 -3.84
C SER A 110 16.89 -16.51 -4.46
N GLY A 111 17.67 -17.45 -3.91
CA GLY A 111 18.99 -17.87 -4.41
C GLY A 111 18.90 -19.00 -5.45
N PRO A 112 20.02 -19.69 -5.73
CA PRO A 112 20.05 -20.85 -6.62
C PRO A 112 19.32 -22.05 -6.01
N SER A 113 19.01 -23.06 -6.84
CA SER A 113 18.23 -24.24 -6.44
C SER A 113 18.90 -25.10 -5.34
N SER A 114 20.22 -25.04 -5.23
CA SER A 114 21.07 -25.75 -4.25
C SER A 114 22.50 -25.16 -4.24
N GLY A 115 23.24 -25.36 -3.13
CA GLY A 115 24.61 -24.87 -2.94
C GLY A 115 25.25 -25.37 -1.64
N GLY A 1 -7.82 3.51 -36.36
CA GLY A 1 -8.44 3.77 -35.05
C GLY A 1 -8.95 5.20 -34.95
N SER A 2 -9.93 5.45 -34.08
CA SER A 2 -10.62 6.74 -33.96
C SER A 2 -9.86 7.80 -33.13
N SER A 3 -8.77 7.43 -32.47
CA SER A 3 -7.88 8.28 -31.64
C SER A 3 -6.54 7.56 -31.37
N GLY A 4 -5.47 8.34 -31.13
CA GLY A 4 -4.11 7.82 -30.90
C GLY A 4 -3.82 7.38 -29.46
N SER A 5 -4.78 7.54 -28.54
CA SER A 5 -4.67 7.26 -27.11
C SER A 5 -6.06 7.23 -26.44
N SER A 6 -6.13 6.80 -25.18
CA SER A 6 -7.35 6.81 -24.35
C SER A 6 -7.63 8.17 -23.65
N GLY A 7 -6.75 9.17 -23.86
CA GLY A 7 -6.78 10.49 -23.21
C GLY A 7 -5.38 10.98 -22.82
N LEU A 8 -5.33 11.92 -21.87
CA LEU A 8 -4.07 12.49 -21.36
C LEU A 8 -3.32 11.45 -20.51
N THR A 9 -2.04 11.19 -20.85
CA THR A 9 -1.16 10.24 -20.15
C THR A 9 -0.89 10.74 -18.73
N GLN A 10 -1.22 9.91 -17.74
CA GLN A 10 -1.19 10.23 -16.31
C GLN A 10 -0.79 8.98 -15.51
N GLN A 11 -0.01 9.15 -14.44
CA GLN A 11 0.48 8.05 -13.62
C GLN A 11 -0.60 7.48 -12.67
N SER A 12 -1.75 8.14 -12.55
CA SER A 12 -2.91 7.71 -11.76
C SER A 12 -3.75 6.59 -12.40
N ILE A 13 -3.23 6.04 -13.49
CA ILE A 13 -3.86 5.07 -14.40
C ILE A 13 -2.99 3.80 -14.43
N GLY A 14 -3.58 2.65 -14.08
CA GLY A 14 -2.87 1.37 -13.96
C GLY A 14 -2.19 1.11 -12.61
N ALA A 15 -2.45 1.98 -11.63
CA ALA A 15 -1.92 1.92 -10.28
C ALA A 15 -2.58 0.86 -9.38
N ALA A 16 -3.73 0.31 -9.79
CA ALA A 16 -4.48 -0.74 -9.12
C ALA A 16 -4.58 -1.97 -10.02
N GLY A 17 -4.41 -3.16 -9.43
CA GLY A 17 -4.25 -4.42 -10.16
C GLY A 17 -2.83 -4.60 -10.67
N SER A 18 -1.85 -4.08 -9.94
CA SER A 18 -0.42 -4.04 -10.30
C SER A 18 0.48 -4.48 -9.13
N GLN A 19 1.77 -4.63 -9.39
CA GLN A 19 2.79 -5.20 -8.48
C GLN A 19 3.99 -4.25 -8.33
N LYS A 20 3.85 -2.96 -8.68
CA LYS A 20 4.95 -2.00 -8.74
C LYS A 20 5.36 -1.46 -7.35
N GLU A 21 6.11 -2.29 -6.61
CA GLU A 21 6.60 -1.99 -5.26
C GLU A 21 7.63 -0.84 -5.29
N GLY A 22 7.51 0.10 -4.35
CA GLY A 22 8.32 1.34 -4.27
C GLY A 22 9.67 1.15 -3.57
N PRO A 23 10.52 2.20 -3.57
CA PRO A 23 11.88 2.17 -3.01
C PRO A 23 11.89 2.07 -1.48
N GLU A 24 13.09 1.94 -0.90
CA GLU A 24 13.31 1.79 0.55
C GLU A 24 12.66 2.95 1.35
N GLY A 25 11.77 2.59 2.28
CA GLY A 25 11.03 3.53 3.13
C GLY A 25 9.77 4.11 2.48
N ALA A 26 9.51 3.83 1.18
CA ALA A 26 8.37 4.34 0.43
C ALA A 26 7.25 3.30 0.21
N ASN A 27 7.44 2.07 0.70
CA ASN A 27 6.49 0.95 0.56
C ASN A 27 5.83 0.59 1.92
N LEU A 28 4.52 0.30 1.89
CA LEU A 28 3.66 0.14 3.06
C LEU A 28 2.87 -1.16 3.05
N PHE A 29 2.67 -1.72 4.26
CA PHE A 29 1.79 -2.83 4.57
C PHE A 29 0.62 -2.30 5.41
N ILE A 30 -0.59 -2.63 4.99
CA ILE A 30 -1.88 -2.28 5.61
C ILE A 30 -2.56 -3.59 6.01
N TYR A 31 -3.16 -3.66 7.19
CA TYR A 31 -3.78 -4.89 7.72
C TYR A 31 -5.02 -4.58 8.57
N HIS A 32 -5.93 -5.56 8.67
CA HIS A 32 -7.26 -5.52 9.27
C HIS A 32 -8.32 -4.85 8.35
N LEU A 33 -8.09 -4.90 7.03
CA LEU A 33 -9.03 -4.43 5.98
C LEU A 33 -10.33 -5.26 5.95
N PRO A 34 -11.39 -4.79 5.25
CA PRO A 34 -12.57 -5.59 4.95
C PRO A 34 -12.23 -6.80 4.09
N GLN A 35 -13.00 -7.89 4.23
CA GLN A 35 -12.81 -9.16 3.51
C GLN A 35 -13.26 -9.09 2.02
N GLU A 36 -13.69 -7.91 1.56
CA GLU A 36 -14.18 -7.63 0.21
C GLU A 36 -13.54 -6.38 -0.43
N PHE A 37 -12.49 -5.81 0.20
CA PHE A 37 -11.84 -4.58 -0.25
C PHE A 37 -11.04 -4.80 -1.54
N GLY A 38 -11.18 -3.90 -2.52
CA GLY A 38 -10.51 -3.96 -3.83
C GLY A 38 -9.26 -3.10 -3.90
N ASP A 39 -8.46 -3.32 -4.95
CA ASP A 39 -7.20 -2.60 -5.19
C ASP A 39 -7.41 -1.09 -5.41
N GLN A 40 -8.53 -0.72 -6.03
CA GLN A 40 -8.96 0.64 -6.25
C GLN A 40 -9.51 1.31 -4.99
N ASP A 41 -10.03 0.55 -4.03
CA ASP A 41 -10.52 1.10 -2.75
C ASP A 41 -9.33 1.49 -1.85
N LEU A 42 -8.29 0.65 -1.82
CA LEU A 42 -7.04 0.93 -1.11
C LEU A 42 -6.26 2.09 -1.76
N LEU A 43 -6.32 2.21 -3.10
CA LEU A 43 -5.77 3.36 -3.82
C LEU A 43 -6.46 4.66 -3.40
N GLN A 44 -7.80 4.72 -3.51
CA GLN A 44 -8.58 5.92 -3.17
C GLN A 44 -8.45 6.32 -1.69
N MET A 45 -8.24 5.35 -0.80
CA MET A 45 -7.98 5.57 0.63
C MET A 45 -6.63 6.27 0.89
N PHE A 46 -5.61 6.03 0.05
CA PHE A 46 -4.24 6.51 0.24
C PHE A 46 -3.81 7.66 -0.71
N MET A 47 -4.64 8.03 -1.69
CA MET A 47 -4.47 9.23 -2.55
C MET A 47 -4.03 10.54 -1.86
N PRO A 48 -4.63 10.96 -0.72
CA PRO A 48 -4.41 12.31 -0.18
C PRO A 48 -3.06 12.51 0.54
N PHE A 49 -2.27 11.45 0.71
CA PHE A 49 -0.99 11.49 1.44
C PHE A 49 0.25 11.64 0.54
N GLY A 50 0.06 11.69 -0.79
CA GLY A 50 1.11 11.95 -1.79
C GLY A 50 0.98 11.11 -3.07
N ASN A 51 2.04 11.12 -3.89
CA ASN A 51 2.06 10.42 -5.17
C ASN A 51 2.20 8.89 -4.99
N VAL A 52 1.05 8.21 -4.90
CA VAL A 52 0.97 6.73 -4.93
C VAL A 52 1.42 6.24 -6.31
N VAL A 53 2.42 5.35 -6.34
CA VAL A 53 2.95 4.67 -7.53
C VAL A 53 2.10 3.42 -7.83
N SER A 54 1.68 2.68 -6.80
CA SER A 54 0.70 1.59 -6.93
C SER A 54 0.08 1.18 -5.58
N ALA A 55 -1.04 0.44 -5.63
CA ALA A 55 -1.75 -0.08 -4.46
C ALA A 55 -2.46 -1.40 -4.79
N LYS A 56 -2.51 -2.32 -3.84
CA LYS A 56 -3.07 -3.66 -4.02
C LYS A 56 -3.47 -4.32 -2.69
N VAL A 57 -4.70 -4.83 -2.60
CA VAL A 57 -5.17 -5.69 -1.51
C VAL A 57 -4.82 -7.13 -1.90
N PHE A 58 -4.31 -7.93 -0.96
CA PHE A 58 -3.95 -9.31 -1.24
C PHE A 58 -5.21 -10.19 -1.27
N ILE A 59 -5.52 -10.73 -2.45
CA ILE A 59 -6.71 -11.55 -2.74
C ILE A 59 -6.25 -12.99 -2.95
N ASP A 60 -6.83 -13.95 -2.22
CA ASP A 60 -6.45 -15.37 -2.30
C ASP A 60 -6.81 -15.96 -3.67
N LYS A 61 -5.83 -16.53 -4.37
CA LYS A 61 -6.00 -17.12 -5.70
C LYS A 61 -6.97 -18.31 -5.76
N GLN A 62 -7.34 -18.90 -4.61
CA GLN A 62 -8.18 -20.11 -4.51
C GLN A 62 -9.68 -19.78 -4.37
N THR A 63 -10.02 -18.62 -3.81
CA THR A 63 -11.40 -18.21 -3.46
C THR A 63 -11.79 -16.84 -4.00
N ASN A 64 -10.83 -16.03 -4.43
CA ASN A 64 -10.97 -14.65 -4.90
C ASN A 64 -11.47 -13.67 -3.80
N LEU A 65 -11.24 -13.99 -2.52
CA LEU A 65 -11.59 -13.17 -1.36
C LEU A 65 -10.35 -12.44 -0.80
N SER A 66 -10.54 -11.28 -0.18
CA SER A 66 -9.44 -10.57 0.49
C SER A 66 -8.97 -11.31 1.75
N LYS A 67 -7.65 -11.39 1.93
CA LYS A 67 -7.02 -11.94 3.14
C LYS A 67 -6.89 -10.90 4.27
N CYS A 68 -7.51 -9.73 4.11
CA CYS A 68 -7.59 -8.61 5.06
C CYS A 68 -6.27 -7.82 5.24
N PHE A 69 -5.25 -8.11 4.42
CA PHE A 69 -4.02 -7.33 4.30
C PHE A 69 -3.81 -6.85 2.87
N GLY A 70 -3.12 -5.71 2.72
CA GLY A 70 -2.83 -5.02 1.47
C GLY A 70 -1.59 -4.15 1.55
N PHE A 71 -1.32 -3.43 0.47
CA PHE A 71 -0.07 -2.71 0.23
C PHE A 71 -0.28 -1.41 -0.56
N VAL A 72 0.59 -0.45 -0.31
CA VAL A 72 0.62 0.85 -1.02
C VAL A 72 2.08 1.29 -1.15
N SER A 73 2.47 1.81 -2.31
CA SER A 73 3.82 2.33 -2.54
C SER A 73 3.81 3.73 -3.16
N TYR A 74 4.68 4.60 -2.65
CA TYR A 74 4.89 5.98 -3.10
C TYR A 74 6.22 6.12 -3.87
N ASP A 75 6.46 7.28 -4.49
CA ASP A 75 7.73 7.61 -5.16
C ASP A 75 8.82 8.09 -4.17
N ASN A 76 8.48 8.28 -2.89
CA ASN A 76 9.35 8.84 -1.86
C ASN A 76 8.93 8.39 -0.45
N PRO A 77 9.83 8.44 0.56
CA PRO A 77 9.56 7.93 1.89
C PRO A 77 8.75 8.89 2.78
N VAL A 78 8.69 10.19 2.46
CA VAL A 78 7.96 11.19 3.28
C VAL A 78 6.44 11.03 3.08
N SER A 79 5.98 10.74 1.86
CA SER A 79 4.55 10.47 1.61
C SER A 79 4.08 9.15 2.25
N ALA A 80 4.94 8.13 2.25
CA ALA A 80 4.68 6.86 2.96
C ALA A 80 4.61 7.05 4.48
N GLN A 81 5.58 7.75 5.07
CA GLN A 81 5.58 8.11 6.50
C GLN A 81 4.35 8.94 6.90
N ALA A 82 3.97 9.92 6.09
CA ALA A 82 2.74 10.71 6.29
C ALA A 82 1.48 9.84 6.26
N ALA A 83 1.44 8.80 5.40
CA ALA A 83 0.33 7.86 5.34
C ALA A 83 0.29 6.92 6.56
N ILE A 84 1.43 6.48 7.11
CA ILE A 84 1.49 5.74 8.38
C ILE A 84 0.90 6.58 9.51
N GLN A 85 1.34 7.84 9.61
CA GLN A 85 0.90 8.79 10.62
C GLN A 85 -0.59 9.17 10.49
N SER A 86 -1.19 9.01 9.32
CA SER A 86 -2.61 9.32 9.06
C SER A 86 -3.54 8.09 9.12
N MET A 87 -3.03 6.88 8.89
CA MET A 87 -3.84 5.66 8.69
C MET A 87 -3.60 4.55 9.72
N ASN A 88 -2.51 4.57 10.48
CA ASN A 88 -2.33 3.60 11.57
C ASN A 88 -3.30 3.91 12.72
N GLY A 89 -4.26 3.02 12.96
CA GLY A 89 -5.39 3.19 13.88
C GLY A 89 -6.67 3.70 13.22
N PHE A 90 -6.73 3.82 11.88
CA PHE A 90 -7.93 4.26 11.15
C PHE A 90 -9.11 3.31 11.41
N GLN A 91 -10.21 3.84 11.94
CA GLN A 91 -11.37 3.06 12.34
C GLN A 91 -12.24 2.75 11.11
N ILE A 92 -12.54 1.47 10.88
CA ILE A 92 -13.30 0.97 9.73
C ILE A 92 -14.14 -0.24 10.14
N GLY A 93 -15.42 -0.28 9.75
CA GLY A 93 -16.36 -1.30 10.21
C GLY A 93 -16.52 -1.24 11.74
N MET A 94 -16.20 -2.34 12.42
CA MET A 94 -16.17 -2.48 13.89
C MET A 94 -14.74 -2.62 14.44
N LYS A 95 -13.71 -2.22 13.67
CA LYS A 95 -12.29 -2.49 13.93
C LYS A 95 -11.38 -1.30 13.53
N ARG A 96 -10.05 -1.46 13.62
CA ARG A 96 -9.04 -0.45 13.26
C ARG A 96 -7.90 -1.05 12.42
N LEU A 97 -7.40 -0.29 11.43
CA LEU A 97 -6.30 -0.68 10.55
C LEU A 97 -4.93 -0.58 11.22
N LYS A 98 -4.05 -1.55 10.97
CA LYS A 98 -2.63 -1.48 11.30
C LYS A 98 -1.87 -1.06 10.03
N VAL A 99 -0.99 -0.07 10.09
CA VAL A 99 -0.24 0.46 8.93
C VAL A 99 1.21 0.76 9.33
N GLN A 100 2.15 0.37 8.46
CA GLN A 100 3.60 0.40 8.71
C GLN A 100 4.37 0.25 7.39
N LEU A 101 5.70 0.41 7.44
CA LEU A 101 6.59 0.04 6.32
C LEU A 101 6.52 -1.48 6.12
N LYS A 102 6.47 -1.97 4.88
CA LYS A 102 6.38 -3.40 4.61
C LYS A 102 7.73 -4.16 4.78
N ARG A 103 7.66 -5.50 4.84
CA ARG A 103 8.85 -6.37 4.86
C ARG A 103 9.58 -6.35 3.51
N SER A 104 10.90 -6.43 3.54
CA SER A 104 11.74 -6.63 2.35
C SER A 104 11.78 -8.12 1.95
N LYS A 105 11.81 -8.41 0.64
CA LYS A 105 11.85 -9.78 0.08
C LYS A 105 12.94 -10.02 -0.99
N ASN A 106 13.78 -9.01 -1.24
CA ASN A 106 15.00 -9.12 -2.06
C ASN A 106 16.19 -9.64 -1.21
N ASP A 107 17.33 -9.97 -1.83
CA ASP A 107 18.52 -10.49 -1.17
C ASP A 107 19.83 -10.06 -1.90
N SER A 108 20.85 -9.73 -1.11
CA SER A 108 22.20 -9.35 -1.53
C SER A 108 23.13 -9.41 -0.30
N LYS A 109 24.36 -9.91 -0.47
CA LYS A 109 25.27 -10.25 0.64
C LYS A 109 26.70 -9.65 0.52
N SER A 110 26.98 -8.88 -0.52
CA SER A 110 28.32 -8.34 -0.84
C SER A 110 28.27 -7.25 -1.94
N GLY A 111 29.35 -6.47 -2.06
CA GLY A 111 29.53 -5.44 -3.09
C GLY A 111 30.96 -4.84 -3.12
N PRO A 112 31.29 -4.05 -4.16
CA PRO A 112 32.61 -3.44 -4.33
C PRO A 112 32.81 -2.27 -3.37
N SER A 113 34.05 -2.07 -2.92
CA SER A 113 34.46 -1.00 -1.99
C SER A 113 36.00 -0.82 -1.96
N SER A 114 36.48 0.32 -1.44
CA SER A 114 37.90 0.71 -1.46
C SER A 114 38.41 1.29 -0.12
N GLY A 115 37.60 1.18 0.96
CA GLY A 115 37.91 1.71 2.30
C GLY A 115 36.81 1.42 3.31
N GLY A 1 7.81 -1.20 -29.39
CA GLY A 1 7.83 0.25 -29.13
C GLY A 1 7.34 0.59 -27.73
N SER A 2 7.54 1.83 -27.30
CA SER A 2 7.22 2.33 -25.94
C SER A 2 7.23 3.87 -25.88
N SER A 3 6.69 4.45 -24.81
CA SER A 3 6.58 5.91 -24.58
C SER A 3 6.31 6.23 -23.10
N GLY A 4 6.24 7.51 -22.74
CA GLY A 4 6.08 8.02 -21.36
C GLY A 4 7.39 8.61 -20.81
N SER A 5 7.54 8.54 -19.48
CA SER A 5 8.73 8.98 -18.72
C SER A 5 8.94 10.51 -18.66
N SER A 6 7.95 11.29 -19.11
CA SER A 6 7.98 12.77 -19.22
C SER A 6 6.60 13.38 -18.96
N GLY A 7 6.55 14.67 -18.61
CA GLY A 7 5.32 15.41 -18.28
C GLY A 7 5.08 15.54 -16.78
N LEU A 8 3.80 15.64 -16.38
CA LEU A 8 3.35 15.89 -15.00
C LEU A 8 1.92 15.38 -14.80
N THR A 9 1.60 14.97 -13.56
CA THR A 9 0.30 14.43 -13.13
C THR A 9 0.13 14.58 -11.62
N GLN A 10 -1.12 14.50 -11.15
CA GLN A 10 -1.48 14.52 -9.73
C GLN A 10 -1.62 13.11 -9.13
N GLN A 11 -1.51 12.06 -9.97
CA GLN A 11 -1.62 10.66 -9.58
C GLN A 11 -1.11 9.73 -10.69
N SER A 12 -0.44 8.65 -10.33
CA SER A 12 -0.10 7.56 -11.27
C SER A 12 -1.36 6.84 -11.77
N ILE A 13 -1.29 6.31 -13.00
CA ILE A 13 -2.41 5.71 -13.75
C ILE A 13 -2.10 4.22 -14.00
N GLY A 14 -3.09 3.34 -13.80
CA GLY A 14 -2.91 1.88 -13.80
C GLY A 14 -2.47 1.31 -12.45
N ALA A 15 -2.64 2.09 -11.38
CA ALA A 15 -2.10 1.84 -10.05
C ALA A 15 -2.83 0.73 -9.26
N ALA A 16 -4.04 0.34 -9.67
CA ALA A 16 -4.83 -0.75 -9.10
C ALA A 16 -4.83 -1.97 -10.04
N GLY A 17 -4.64 -3.15 -9.45
CA GLY A 17 -4.38 -4.40 -10.19
C GLY A 17 -2.93 -4.50 -10.63
N SER A 18 -2.00 -3.94 -9.84
CA SER A 18 -0.58 -3.80 -10.16
C SER A 18 0.28 -3.91 -8.89
N GLN A 19 1.55 -4.29 -9.07
CA GLN A 19 2.54 -4.47 -8.02
C GLN A 19 3.84 -3.71 -8.32
N LYS A 20 3.71 -2.47 -8.80
CA LYS A 20 4.85 -1.56 -9.01
C LYS A 20 5.38 -1.02 -7.65
N GLU A 21 6.15 -1.86 -6.96
CA GLU A 21 6.75 -1.57 -5.67
C GLU A 21 7.84 -0.48 -5.82
N GLY A 22 7.81 0.52 -4.93
CA GLY A 22 8.66 1.72 -4.96
C GLY A 22 10.02 1.54 -4.27
N PRO A 23 10.76 2.66 -4.04
CA PRO A 23 12.09 2.64 -3.45
C PRO A 23 12.05 2.32 -1.94
N GLU A 24 13.23 2.17 -1.34
CA GLU A 24 13.42 1.83 0.08
C GLU A 24 12.70 2.84 1.00
N GLY A 25 11.80 2.34 1.85
CA GLY A 25 11.00 3.14 2.80
C GLY A 25 9.75 3.78 2.19
N ALA A 26 9.48 3.59 0.89
CA ALA A 26 8.30 4.15 0.20
C ALA A 26 7.16 3.14 0.02
N ASN A 27 7.35 1.89 0.45
CA ASN A 27 6.34 0.83 0.46
C ASN A 27 5.72 0.67 1.85
N LEU A 28 4.40 0.48 1.90
CA LEU A 28 3.61 0.26 3.11
C LEU A 28 2.90 -1.09 3.08
N PHE A 29 2.78 -1.69 4.26
CA PHE A 29 1.95 -2.86 4.55
C PHE A 29 0.79 -2.41 5.45
N ILE A 30 -0.43 -2.65 4.99
CA ILE A 30 -1.71 -2.33 5.63
C ILE A 30 -2.38 -3.65 6.00
N TYR A 31 -2.97 -3.75 7.20
CA TYR A 31 -3.54 -4.99 7.72
C TYR A 31 -4.78 -4.71 8.60
N HIS A 32 -5.70 -5.67 8.65
CA HIS A 32 -7.04 -5.62 9.27
C HIS A 32 -8.09 -4.87 8.42
N LEU A 33 -7.95 -4.93 7.08
CA LEU A 33 -8.92 -4.49 6.08
C LEU A 33 -10.19 -5.38 6.04
N PRO A 34 -11.30 -4.92 5.44
CA PRO A 34 -12.47 -5.75 5.15
C PRO A 34 -12.15 -6.91 4.19
N GLN A 35 -12.92 -7.99 4.27
CA GLN A 35 -12.76 -9.19 3.42
C GLN A 35 -13.29 -8.98 1.98
N GLU A 36 -13.78 -7.78 1.64
CA GLU A 36 -14.32 -7.40 0.33
C GLU A 36 -13.68 -6.12 -0.26
N PHE A 37 -12.60 -5.62 0.37
CA PHE A 37 -11.90 -4.40 -0.06
C PHE A 37 -11.08 -4.66 -1.34
N GLY A 38 -11.20 -3.77 -2.35
CA GLY A 38 -10.52 -3.88 -3.63
C GLY A 38 -9.26 -3.03 -3.73
N ASP A 39 -8.46 -3.29 -4.77
CA ASP A 39 -7.20 -2.58 -5.05
C ASP A 39 -7.39 -1.07 -5.26
N GLN A 40 -8.52 -0.68 -5.86
CA GLN A 40 -8.86 0.71 -6.13
C GLN A 40 -9.50 1.41 -4.90
N ASP A 41 -10.03 0.66 -3.93
CA ASP A 41 -10.50 1.21 -2.65
C ASP A 41 -9.30 1.61 -1.78
N LEU A 42 -8.28 0.76 -1.71
CA LEU A 42 -7.03 1.04 -0.99
C LEU A 42 -6.28 2.22 -1.63
N LEU A 43 -6.30 2.31 -2.97
CA LEU A 43 -5.74 3.45 -3.72
C LEU A 43 -6.39 4.77 -3.31
N GLN A 44 -7.72 4.87 -3.42
CA GLN A 44 -8.47 6.10 -3.13
C GLN A 44 -8.40 6.50 -1.64
N MET A 45 -8.20 5.54 -0.74
CA MET A 45 -8.04 5.79 0.69
C MET A 45 -6.64 6.34 1.07
N PHE A 46 -5.62 6.09 0.24
CA PHE A 46 -4.23 6.54 0.45
C PHE A 46 -3.78 7.67 -0.50
N MET A 47 -4.54 7.99 -1.55
CA MET A 47 -4.37 9.18 -2.41
C MET A 47 -4.08 10.51 -1.68
N PRO A 48 -4.73 10.85 -0.54
CA PRO A 48 -4.52 12.12 0.16
C PRO A 48 -3.10 12.40 0.68
N PHE A 49 -2.22 11.38 0.78
CA PHE A 49 -0.92 11.49 1.46
C PHE A 49 0.28 11.63 0.49
N GLY A 50 0.04 11.63 -0.82
CA GLY A 50 1.04 11.75 -1.88
C GLY A 50 0.70 10.92 -3.12
N ASN A 51 1.58 10.96 -4.13
CA ASN A 51 1.37 10.19 -5.36
C ASN A 51 1.57 8.68 -5.10
N VAL A 52 0.49 7.92 -5.12
CA VAL A 52 0.50 6.46 -5.02
C VAL A 52 0.84 5.89 -6.40
N VAL A 53 2.00 5.24 -6.48
CA VAL A 53 2.56 4.59 -7.67
C VAL A 53 1.79 3.28 -7.97
N SER A 54 1.40 2.55 -6.93
CA SER A 54 0.51 1.39 -7.01
C SER A 54 -0.09 1.04 -5.63
N ALA A 55 -1.25 0.38 -5.61
CA ALA A 55 -1.90 -0.12 -4.41
C ALA A 55 -2.64 -1.42 -4.71
N LYS A 56 -2.61 -2.37 -3.77
CA LYS A 56 -3.07 -3.74 -4.01
C LYS A 56 -3.47 -4.43 -2.68
N VAL A 57 -4.71 -4.90 -2.59
CA VAL A 57 -5.22 -5.72 -1.47
C VAL A 57 -4.99 -7.18 -1.84
N PHE A 58 -4.36 -7.95 -0.94
CA PHE A 58 -4.08 -9.36 -1.17
C PHE A 58 -5.38 -10.17 -1.05
N ILE A 59 -5.75 -10.86 -2.12
CA ILE A 59 -7.04 -11.52 -2.33
C ILE A 59 -6.79 -12.96 -2.78
N ASP A 60 -7.51 -13.89 -2.16
CA ASP A 60 -7.37 -15.34 -2.38
C ASP A 60 -7.75 -15.71 -3.82
N LYS A 61 -6.86 -16.43 -4.51
CA LYS A 61 -7.03 -16.76 -5.94
C LYS A 61 -8.15 -17.79 -6.24
N GLN A 62 -8.74 -18.44 -5.23
CA GLN A 62 -9.80 -19.44 -5.39
C GLN A 62 -11.18 -18.89 -4.99
N THR A 63 -11.27 -18.09 -3.91
CA THR A 63 -12.55 -17.55 -3.40
C THR A 63 -12.79 -16.09 -3.76
N ASN A 64 -11.76 -15.36 -4.19
CA ASN A 64 -11.76 -13.93 -4.54
C ASN A 64 -12.09 -13.01 -3.33
N LEU A 65 -11.90 -13.50 -2.10
CA LEU A 65 -12.04 -12.72 -0.86
C LEU A 65 -10.70 -12.09 -0.46
N SER A 66 -10.73 -10.87 0.08
CA SER A 66 -9.55 -10.25 0.68
C SER A 66 -9.10 -11.00 1.93
N LYS A 67 -7.79 -11.23 2.06
CA LYS A 67 -7.15 -11.85 3.23
C LYS A 67 -6.85 -10.85 4.35
N CYS A 68 -7.45 -9.65 4.28
CA CYS A 68 -7.41 -8.55 5.25
C CYS A 68 -6.08 -7.76 5.28
N PHE A 69 -5.10 -8.08 4.43
CA PHE A 69 -3.87 -7.30 4.27
C PHE A 69 -3.69 -6.82 2.82
N GLY A 70 -2.98 -5.69 2.68
CA GLY A 70 -2.71 -5.01 1.41
C GLY A 70 -1.48 -4.11 1.47
N PHE A 71 -1.21 -3.42 0.37
CA PHE A 71 0.02 -2.68 0.14
C PHE A 71 -0.23 -1.35 -0.60
N VAL A 72 0.65 -0.38 -0.35
CA VAL A 72 0.65 0.94 -1.01
C VAL A 72 2.09 1.37 -1.28
N SER A 73 2.37 1.77 -2.52
CA SER A 73 3.67 2.20 -3.01
C SER A 73 3.67 3.69 -3.36
N TYR A 74 4.59 4.47 -2.79
CA TYR A 74 4.80 5.89 -3.10
C TYR A 74 6.09 6.12 -3.92
N ASP A 75 6.21 7.33 -4.48
CA ASP A 75 7.43 7.79 -5.18
C ASP A 75 8.59 8.14 -4.22
N ASN A 76 8.32 8.26 -2.92
CA ASN A 76 9.27 8.72 -1.90
C ASN A 76 8.85 8.25 -0.48
N PRO A 77 9.77 8.24 0.50
CA PRO A 77 9.49 7.72 1.84
C PRO A 77 8.77 8.71 2.77
N VAL A 78 8.73 10.01 2.46
CA VAL A 78 8.06 11.03 3.29
C VAL A 78 6.53 10.94 3.12
N SER A 79 6.04 10.69 1.90
CA SER A 79 4.62 10.43 1.64
C SER A 79 4.13 9.13 2.30
N ALA A 80 4.96 8.08 2.28
CA ALA A 80 4.72 6.82 2.99
C ALA A 80 4.66 7.03 4.51
N GLN A 81 5.63 7.72 5.11
CA GLN A 81 5.65 8.06 6.53
C GLN A 81 4.44 8.91 6.97
N ALA A 82 4.06 9.92 6.17
CA ALA A 82 2.86 10.73 6.39
C ALA A 82 1.58 9.89 6.37
N ALA A 83 1.51 8.87 5.51
CA ALA A 83 0.38 7.93 5.46
C ALA A 83 0.34 6.99 6.67
N ILE A 84 1.48 6.51 7.19
CA ILE A 84 1.53 5.73 8.45
C ILE A 84 0.95 6.56 9.59
N GLN A 85 1.40 7.82 9.69
CA GLN A 85 0.97 8.77 10.73
C GLN A 85 -0.50 9.18 10.61
N SER A 86 -1.12 9.00 9.43
CA SER A 86 -2.53 9.32 9.20
C SER A 86 -3.48 8.10 9.24
N MET A 87 -2.97 6.88 8.99
CA MET A 87 -3.79 5.67 8.78
C MET A 87 -3.56 4.55 9.81
N ASN A 88 -2.48 4.56 10.58
CA ASN A 88 -2.30 3.58 11.66
C ASN A 88 -3.28 3.88 12.81
N GLY A 89 -4.23 2.97 13.05
CA GLY A 89 -5.36 3.12 13.97
C GLY A 89 -6.66 3.62 13.32
N PHE A 90 -6.69 3.81 12.00
CA PHE A 90 -7.89 4.24 11.26
C PHE A 90 -9.02 3.21 11.39
N GLN A 91 -10.19 3.62 11.90
CA GLN A 91 -11.33 2.72 12.09
C GLN A 91 -12.06 2.49 10.75
N ILE A 92 -12.35 1.22 10.46
CA ILE A 92 -12.89 0.75 9.17
C ILE A 92 -14.08 -0.22 9.40
N GLY A 93 -15.05 0.27 10.19
CA GLY A 93 -16.17 -0.50 10.74
C GLY A 93 -15.86 -1.00 12.16
N MET A 94 -16.01 -2.30 12.40
CA MET A 94 -15.89 -2.93 13.73
C MET A 94 -14.42 -3.13 14.20
N LYS A 95 -13.44 -2.60 13.46
CA LYS A 95 -12.00 -2.80 13.65
C LYS A 95 -11.15 -1.62 13.15
N ARG A 96 -9.86 -1.61 13.51
CA ARG A 96 -8.88 -0.55 13.15
C ARG A 96 -7.71 -1.11 12.35
N LEU A 97 -7.24 -0.33 11.37
CA LEU A 97 -6.11 -0.68 10.50
C LEU A 97 -4.76 -0.59 11.22
N LYS A 98 -3.92 -1.60 10.99
CA LYS A 98 -2.51 -1.63 11.36
C LYS A 98 -1.72 -1.23 10.10
N VAL A 99 -0.91 -0.16 10.18
CA VAL A 99 -0.20 0.41 9.02
C VAL A 99 1.23 0.74 9.41
N GLN A 100 2.17 0.39 8.53
CA GLN A 100 3.60 0.37 8.78
C GLN A 100 4.37 0.29 7.45
N LEU A 101 5.70 0.39 7.50
CA LEU A 101 6.56 0.10 6.35
C LEU A 101 6.44 -1.39 5.98
N LYS A 102 6.51 -1.67 4.67
CA LYS A 102 6.62 -3.03 4.15
C LYS A 102 7.95 -3.69 4.56
N ARG A 103 7.95 -5.01 4.71
CA ARG A 103 9.14 -5.85 4.88
C ARG A 103 8.92 -7.22 4.18
N SER A 104 9.72 -8.23 4.50
CA SER A 104 9.59 -9.59 3.95
C SER A 104 9.64 -10.65 5.05
N LYS A 105 9.17 -11.87 4.76
CA LYS A 105 9.17 -12.99 5.70
C LYS A 105 10.51 -13.77 5.62
N ASN A 106 11.12 -14.05 6.78
CA ASN A 106 12.46 -14.61 6.91
C ASN A 106 12.66 -15.25 8.30
N ASP A 107 13.26 -16.44 8.38
CA ASP A 107 13.43 -17.22 9.61
C ASP A 107 14.62 -16.76 10.49
N SER A 108 15.50 -15.90 9.96
CA SER A 108 16.75 -15.47 10.60
C SER A 108 16.88 -13.92 10.72
N LYS A 109 15.88 -13.16 10.28
CA LYS A 109 15.87 -11.69 10.25
C LYS A 109 14.51 -11.11 10.67
N SER A 110 14.51 -10.12 11.57
CA SER A 110 13.32 -9.49 12.15
C SER A 110 13.67 -8.17 12.88
N GLY A 111 12.67 -7.32 13.14
CA GLY A 111 12.83 -6.01 13.79
C GLY A 111 13.36 -4.91 12.83
N PRO A 112 13.63 -3.70 13.37
CA PRO A 112 14.13 -2.58 12.59
C PRO A 112 15.62 -2.75 12.24
N SER A 113 16.03 -2.20 11.09
CA SER A 113 17.40 -2.36 10.56
C SER A 113 18.46 -1.47 11.25
N SER A 114 18.05 -0.59 12.16
CA SER A 114 18.90 0.37 12.89
C SER A 114 18.17 0.94 14.12
N GLY A 115 18.90 1.65 15.00
CA GLY A 115 18.38 2.25 16.24
C GLY A 115 19.44 3.07 16.98
N GLY A 1 -0.36 -3.17 -21.11
CA GLY A 1 0.35 -1.88 -21.30
C GLY A 1 -0.64 -0.76 -21.62
N SER A 2 -0.27 0.14 -22.52
CA SER A 2 -1.12 1.27 -22.96
C SER A 2 -2.37 0.81 -23.71
N SER A 3 -3.47 1.58 -23.65
CA SER A 3 -4.77 1.25 -24.25
C SER A 3 -5.67 2.51 -24.39
N GLY A 4 -6.78 2.38 -25.11
CA GLY A 4 -7.70 3.48 -25.42
C GLY A 4 -7.09 4.44 -26.45
N SER A 5 -7.23 5.75 -26.20
CA SER A 5 -6.60 6.80 -27.01
C SER A 5 -5.14 7.09 -26.59
N SER A 6 -4.69 6.57 -25.44
CA SER A 6 -3.40 6.85 -24.79
C SER A 6 -3.19 8.31 -24.34
N GLY A 7 -4.18 9.19 -24.55
CA GLY A 7 -4.11 10.63 -24.25
C GLY A 7 -4.58 11.03 -22.86
N LEU A 8 -5.19 10.10 -22.10
CA LEU A 8 -5.72 10.27 -20.75
C LEU A 8 -5.47 9.01 -19.92
N THR A 9 -5.13 9.20 -18.64
CA THR A 9 -4.79 8.15 -17.65
C THR A 9 -5.22 8.57 -16.25
N GLN A 10 -5.44 7.59 -15.38
CA GLN A 10 -5.82 7.77 -13.97
C GLN A 10 -5.23 6.62 -13.15
N GLN A 11 -4.68 6.89 -11.96
CA GLN A 11 -4.10 5.85 -11.10
C GLN A 11 -5.16 4.84 -10.63
N SER A 12 -6.44 5.22 -10.58
CA SER A 12 -7.57 4.33 -10.28
C SER A 12 -7.87 3.26 -11.34
N ILE A 13 -7.06 3.26 -12.40
CA ILE A 13 -7.04 2.34 -13.53
C ILE A 13 -5.62 1.80 -13.77
N GLY A 14 -4.64 2.67 -13.65
CA GLY A 14 -3.22 2.44 -13.96
C GLY A 14 -2.36 1.89 -12.82
N ALA A 15 -2.84 1.91 -11.58
CA ALA A 15 -2.07 1.54 -10.38
C ALA A 15 -2.75 0.48 -9.50
N ALA A 16 -4.00 0.12 -9.80
CA ALA A 16 -4.83 -0.80 -9.01
C ALA A 16 -4.68 -2.27 -9.46
N GLY A 17 -4.34 -3.12 -8.48
CA GLY A 17 -4.09 -4.56 -8.67
C GLY A 17 -2.66 -4.86 -9.11
N SER A 18 -1.82 -3.84 -9.23
CA SER A 18 -0.43 -3.93 -9.68
C SER A 18 0.54 -4.14 -8.51
N GLN A 19 1.60 -4.93 -8.72
CA GLN A 19 2.70 -5.11 -7.80
C GLN A 19 3.98 -4.39 -8.26
N LYS A 20 3.85 -3.24 -8.93
CA LYS A 20 4.98 -2.36 -9.24
C LYS A 20 5.50 -1.67 -7.96
N GLU A 21 6.29 -2.41 -7.19
CA GLU A 21 6.82 -2.00 -5.88
C GLU A 21 7.69 -0.73 -6.02
N GLY A 22 7.57 0.19 -5.06
CA GLY A 22 8.25 1.48 -5.02
C GLY A 22 9.67 1.42 -4.41
N PRO A 23 10.34 2.57 -4.24
CA PRO A 23 11.69 2.67 -3.70
C PRO A 23 11.76 2.42 -2.20
N GLU A 24 12.98 2.37 -1.66
CA GLU A 24 13.26 2.12 -0.24
C GLU A 24 12.55 3.13 0.68
N GLY A 25 11.76 2.62 1.64
CA GLY A 25 10.99 3.41 2.60
C GLY A 25 9.65 3.94 2.07
N ALA A 26 9.33 3.74 0.79
CA ALA A 26 8.09 4.19 0.15
C ALA A 26 7.00 3.09 0.07
N ASN A 27 7.29 1.87 0.53
CA ASN A 27 6.37 0.73 0.51
C ASN A 27 5.73 0.50 1.88
N LEU A 28 4.39 0.49 1.90
CA LEU A 28 3.58 0.26 3.09
C LEU A 28 2.88 -1.10 3.06
N PHE A 29 2.69 -1.66 4.25
CA PHE A 29 1.87 -2.82 4.55
C PHE A 29 0.71 -2.37 5.46
N ILE A 30 -0.50 -2.75 5.07
CA ILE A 30 -1.77 -2.43 5.73
C ILE A 30 -2.44 -3.76 6.14
N TYR A 31 -2.97 -3.84 7.36
CA TYR A 31 -3.68 -5.00 7.91
C TYR A 31 -4.94 -4.59 8.69
N HIS A 32 -5.96 -5.45 8.69
CA HIS A 32 -7.33 -5.31 9.23
C HIS A 32 -8.36 -4.71 8.24
N LEU A 33 -8.08 -4.75 6.93
CA LEU A 33 -9.03 -4.37 5.87
C LEU A 33 -10.26 -5.31 5.86
N PRO A 34 -11.42 -4.88 5.32
CA PRO A 34 -12.57 -5.74 5.06
C PRO A 34 -12.22 -6.96 4.18
N GLN A 35 -12.97 -8.06 4.36
CA GLN A 35 -12.79 -9.34 3.64
C GLN A 35 -13.16 -9.26 2.14
N GLU A 36 -13.56 -8.07 1.66
CA GLU A 36 -14.05 -7.80 0.30
C GLU A 36 -13.46 -6.51 -0.32
N PHE A 37 -12.46 -5.89 0.33
CA PHE A 37 -11.90 -4.61 -0.08
C PHE A 37 -11.15 -4.71 -1.43
N GLY A 38 -11.39 -3.76 -2.33
CA GLY A 38 -10.77 -3.69 -3.65
C GLY A 38 -9.47 -2.89 -3.66
N ASP A 39 -8.70 -3.06 -4.74
CA ASP A 39 -7.41 -2.39 -4.94
C ASP A 39 -7.56 -0.87 -5.12
N GLN A 40 -8.65 -0.46 -5.76
CA GLN A 40 -9.04 0.94 -5.95
C GLN A 40 -9.56 1.56 -4.63
N ASP A 41 -10.20 0.76 -3.75
CA ASP A 41 -10.67 1.22 -2.44
C ASP A 41 -9.49 1.53 -1.50
N LEU A 42 -8.41 0.73 -1.55
CA LEU A 42 -7.18 1.02 -0.83
C LEU A 42 -6.45 2.25 -1.40
N LEU A 43 -6.42 2.40 -2.73
CA LEU A 43 -5.80 3.54 -3.40
C LEU A 43 -6.46 4.86 -3.02
N GLN A 44 -7.76 5.00 -3.22
CA GLN A 44 -8.46 6.28 -3.01
C GLN A 44 -8.47 6.70 -1.53
N MET A 45 -8.24 5.76 -0.60
CA MET A 45 -8.11 6.02 0.83
C MET A 45 -6.70 6.52 1.23
N PHE A 46 -5.66 6.14 0.48
CA PHE A 46 -4.24 6.51 0.72
C PHE A 46 -3.72 7.65 -0.18
N MET A 47 -4.36 7.91 -1.33
CA MET A 47 -4.08 9.00 -2.27
C MET A 47 -3.96 10.42 -1.65
N PRO A 48 -4.77 10.81 -0.63
CA PRO A 48 -4.62 12.09 0.08
C PRO A 48 -3.23 12.39 0.68
N PHE A 49 -2.36 11.39 0.86
CA PHE A 49 -1.06 11.53 1.53
C PHE A 49 0.13 11.65 0.56
N GLY A 50 -0.12 11.57 -0.76
CA GLY A 50 0.89 11.79 -1.81
C GLY A 50 0.74 10.89 -3.04
N ASN A 51 1.71 10.97 -3.95
CA ASN A 51 1.70 10.25 -5.23
C ASN A 51 1.93 8.74 -5.05
N VAL A 52 0.89 7.94 -5.29
CA VAL A 52 0.92 6.46 -5.24
C VAL A 52 1.24 5.90 -6.64
N VAL A 53 2.24 5.03 -6.71
CA VAL A 53 2.72 4.35 -7.93
C VAL A 53 2.01 3.01 -8.15
N SER A 54 1.65 2.30 -7.07
CA SER A 54 0.85 1.07 -7.12
C SER A 54 0.13 0.82 -5.79
N ALA A 55 -1.02 0.15 -5.84
CA ALA A 55 -1.83 -0.23 -4.69
C ALA A 55 -2.53 -1.57 -4.95
N LYS A 56 -2.48 -2.47 -3.97
CA LYS A 56 -2.94 -3.85 -4.13
C LYS A 56 -3.37 -4.47 -2.80
N VAL A 57 -4.61 -4.95 -2.71
CA VAL A 57 -5.13 -5.76 -1.60
C VAL A 57 -4.85 -7.22 -1.98
N PHE A 58 -4.35 -8.03 -1.02
CA PHE A 58 -4.05 -9.43 -1.28
C PHE A 58 -5.33 -10.26 -1.29
N ILE A 59 -5.68 -10.82 -2.44
CA ILE A 59 -6.92 -11.59 -2.68
C ILE A 59 -6.57 -13.08 -2.82
N ASP A 60 -7.23 -13.94 -2.04
CA ASP A 60 -6.96 -15.38 -2.04
C ASP A 60 -7.43 -16.04 -3.35
N LYS A 61 -6.51 -16.73 -4.03
CA LYS A 61 -6.77 -17.42 -5.30
C LYS A 61 -7.83 -18.54 -5.25
N GLN A 62 -8.22 -19.00 -4.05
CA GLN A 62 -9.14 -20.11 -3.84
C GLN A 62 -10.61 -19.65 -3.73
N THR A 63 -10.85 -18.41 -3.26
CA THR A 63 -12.18 -17.89 -2.90
C THR A 63 -12.50 -16.50 -3.46
N ASN A 64 -11.49 -15.78 -3.96
CA ASN A 64 -11.57 -14.39 -4.44
C ASN A 64 -11.92 -13.38 -3.33
N LEU A 65 -11.72 -13.75 -2.06
CA LEU A 65 -11.87 -12.88 -0.88
C LEU A 65 -10.55 -12.18 -0.54
N SER A 66 -10.64 -11.00 0.06
CA SER A 66 -9.47 -10.32 0.64
C SER A 66 -9.01 -11.03 1.91
N LYS A 67 -7.70 -11.21 2.08
CA LYS A 67 -7.09 -11.78 3.28
C LYS A 67 -6.91 -10.74 4.42
N CYS A 68 -7.60 -9.60 4.33
CA CYS A 68 -7.59 -8.48 5.29
C CYS A 68 -6.28 -7.68 5.31
N PHE A 69 -5.40 -7.88 4.32
CA PHE A 69 -4.10 -7.20 4.22
C PHE A 69 -3.79 -6.75 2.79
N GLY A 70 -3.03 -5.67 2.66
CA GLY A 70 -2.68 -5.02 1.39
C GLY A 70 -1.44 -4.15 1.46
N PHE A 71 -1.13 -3.52 0.33
CA PHE A 71 0.11 -2.79 0.07
C PHE A 71 -0.17 -1.49 -0.69
N VAL A 72 0.65 -0.47 -0.41
CA VAL A 72 0.63 0.83 -1.10
C VAL A 72 2.08 1.30 -1.32
N SER A 73 2.44 1.60 -2.55
CA SER A 73 3.78 2.04 -2.95
C SER A 73 3.75 3.49 -3.43
N TYR A 74 4.41 4.39 -2.71
CA TYR A 74 4.54 5.80 -3.07
C TYR A 74 5.75 6.07 -3.98
N ASP A 75 5.77 7.25 -4.60
CA ASP A 75 6.90 7.76 -5.38
C ASP A 75 8.10 8.20 -4.50
N ASN A 76 7.90 8.33 -3.19
CA ASN A 76 8.90 8.80 -2.21
C ASN A 76 8.56 8.32 -0.78
N PRO A 77 9.52 8.32 0.16
CA PRO A 77 9.32 7.79 1.51
C PRO A 77 8.62 8.77 2.47
N VAL A 78 8.57 10.07 2.18
CA VAL A 78 7.91 11.08 3.05
C VAL A 78 6.39 10.96 2.95
N SER A 79 5.85 10.71 1.75
CA SER A 79 4.41 10.45 1.55
C SER A 79 3.97 9.14 2.24
N ALA A 80 4.79 8.09 2.18
CA ALA A 80 4.57 6.83 2.90
C ALA A 80 4.58 7.03 4.43
N GLN A 81 5.58 7.72 4.97
CA GLN A 81 5.66 8.06 6.40
C GLN A 81 4.46 8.89 6.87
N ALA A 82 4.04 9.90 6.10
CA ALA A 82 2.84 10.69 6.37
C ALA A 82 1.56 9.85 6.37
N ALA A 83 1.47 8.84 5.50
CA ALA A 83 0.34 7.91 5.46
C ALA A 83 0.33 6.94 6.65
N ILE A 84 1.48 6.46 7.16
CA ILE A 84 1.55 5.68 8.41
C ILE A 84 0.98 6.51 9.57
N GLN A 85 1.42 7.76 9.67
CA GLN A 85 1.02 8.70 10.71
C GLN A 85 -0.47 9.11 10.61
N SER A 86 -1.11 8.94 9.44
CA SER A 86 -2.51 9.27 9.21
C SER A 86 -3.46 8.05 9.26
N MET A 87 -2.97 6.84 8.96
CA MET A 87 -3.80 5.64 8.76
C MET A 87 -3.60 4.53 9.81
N ASN A 88 -2.50 4.53 10.57
CA ASN A 88 -2.35 3.60 11.69
C ASN A 88 -3.33 3.98 12.83
N GLY A 89 -4.35 3.14 13.04
CA GLY A 89 -5.49 3.39 13.93
C GLY A 89 -6.76 3.87 13.24
N PHE A 90 -6.79 3.98 11.89
CA PHE A 90 -7.99 4.35 11.13
C PHE A 90 -9.07 3.27 11.27
N GLN A 91 -10.27 3.64 11.73
CA GLN A 91 -11.36 2.68 11.96
C GLN A 91 -12.17 2.44 10.70
N ILE A 92 -12.41 1.16 10.36
CA ILE A 92 -13.07 0.70 9.14
C ILE A 92 -13.88 -0.57 9.40
N GLY A 93 -15.15 -0.58 8.99
CA GLY A 93 -16.11 -1.69 9.23
C GLY A 93 -16.54 -1.78 10.71
N MET A 94 -15.62 -2.22 11.56
CA MET A 94 -15.78 -2.44 13.01
C MET A 94 -14.46 -2.53 13.80
N LYS A 95 -13.31 -2.29 13.17
CA LYS A 95 -11.97 -2.42 13.77
C LYS A 95 -10.96 -1.43 13.15
N ARG A 96 -9.74 -1.35 13.71
CA ARG A 96 -8.75 -0.30 13.37
C ARG A 96 -7.55 -0.86 12.61
N LEU A 97 -7.15 -0.16 11.54
CA LEU A 97 -6.07 -0.55 10.64
C LEU A 97 -4.70 -0.46 11.30
N LYS A 98 -3.93 -1.54 11.16
CA LYS A 98 -2.51 -1.60 11.49
C LYS A 98 -1.72 -1.24 10.22
N VAL A 99 -0.86 -0.22 10.28
CA VAL A 99 -0.15 0.32 9.10
C VAL A 99 1.30 0.65 9.46
N GLN A 100 2.22 0.26 8.58
CA GLN A 100 3.67 0.33 8.80
C GLN A 100 4.43 0.20 7.46
N LEU A 101 5.75 0.34 7.50
CA LEU A 101 6.63 0.00 6.38
C LEU A 101 6.59 -1.52 6.12
N LYS A 102 6.68 -1.92 4.87
CA LYS A 102 6.62 -3.32 4.42
C LYS A 102 7.78 -4.19 4.97
N ARG A 103 7.54 -5.49 5.13
CA ARG A 103 8.56 -6.50 5.48
C ARG A 103 9.71 -6.51 4.45
N SER A 104 10.95 -6.53 4.95
CA SER A 104 12.18 -6.58 4.15
C SER A 104 13.29 -7.33 4.92
N LYS A 105 14.09 -8.14 4.22
CA LYS A 105 15.21 -8.90 4.82
C LYS A 105 16.38 -7.98 5.21
N ASN A 106 16.92 -8.17 6.42
CA ASN A 106 18.02 -7.38 6.98
C ASN A 106 18.68 -8.05 8.23
N ASP A 107 17.87 -8.67 9.10
CA ASP A 107 18.29 -9.29 10.36
C ASP A 107 17.26 -10.32 10.86
N SER A 108 17.73 -11.36 11.54
CA SER A 108 16.90 -12.47 12.07
C SER A 108 17.67 -13.29 13.14
N LYS A 109 16.98 -14.18 13.85
CA LYS A 109 17.53 -15.01 14.94
C LYS A 109 16.73 -16.30 15.17
N SER A 110 15.41 -16.21 15.21
CA SER A 110 14.48 -17.32 15.52
C SER A 110 13.01 -16.94 15.24
N GLY A 111 12.12 -17.93 15.22
CA GLY A 111 10.67 -17.75 15.01
C GLY A 111 9.82 -18.96 15.45
N PRO A 112 8.48 -18.83 15.45
CA PRO A 112 7.56 -19.88 15.86
C PRO A 112 7.45 -20.99 14.81
N SER A 113 7.06 -22.19 15.25
CA SER A 113 6.84 -23.39 14.43
C SER A 113 5.92 -24.40 15.14
N SER A 114 5.08 -25.12 14.41
CA SER A 114 4.08 -26.07 14.94
C SER A 114 4.58 -27.53 15.04
N GLY A 115 5.78 -27.82 14.53
CA GLY A 115 6.42 -29.16 14.55
C GLY A 115 7.75 -29.19 13.79
N GLY A 1 -8.86 34.44 -10.94
CA GLY A 1 -7.98 33.49 -10.21
C GLY A 1 -8.54 32.08 -10.24
N SER A 2 -7.66 31.08 -10.17
CA SER A 2 -7.99 29.64 -10.25
C SER A 2 -6.80 28.76 -9.79
N SER A 3 -6.96 27.44 -9.80
CA SER A 3 -5.88 26.47 -9.52
C SER A 3 -4.80 26.38 -10.63
N GLY A 4 -5.01 27.07 -11.76
CA GLY A 4 -4.13 27.05 -12.93
C GLY A 4 -4.38 25.88 -13.88
N SER A 5 -3.68 25.87 -15.01
CA SER A 5 -3.83 24.86 -16.09
C SER A 5 -2.97 23.60 -15.88
N SER A 6 -2.15 23.54 -14.83
CA SER A 6 -1.22 22.45 -14.53
C SER A 6 -1.92 21.14 -14.12
N GLY A 7 -1.44 20.00 -14.63
CA GLY A 7 -2.01 18.66 -14.42
C GLY A 7 -1.63 18.07 -13.06
N LEU A 8 -2.14 18.68 -11.98
CA LEU A 8 -1.82 18.34 -10.58
C LEU A 8 -3.03 18.44 -9.62
N THR A 9 -4.24 18.68 -10.14
CA THR A 9 -5.49 18.78 -9.38
C THR A 9 -6.05 17.42 -8.94
N GLN A 10 -5.53 16.32 -9.49
CA GLN A 10 -5.87 14.93 -9.15
C GLN A 10 -4.72 14.02 -9.62
N GLN A 11 -4.49 12.90 -8.93
CA GLN A 11 -3.60 11.84 -9.39
C GLN A 11 -4.30 10.99 -10.48
N SER A 12 -3.55 10.54 -11.48
CA SER A 12 -4.02 9.54 -12.45
C SER A 12 -4.23 8.16 -11.78
N ILE A 13 -5.31 7.45 -12.16
CA ILE A 13 -5.64 6.11 -11.63
C ILE A 13 -5.12 5.04 -12.61
N GLY A 14 -4.03 4.39 -12.23
CA GLY A 14 -3.36 3.30 -12.96
C GLY A 14 -2.55 2.37 -12.05
N ALA A 15 -3.00 2.20 -10.81
CA ALA A 15 -2.26 1.55 -9.71
C ALA A 15 -2.90 0.26 -9.16
N ALA A 16 -4.12 -0.09 -9.59
CA ALA A 16 -4.94 -1.15 -9.01
C ALA A 16 -4.45 -2.57 -9.34
N GLY A 17 -4.12 -3.34 -8.29
CA GLY A 17 -3.64 -4.73 -8.38
C GLY A 17 -2.19 -4.85 -8.81
N SER A 18 -1.52 -3.74 -9.07
CA SER A 18 -0.16 -3.68 -9.62
C SER A 18 0.91 -4.02 -8.56
N GLN A 19 2.04 -4.58 -9.00
CA GLN A 19 3.19 -4.90 -8.15
C GLN A 19 4.36 -3.93 -8.34
N LYS A 20 4.10 -2.71 -8.85
CA LYS A 20 5.12 -1.71 -9.15
C LYS A 20 5.63 -1.03 -7.86
N GLU A 21 6.55 -1.72 -7.18
CA GLU A 21 7.16 -1.31 -5.92
C GLU A 21 7.87 0.06 -6.06
N GLY A 22 7.76 0.89 -5.02
CA GLY A 22 8.44 2.19 -4.90
C GLY A 22 9.87 2.09 -4.35
N PRO A 23 10.56 3.23 -4.17
CA PRO A 23 11.93 3.28 -3.63
C PRO A 23 11.97 2.94 -2.13
N GLU A 24 13.18 2.87 -1.57
CA GLU A 24 13.43 2.54 -0.16
C GLU A 24 12.67 3.49 0.80
N GLY A 25 11.83 2.90 1.67
CA GLY A 25 11.00 3.61 2.64
C GLY A 25 9.65 4.11 2.09
N ALA A 26 9.38 3.97 0.79
CA ALA A 26 8.14 4.39 0.14
C ALA A 26 7.07 3.28 0.06
N ASN A 27 7.38 2.07 0.53
CA ASN A 27 6.49 0.90 0.48
C ASN A 27 5.87 0.62 1.85
N LEU A 28 4.54 0.48 1.88
CA LEU A 28 3.73 0.21 3.07
C LEU A 28 3.02 -1.14 2.98
N PHE A 29 2.90 -1.78 4.14
CA PHE A 29 2.08 -2.96 4.40
C PHE A 29 0.92 -2.57 5.32
N ILE A 30 -0.30 -2.89 4.89
CA ILE A 30 -1.57 -2.56 5.53
C ILE A 30 -2.25 -3.88 5.95
N TYR A 31 -2.84 -3.92 7.14
CA TYR A 31 -3.49 -5.10 7.74
C TYR A 31 -4.78 -4.70 8.52
N HIS A 32 -5.75 -5.62 8.62
CA HIS A 32 -7.10 -5.47 9.20
C HIS A 32 -8.13 -4.79 8.26
N LEU A 33 -7.91 -4.84 6.94
CA LEU A 33 -8.89 -4.38 5.93
C LEU A 33 -10.18 -5.22 5.96
N PRO A 34 -11.32 -4.68 5.45
CA PRO A 34 -12.53 -5.46 5.20
C PRO A 34 -12.25 -6.66 4.29
N GLN A 35 -12.99 -7.76 4.47
CA GLN A 35 -12.81 -9.01 3.71
C GLN A 35 -13.35 -8.92 2.26
N GLU A 36 -13.78 -7.72 1.83
CA GLU A 36 -14.34 -7.41 0.52
C GLU A 36 -13.72 -6.16 -0.14
N PHE A 37 -12.65 -5.62 0.46
CA PHE A 37 -12.00 -4.37 0.02
C PHE A 37 -11.30 -4.54 -1.34
N GLY A 38 -11.51 -3.61 -2.26
CA GLY A 38 -10.90 -3.60 -3.59
C GLY A 38 -9.58 -2.82 -3.64
N ASP A 39 -8.82 -3.03 -4.71
CA ASP A 39 -7.54 -2.36 -4.96
C ASP A 39 -7.71 -0.84 -5.16
N GLN A 40 -8.83 -0.43 -5.77
CA GLN A 40 -9.19 0.98 -5.95
C GLN A 40 -9.71 1.61 -4.65
N ASP A 41 -10.29 0.83 -3.73
CA ASP A 41 -10.68 1.32 -2.40
C ASP A 41 -9.43 1.62 -1.55
N LEU A 42 -8.41 0.77 -1.63
CA LEU A 42 -7.11 1.00 -1.01
C LEU A 42 -6.38 2.19 -1.62
N LEU A 43 -6.53 2.40 -2.94
CA LEU A 43 -5.98 3.58 -3.62
C LEU A 43 -6.67 4.87 -3.16
N GLN A 44 -8.00 4.93 -3.18
CA GLN A 44 -8.77 6.12 -2.76
C GLN A 44 -8.56 6.44 -1.27
N MET A 45 -8.24 5.44 -0.44
CA MET A 45 -7.88 5.60 0.96
C MET A 45 -6.50 6.27 1.16
N PHE A 46 -5.51 5.94 0.32
CA PHE A 46 -4.11 6.37 0.48
C PHE A 46 -3.65 7.52 -0.44
N MET A 47 -4.32 7.79 -1.56
CA MET A 47 -4.07 8.95 -2.43
C MET A 47 -4.02 10.33 -1.73
N PRO A 48 -4.87 10.61 -0.71
CA PRO A 48 -4.80 11.84 0.09
C PRO A 48 -3.46 12.19 0.74
N PHE A 49 -2.51 11.24 0.83
CA PHE A 49 -1.20 11.42 1.48
C PHE A 49 -0.03 11.55 0.50
N GLY A 50 -0.27 11.46 -0.83
CA GLY A 50 0.73 11.62 -1.88
C GLY A 50 0.52 10.74 -3.11
N ASN A 51 1.46 10.80 -4.05
CA ASN A 51 1.42 10.06 -5.32
C ASN A 51 1.68 8.55 -5.12
N VAL A 52 0.64 7.74 -5.29
CA VAL A 52 0.66 6.27 -5.19
C VAL A 52 0.96 5.67 -6.57
N VAL A 53 2.03 4.87 -6.63
CA VAL A 53 2.54 4.17 -7.83
C VAL A 53 1.85 2.81 -8.02
N SER A 54 1.47 2.15 -6.93
CA SER A 54 0.70 0.89 -6.94
C SER A 54 -0.02 0.65 -5.61
N ALA A 55 -1.19 -0.01 -5.67
CA ALA A 55 -2.01 -0.41 -4.53
C ALA A 55 -2.59 -1.81 -4.79
N LYS A 56 -2.38 -2.74 -3.86
CA LYS A 56 -2.64 -4.16 -4.06
C LYS A 56 -3.17 -4.84 -2.79
N VAL A 57 -4.46 -5.17 -2.73
CA VAL A 57 -5.07 -5.99 -1.68
C VAL A 57 -4.75 -7.46 -2.00
N PHE A 58 -4.31 -8.22 -0.99
CA PHE A 58 -3.87 -9.61 -1.14
C PHE A 58 -5.07 -10.57 -1.02
N ILE A 59 -5.26 -11.41 -2.02
CA ILE A 59 -6.45 -12.28 -2.22
C ILE A 59 -6.02 -13.75 -2.22
N ASP A 60 -6.83 -14.63 -1.63
CA ASP A 60 -6.57 -16.07 -1.58
C ASP A 60 -6.66 -16.73 -2.97
N LYS A 61 -5.59 -17.39 -3.40
CA LYS A 61 -5.54 -18.09 -4.70
C LYS A 61 -6.44 -19.34 -4.77
N GLN A 62 -7.02 -19.79 -3.65
CA GLN A 62 -7.86 -20.99 -3.55
C GLN A 62 -9.36 -20.67 -3.57
N THR A 63 -9.77 -19.49 -3.05
CA THR A 63 -11.18 -19.13 -2.79
C THR A 63 -11.58 -17.74 -3.28
N ASN A 64 -10.62 -16.92 -3.74
CA ASN A 64 -10.84 -15.55 -4.25
C ASN A 64 -11.31 -14.54 -3.18
N LEU A 65 -11.13 -14.85 -1.89
CA LEU A 65 -11.47 -13.98 -0.76
C LEU A 65 -10.27 -13.13 -0.32
N SER A 66 -10.51 -11.92 0.18
CA SER A 66 -9.43 -11.08 0.73
C SER A 66 -8.82 -11.69 2.00
N LYS A 67 -7.49 -11.58 2.13
CA LYS A 67 -6.77 -11.95 3.35
C LYS A 67 -6.76 -10.83 4.42
N CYS A 68 -7.49 -9.73 4.19
CA CYS A 68 -7.59 -8.55 5.07
C CYS A 68 -6.25 -7.76 5.18
N PHE A 69 -5.34 -7.94 4.23
CA PHE A 69 -4.04 -7.26 4.17
C PHE A 69 -3.64 -6.92 2.73
N GLY A 70 -2.71 -5.96 2.57
CA GLY A 70 -2.25 -5.48 1.26
C GLY A 70 -1.07 -4.51 1.32
N PHE A 71 -0.75 -3.93 0.16
CA PHE A 71 0.40 -3.07 -0.07
C PHE A 71 -0.01 -1.73 -0.69
N VAL A 72 0.75 -0.68 -0.38
CA VAL A 72 0.67 0.64 -1.02
C VAL A 72 2.09 1.16 -1.25
N SER A 73 2.41 1.56 -2.47
CA SER A 73 3.74 2.06 -2.86
C SER A 73 3.65 3.50 -3.35
N TYR A 74 4.35 4.41 -2.68
CA TYR A 74 4.50 5.82 -3.10
C TYR A 74 5.73 6.02 -3.99
N ASP A 75 5.84 7.20 -4.61
CA ASP A 75 7.04 7.63 -5.35
C ASP A 75 8.16 8.19 -4.44
N ASN A 76 7.92 8.32 -3.13
CA ASN A 76 8.86 8.88 -2.14
C ASN A 76 8.52 8.40 -0.70
N PRO A 77 9.49 8.46 0.23
CA PRO A 77 9.31 7.93 1.59
C PRO A 77 8.56 8.88 2.54
N VAL A 78 8.47 10.19 2.24
CA VAL A 78 7.77 11.17 3.09
C VAL A 78 6.26 10.99 3.00
N SER A 79 5.73 10.69 1.81
CA SER A 79 4.29 10.38 1.63
C SER A 79 3.89 9.07 2.33
N ALA A 80 4.75 8.05 2.28
CA ALA A 80 4.57 6.80 3.01
C ALA A 80 4.58 7.00 4.54
N GLN A 81 5.57 7.73 5.06
CA GLN A 81 5.64 8.09 6.49
C GLN A 81 4.43 8.90 6.97
N ALA A 82 3.99 9.89 6.18
CA ALA A 82 2.78 10.66 6.46
C ALA A 82 1.51 9.79 6.47
N ALA A 83 1.43 8.76 5.61
CA ALA A 83 0.32 7.82 5.58
C ALA A 83 0.32 6.85 6.76
N ILE A 84 1.48 6.41 7.27
CA ILE A 84 1.58 5.65 8.53
C ILE A 84 1.00 6.48 9.68
N GLN A 85 1.42 7.74 9.77
CA GLN A 85 1.00 8.69 10.80
C GLN A 85 -0.49 9.07 10.70
N SER A 86 -1.12 8.89 9.54
CA SER A 86 -2.54 9.21 9.31
C SER A 86 -3.48 7.98 9.37
N MET A 87 -2.98 6.77 9.07
CA MET A 87 -3.80 5.56 8.87
C MET A 87 -3.56 4.44 9.89
N ASN A 88 -2.44 4.43 10.61
CA ASN A 88 -2.23 3.45 11.68
C ASN A 88 -3.14 3.79 12.89
N GLY A 89 -4.14 2.94 13.13
CA GLY A 89 -5.22 3.14 14.10
C GLY A 89 -6.52 3.71 13.51
N PHE A 90 -6.63 3.87 12.18
CA PHE A 90 -7.88 4.27 11.51
C PHE A 90 -8.98 3.22 11.73
N GLN A 91 -10.16 3.62 12.19
CA GLN A 91 -11.29 2.69 12.33
C GLN A 91 -12.09 2.63 11.03
N ILE A 92 -12.22 1.44 10.45
CA ILE A 92 -13.09 1.16 9.30
C ILE A 92 -14.15 0.14 9.74
N GLY A 93 -15.40 0.59 9.86
CA GLY A 93 -16.48 -0.17 10.50
C GLY A 93 -16.20 -0.30 12.00
N MET A 94 -15.68 -1.45 12.41
CA MET A 94 -15.19 -1.74 13.77
C MET A 94 -13.72 -2.21 13.79
N LYS A 95 -13.04 -2.27 12.64
CA LYS A 95 -11.64 -2.74 12.52
C LYS A 95 -10.65 -1.56 12.63
N ARG A 96 -9.64 -1.66 13.49
CA ARG A 96 -8.54 -0.68 13.58
C ARG A 96 -7.40 -1.12 12.65
N LEU A 97 -7.10 -0.30 11.63
CA LEU A 97 -6.07 -0.59 10.63
C LEU A 97 -4.67 -0.54 11.21
N LYS A 98 -3.85 -1.53 10.85
CA LYS A 98 -2.43 -1.66 11.19
C LYS A 98 -1.62 -1.32 9.94
N VAL A 99 -0.77 -0.31 9.99
CA VAL A 99 -0.06 0.25 8.82
C VAL A 99 1.38 0.58 9.19
N GLN A 100 2.33 0.02 8.45
CA GLN A 100 3.77 0.05 8.73
C GLN A 100 4.57 0.01 7.42
N LEU A 101 5.88 0.29 7.48
CA LEU A 101 6.79 0.06 6.36
C LEU A 101 6.82 -1.44 6.01
N LYS A 102 6.91 -1.76 4.72
CA LYS A 102 6.87 -3.14 4.22
C LYS A 102 8.01 -4.03 4.78
N ARG A 103 7.69 -5.31 5.03
CA ARG A 103 8.60 -6.29 5.68
C ARG A 103 9.18 -5.71 6.99
N SER A 104 10.50 -5.68 7.14
CA SER A 104 11.22 -5.05 8.26
C SER A 104 12.69 -4.77 7.86
N LYS A 105 13.38 -3.92 8.61
CA LYS A 105 14.83 -3.70 8.52
C LYS A 105 15.65 -4.71 9.35
N ASN A 106 15.00 -5.48 10.23
CA ASN A 106 15.63 -6.45 11.12
C ASN A 106 15.86 -7.81 10.42
N ASP A 107 17.09 -8.32 10.47
CA ASP A 107 17.50 -9.61 9.88
C ASP A 107 18.69 -10.29 10.63
N SER A 108 19.19 -9.69 11.70
CA SER A 108 20.40 -10.11 12.44
C SER A 108 20.58 -9.33 13.75
N LYS A 109 21.41 -9.83 14.67
CA LYS A 109 21.72 -9.16 15.94
C LYS A 109 22.61 -7.91 15.77
N SER A 110 23.44 -7.87 14.73
CA SER A 110 24.34 -6.77 14.36
C SER A 110 24.91 -7.00 12.94
N GLY A 111 25.45 -5.95 12.31
CA GLY A 111 26.04 -6.00 10.96
C GLY A 111 27.48 -6.51 10.94
N PRO A 112 28.05 -6.77 9.74
CA PRO A 112 29.41 -7.28 9.58
C PRO A 112 30.44 -6.20 9.92
N SER A 113 31.26 -6.46 10.93
CA SER A 113 32.38 -5.60 11.42
C SER A 113 31.95 -4.25 12.04
N SER A 114 30.68 -3.86 11.91
CA SER A 114 30.10 -2.60 12.39
C SER A 114 28.56 -2.65 12.31
N GLY A 115 27.87 -1.87 13.16
CA GLY A 115 26.41 -1.83 13.29
C GLY A 115 25.92 -0.67 14.15
N GLY A 1 -1.42 30.43 -6.62
CA GLY A 1 -2.59 29.62 -7.03
C GLY A 1 -3.25 28.92 -5.84
N SER A 2 -4.17 28.01 -6.11
CA SER A 2 -4.93 27.24 -5.10
C SER A 2 -5.61 26.01 -5.73
N SER A 3 -5.79 24.94 -4.94
CA SER A 3 -6.52 23.72 -5.34
C SER A 3 -8.06 23.87 -5.21
N GLY A 4 -8.54 24.99 -4.66
CA GLY A 4 -9.97 25.26 -4.39
C GLY A 4 -10.40 24.89 -2.97
N SER A 5 -11.70 25.04 -2.68
CA SER A 5 -12.29 24.88 -1.35
C SER A 5 -12.82 23.46 -1.05
N SER A 6 -12.68 22.51 -1.97
CA SER A 6 -13.21 21.14 -1.89
C SER A 6 -12.49 20.16 -2.85
N GLY A 7 -12.76 18.86 -2.72
CA GLY A 7 -12.19 17.79 -3.54
C GLY A 7 -10.99 17.10 -2.88
N LEU A 8 -10.21 16.38 -3.70
CA LEU A 8 -9.07 15.54 -3.30
C LEU A 8 -7.91 15.66 -4.32
N THR A 9 -6.81 14.95 -4.06
CA THR A 9 -5.62 14.84 -4.93
C THR A 9 -5.92 14.07 -6.22
N GLN A 10 -4.98 14.12 -7.16
CA GLN A 10 -5.06 13.50 -8.49
C GLN A 10 -3.64 13.16 -8.98
N GLN A 11 -3.52 12.13 -9.84
CA GLN A 11 -2.23 11.56 -10.26
C GLN A 11 -2.34 10.87 -11.63
N SER A 12 -1.22 10.75 -12.33
CA SER A 12 -1.13 10.17 -13.69
C SER A 12 -0.94 8.63 -13.70
N ILE A 13 -1.25 7.96 -12.59
CA ILE A 13 -0.99 6.55 -12.31
C ILE A 13 -2.28 5.87 -11.84
N GLY A 14 -2.71 4.80 -12.52
CA GLY A 14 -3.93 4.05 -12.18
C GLY A 14 -3.76 3.15 -10.95
N ALA A 15 -2.56 2.60 -10.74
CA ALA A 15 -2.05 1.90 -9.55
C ALA A 15 -2.71 0.55 -9.16
N ALA A 16 -3.99 0.34 -9.45
CA ALA A 16 -4.81 -0.77 -8.95
C ALA A 16 -4.42 -2.16 -9.48
N GLY A 17 -4.18 -3.08 -8.54
CA GLY A 17 -3.86 -4.48 -8.78
C GLY A 17 -2.39 -4.73 -9.12
N SER A 18 -1.58 -3.67 -9.21
CA SER A 18 -0.19 -3.74 -9.66
C SER A 18 0.73 -4.36 -8.60
N GLN A 19 1.56 -5.31 -9.02
CA GLN A 19 2.61 -5.98 -8.23
C GLN A 19 3.88 -5.10 -8.10
N LYS A 20 3.87 -3.89 -8.67
CA LYS A 20 5.03 -2.99 -8.70
C LYS A 20 5.40 -2.48 -7.30
N GLU A 21 6.71 -2.34 -7.03
CA GLU A 21 7.25 -1.90 -5.74
C GLU A 21 8.20 -0.70 -5.96
N GLY A 22 8.15 0.26 -5.03
CA GLY A 22 8.86 1.54 -5.05
C GLY A 22 10.20 1.52 -4.29
N PRO A 23 10.81 2.69 -4.05
CA PRO A 23 12.12 2.82 -3.41
C PRO A 23 12.06 2.51 -1.91
N GLU A 24 13.24 2.40 -1.28
CA GLU A 24 13.38 2.09 0.15
C GLU A 24 12.65 3.12 1.04
N GLY A 25 11.75 2.63 1.90
CA GLY A 25 10.93 3.44 2.81
C GLY A 25 9.64 3.98 2.20
N ALA A 26 9.38 3.75 0.90
CA ALA A 26 8.18 4.19 0.19
C ALA A 26 7.07 3.13 0.06
N ASN A 27 7.33 1.90 0.52
CA ASN A 27 6.42 0.76 0.43
C ASN A 27 5.74 0.50 1.78
N LEU A 28 4.41 0.44 1.79
CA LEU A 28 3.57 0.23 2.98
C LEU A 28 2.81 -1.09 2.90
N PHE A 29 2.72 -1.73 4.06
CA PHE A 29 1.87 -2.89 4.35
C PHE A 29 0.69 -2.40 5.23
N ILE A 30 -0.53 -2.74 4.81
CA ILE A 30 -1.80 -2.39 5.45
C ILE A 30 -2.50 -3.69 5.82
N TYR A 31 -3.10 -3.78 7.00
CA TYR A 31 -3.64 -5.03 7.56
C TYR A 31 -4.83 -4.77 8.50
N HIS A 32 -5.74 -5.75 8.58
CA HIS A 32 -7.07 -5.72 9.21
C HIS A 32 -8.15 -5.06 8.31
N LEU A 33 -7.96 -5.10 6.99
CA LEU A 33 -8.90 -4.57 5.98
C LEU A 33 -10.25 -5.33 5.99
N PRO A 34 -11.33 -4.72 5.47
CA PRO A 34 -12.59 -5.41 5.21
C PRO A 34 -12.40 -6.62 4.28
N GLN A 35 -13.27 -7.63 4.41
CA GLN A 35 -13.17 -8.90 3.66
C GLN A 35 -13.50 -8.74 2.16
N GLU A 36 -14.22 -7.68 1.79
CA GLU A 36 -14.65 -7.36 0.43
C GLU A 36 -13.89 -6.16 -0.20
N PHE A 37 -12.84 -5.65 0.46
CA PHE A 37 -12.12 -4.44 0.03
C PHE A 37 -11.35 -4.66 -1.28
N GLY A 38 -11.50 -3.74 -2.24
CA GLY A 38 -10.84 -3.77 -3.55
C GLY A 38 -9.56 -2.92 -3.60
N ASP A 39 -8.82 -3.08 -4.69
CA ASP A 39 -7.56 -2.36 -4.93
C ASP A 39 -7.76 -0.84 -5.08
N GLN A 40 -8.88 -0.44 -5.69
CA GLN A 40 -9.30 0.94 -5.85
C GLN A 40 -9.82 1.56 -4.54
N ASP A 41 -10.38 0.77 -3.62
CA ASP A 41 -10.80 1.24 -2.30
C ASP A 41 -9.56 1.61 -1.45
N LEU A 42 -8.52 0.77 -1.51
CA LEU A 42 -7.23 1.04 -0.86
C LEU A 42 -6.50 2.23 -1.49
N LEU A 43 -6.63 2.42 -2.80
CA LEU A 43 -6.10 3.61 -3.49
C LEU A 43 -6.79 4.89 -3.04
N GLN A 44 -8.12 4.96 -3.12
CA GLN A 44 -8.86 6.18 -2.75
C GLN A 44 -8.73 6.53 -1.25
N MET A 45 -8.46 5.54 -0.40
CA MET A 45 -8.11 5.70 1.01
C MET A 45 -6.73 6.37 1.21
N PHE A 46 -5.73 6.04 0.39
CA PHE A 46 -4.34 6.50 0.52
C PHE A 46 -3.93 7.65 -0.43
N MET A 47 -4.76 7.99 -1.41
CA MET A 47 -4.63 9.15 -2.32
C MET A 47 -4.17 10.48 -1.67
N PRO A 48 -4.75 10.96 -0.54
CA PRO A 48 -4.49 12.32 -0.04
C PRO A 48 -3.11 12.53 0.60
N PHE A 49 -2.31 11.46 0.73
CA PHE A 49 -1.00 11.49 1.39
C PHE A 49 0.19 11.57 0.41
N GLY A 50 -0.07 11.52 -0.91
CA GLY A 50 0.95 11.69 -1.97
C GLY A 50 0.69 10.85 -3.23
N ASN A 51 1.64 10.91 -4.18
CA ASN A 51 1.56 10.18 -5.44
C ASN A 51 1.78 8.67 -5.25
N VAL A 52 0.73 7.87 -5.48
CA VAL A 52 0.72 6.41 -5.33
C VAL A 52 1.16 5.76 -6.65
N VAL A 53 2.25 4.98 -6.57
CA VAL A 53 2.88 4.25 -7.69
C VAL A 53 2.18 2.91 -7.95
N SER A 54 1.59 2.30 -6.93
CA SER A 54 0.87 1.02 -6.99
C SER A 54 0.04 0.80 -5.72
N ALA A 55 -1.09 0.11 -5.85
CA ALA A 55 -1.99 -0.23 -4.73
C ALA A 55 -2.63 -1.60 -5.00
N LYS A 56 -2.52 -2.51 -4.03
CA LYS A 56 -2.89 -3.92 -4.22
C LYS A 56 -3.32 -4.59 -2.89
N VAL A 57 -4.56 -5.06 -2.82
CA VAL A 57 -5.04 -5.93 -1.74
C VAL A 57 -4.60 -7.35 -2.07
N PHE A 58 -3.96 -8.04 -1.13
CA PHE A 58 -3.44 -9.39 -1.35
C PHE A 58 -4.59 -10.41 -1.33
N ILE A 59 -4.73 -11.14 -2.43
CA ILE A 59 -5.89 -12.01 -2.72
C ILE A 59 -5.39 -13.40 -3.15
N ASP A 60 -5.97 -14.45 -2.57
CA ASP A 60 -5.54 -15.85 -2.71
C ASP A 60 -5.61 -16.35 -4.17
N LYS A 61 -4.53 -16.99 -4.63
CA LYS A 61 -4.40 -17.45 -6.03
C LYS A 61 -5.33 -18.61 -6.44
N GLN A 62 -6.01 -19.27 -5.50
CA GLN A 62 -6.89 -20.43 -5.75
C GLN A 62 -8.36 -20.09 -5.46
N THR A 63 -8.66 -19.41 -4.35
CA THR A 63 -10.03 -19.09 -3.90
C THR A 63 -10.49 -17.68 -4.27
N ASN A 64 -9.57 -16.80 -4.65
CA ASN A 64 -9.82 -15.40 -5.00
C ASN A 64 -10.42 -14.57 -3.83
N LEU A 65 -10.19 -15.01 -2.59
CA LEU A 65 -10.58 -14.29 -1.37
C LEU A 65 -9.47 -13.34 -0.91
N SER A 66 -9.84 -12.17 -0.40
CA SER A 66 -8.91 -11.25 0.27
C SER A 66 -8.38 -11.85 1.58
N LYS A 67 -7.08 -11.67 1.84
CA LYS A 67 -6.44 -12.08 3.08
C LYS A 67 -6.53 -11.01 4.20
N CYS A 68 -7.30 -9.93 3.98
CA CYS A 68 -7.45 -8.77 4.87
C CYS A 68 -6.13 -7.98 5.09
N PHE A 69 -5.13 -8.20 4.24
CA PHE A 69 -3.90 -7.41 4.15
C PHE A 69 -3.64 -6.99 2.69
N GLY A 70 -2.97 -5.86 2.53
CA GLY A 70 -2.68 -5.22 1.25
C GLY A 70 -1.50 -4.26 1.34
N PHE A 71 -1.26 -3.52 0.26
CA PHE A 71 -0.06 -2.72 0.06
C PHE A 71 -0.34 -1.43 -0.70
N VAL A 72 0.49 -0.42 -0.43
CA VAL A 72 0.50 0.88 -1.14
C VAL A 72 1.95 1.32 -1.30
N SER A 73 2.34 1.70 -2.52
CA SER A 73 3.68 2.21 -2.83
C SER A 73 3.62 3.69 -3.26
N TYR A 74 4.53 4.50 -2.75
CA TYR A 74 4.69 5.91 -3.13
C TYR A 74 5.96 6.16 -3.98
N ASP A 75 6.03 7.33 -4.60
CA ASP A 75 7.21 7.78 -5.35
C ASP A 75 8.38 8.23 -4.43
N ASN A 76 8.13 8.37 -3.11
CA ASN A 76 9.09 8.83 -2.11
C ASN A 76 8.70 8.35 -0.69
N PRO A 77 9.64 8.34 0.29
CA PRO A 77 9.39 7.82 1.62
C PRO A 77 8.67 8.79 2.56
N VAL A 78 8.62 10.10 2.26
CA VAL A 78 7.95 11.11 3.11
C VAL A 78 6.42 10.98 2.98
N SER A 79 5.91 10.73 1.77
CA SER A 79 4.49 10.45 1.53
C SER A 79 4.02 9.16 2.22
N ALA A 80 4.86 8.11 2.19
CA ALA A 80 4.62 6.85 2.91
C ALA A 80 4.61 7.05 4.44
N GLN A 81 5.60 7.75 5.00
CA GLN A 81 5.64 8.09 6.42
C GLN A 81 4.44 8.92 6.88
N ALA A 82 4.03 9.93 6.10
CA ALA A 82 2.84 10.73 6.35
C ALA A 82 1.55 9.87 6.33
N ALA A 83 1.48 8.86 5.47
CA ALA A 83 0.36 7.92 5.42
C ALA A 83 0.33 6.96 6.62
N ILE A 84 1.49 6.49 7.12
CA ILE A 84 1.56 5.70 8.38
C ILE A 84 0.98 6.51 9.54
N GLN A 85 1.42 7.77 9.65
CA GLN A 85 1.01 8.71 10.69
C GLN A 85 -0.48 9.09 10.60
N SER A 86 -1.11 8.92 9.44
CA SER A 86 -2.54 9.23 9.21
C SER A 86 -3.46 7.99 9.26
N MET A 87 -2.93 6.78 9.00
CA MET A 87 -3.73 5.56 8.79
C MET A 87 -3.49 4.43 9.78
N ASN A 88 -2.39 4.42 10.54
CA ASN A 88 -2.19 3.43 11.59
C ASN A 88 -3.15 3.69 12.77
N GLY A 89 -4.11 2.78 12.97
CA GLY A 89 -5.24 2.90 13.90
C GLY A 89 -6.53 3.43 13.28
N PHE A 90 -6.62 3.58 11.95
CA PHE A 90 -7.84 4.01 11.25
C PHE A 90 -8.97 2.98 11.48
N GLN A 91 -10.10 3.42 12.04
CA GLN A 91 -11.22 2.53 12.34
C GLN A 91 -12.14 2.38 11.12
N ILE A 92 -12.47 1.13 10.77
CA ILE A 92 -13.29 0.76 9.61
C ILE A 92 -14.16 -0.45 9.96
N GLY A 93 -15.48 -0.34 9.73
CA GLY A 93 -16.46 -1.33 10.21
C GLY A 93 -16.52 -1.32 11.74
N MET A 94 -15.90 -2.33 12.36
CA MET A 94 -15.83 -2.55 13.82
C MET A 94 -14.40 -2.87 14.29
N LYS A 95 -13.38 -2.56 13.48
CA LYS A 95 -11.96 -2.91 13.70
C LYS A 95 -11.01 -1.78 13.23
N ARG A 96 -9.72 -1.84 13.60
CA ARG A 96 -8.72 -0.79 13.32
C ARG A 96 -7.55 -1.32 12.48
N LEU A 97 -7.19 -0.57 11.44
CA LEU A 97 -6.11 -0.91 10.51
C LEU A 97 -4.73 -0.78 11.17
N LYS A 98 -3.87 -1.78 10.98
CA LYS A 98 -2.45 -1.71 11.32
C LYS A 98 -1.65 -1.39 10.05
N VAL A 99 -0.79 -0.36 10.09
CA VAL A 99 -0.09 0.17 8.91
C VAL A 99 1.36 0.52 9.27
N GLN A 100 2.31 0.05 8.46
CA GLN A 100 3.75 0.28 8.65
C GLN A 100 4.54 0.02 7.36
N LEU A 101 5.85 0.31 7.38
CA LEU A 101 6.78 0.02 6.28
C LEU A 101 6.84 -1.49 6.00
N LYS A 102 6.97 -1.85 4.72
CA LYS A 102 7.11 -3.25 4.29
C LYS A 102 8.38 -3.93 4.85
N ARG A 103 8.34 -5.25 5.09
CA ARG A 103 9.55 -6.04 5.42
C ARG A 103 10.57 -5.99 4.28
N SER A 104 11.86 -6.05 4.60
CA SER A 104 12.95 -5.89 3.61
C SER A 104 14.31 -6.41 4.12
N LYS A 105 14.71 -6.06 5.35
CA LYS A 105 16.05 -6.35 5.89
C LYS A 105 16.11 -6.40 7.43
N ASN A 106 17.09 -7.12 7.97
CA ASN A 106 17.34 -7.33 9.40
C ASN A 106 18.76 -7.89 9.63
N ASP A 107 19.38 -7.56 10.78
CA ASP A 107 20.72 -8.01 11.17
C ASP A 107 20.93 -7.88 12.69
N SER A 108 21.13 -9.02 13.36
CA SER A 108 21.38 -9.10 14.81
C SER A 108 22.76 -8.55 15.23
N LYS A 109 23.66 -8.30 14.27
CA LYS A 109 24.98 -7.66 14.43
C LYS A 109 25.77 -8.16 15.67
N SER A 110 26.31 -7.26 16.49
CA SER A 110 27.13 -7.58 17.68
C SER A 110 26.31 -8.03 18.91
N GLY A 111 24.96 -8.08 18.82
CA GLY A 111 24.07 -8.36 19.95
C GLY A 111 23.85 -7.13 20.86
N PRO A 112 23.35 -7.34 22.10
CA PRO A 112 23.11 -6.26 23.06
C PRO A 112 24.42 -5.71 23.63
N SER A 113 24.37 -4.48 24.16
CA SER A 113 25.53 -3.77 24.72
C SER A 113 25.92 -4.19 26.15
N SER A 114 25.17 -5.10 26.77
CA SER A 114 25.37 -5.61 28.13
C SER A 114 24.56 -6.92 28.36
N GLY A 115 24.93 -7.70 29.38
CA GLY A 115 24.32 -8.99 29.73
C GLY A 115 24.92 -9.61 30.99
#